data_2IIT
#
_entry.id   2IIT
#
_cell.length_a   118.224
_cell.length_b   125.197
_cell.length_c   136.870
_cell.angle_alpha   90.00
_cell.angle_beta   90.00
_cell.angle_gamma   90.00
#
_symmetry.space_group_name_H-M   'P 21 21 21'
#
loop_
_entity.id
_entity.type
_entity.pdbx_description
1 polymer 'Dipeptidyl peptidase 4 soluble form'
2 branched 2-acetamido-2-deoxy-alpha-D-glucopyranose-(1-4)-2-acetamido-2-deoxy-beta-D-glucopyranose
3 branched 2-acetamido-2-deoxy-beta-D-glucopyranose-(1-4)-2-acetamido-2-deoxy-beta-D-glucopyranose
4 non-polymer 2-acetamido-2-deoxy-beta-D-glucopyranose
5 non-polymer 'SODIUM ION'
6 non-polymer (3R)-4-[(3R)-3-AMINO-4-(2,4,5-TRIFLUOROPHENYL)BUTANOYL]-3-(2,2,2-TRIFLUOROETHYL)-1,4-DIAZEPAN-2-ONE
7 water water
#
_entity_poly.entity_id   1
_entity_poly.type   'polypeptide(L)'
_entity_poly.pdbx_seq_one_letter_code
;TRKTYTLTDYLKNTYRLKLYSLRWISDHEYLYKQENNILVFNAEYGNSSVFLENSTFDEFGHSINDYSISPDGQFILLEY
NYVKQWRHSYTASYDIYDLNKRQLITEERIPNNTQWVTWSPVGHKLAYVWNNDIYVKIEPNLPSYRITWTGKEDIIYNGI
TDWVYEEEVFSAYSALWWSPNGTFLAYAQFNDTEVPLIEYSFYSDESLQYPKTVRVPYPKAGAVNPTVKFFVVNTDSLSS
VTNATSIQITAPASMLIGDHYLCDVTWATQERISLQWLRRIQNYSVMDICDYDESSGRWNCLVARQHIEMSTTGWVGRFR
PSEPHFTLDGNSFYKIISNEEGYRHICYFQIDKKDCTFITKGTWEVIGIEALTSDYLYYISNEYKGMPGGRNLYKIQLSD
YTKVTCLSCELNPERCQYYSVSFSKEAKYYQLRCSGPGLPLYTLHSSVNDKGLRVLEDNSALDKMLQNVQMPSKKLDFII
LNETKFWYQMILPPHFDKSKKYPLLLDVYAGPCSQKADTVFRLNWATYLASTENIIVASFDGRGSGYQGDKIMHAINRRL
GTFEVEDQIEAARQFSKMGFVDNKRIAIWGWSYGGYVTSMVLGSGSGVFKCGIAVAPVSRWEYYDSVYTERYMGLPTPED
NLDHYRNSTVMSRAENFKQVEYLLIHGTADDNVHFQQSAQISKALVDVGVDFQAMWYTDEDHGIASSTAHQHIYTHMSHF
IKQCFSLP
;
_entity_poly.pdbx_strand_id   A,B
#
loop_
_chem_comp.id
_chem_comp.type
_chem_comp.name
_chem_comp.formula
872 non-polymer (3R)-4-[(3R)-3-AMINO-4-(2,4,5-TRIFLUOROPHENYL)BUTANOYL]-3-(2,2,2-TRIFLUOROETHYL)-1,4-DIAZEPAN-2-ONE 'C17 H19 F6 N3 O2'
NA non-polymer 'SODIUM ION' 'Na 1'
NAG D-saccharide, beta linking 2-acetamido-2-deoxy-beta-D-glucopyranose 'C8 H15 N O6'
NDG D-saccharide, alpha linking 2-acetamido-2-deoxy-alpha-D-glucopyranose 'C8 H15 N O6'
#
# COMPACT_ATOMS: atom_id res chain seq x y z
N THR A 1 -18.27 -41.94 6.35
CA THR A 1 -18.41 -41.96 7.85
C THR A 1 -17.18 -41.43 8.59
N ARG A 2 -16.00 -41.77 8.08
CA ARG A 2 -14.74 -41.31 8.69
C ARG A 2 -14.52 -39.82 8.35
N LYS A 3 -13.48 -39.23 8.94
CA LYS A 3 -13.18 -37.82 8.73
C LYS A 3 -12.60 -37.53 7.35
N THR A 4 -12.66 -36.27 6.94
CA THR A 4 -12.11 -35.85 5.65
C THR A 4 -10.91 -34.96 5.94
N TYR A 5 -10.10 -34.68 4.93
CA TYR A 5 -8.94 -33.82 5.12
C TYR A 5 -9.52 -32.40 5.14
N THR A 6 -9.53 -31.78 6.32
CA THR A 6 -10.10 -30.44 6.48
C THR A 6 -9.11 -29.29 6.28
N LEU A 7 -9.63 -28.06 6.31
CA LEU A 7 -8.79 -26.88 6.16
C LEU A 7 -7.86 -26.78 7.36
N THR A 8 -8.38 -27.09 8.55
CA THR A 8 -7.55 -27.04 9.76
C THR A 8 -6.42 -28.06 9.64
N ASP A 9 -6.72 -29.22 9.05
CA ASP A 9 -5.68 -30.21 8.89
C ASP A 9 -4.57 -29.65 8.03
N TYR A 10 -4.93 -28.95 6.96
CA TYR A 10 -3.92 -28.39 6.10
C TYR A 10 -3.12 -27.29 6.79
N LEU A 11 -3.83 -26.39 7.49
CA LEU A 11 -3.19 -25.26 8.17
C LEU A 11 -2.36 -25.60 9.40
N LYS A 12 -2.75 -26.66 10.11
CA LYS A 12 -2.04 -27.10 11.31
C LYS A 12 -1.11 -28.29 11.08
N ASN A 13 -0.96 -28.71 9.83
CA ASN A 13 -0.10 -29.85 9.50
C ASN A 13 -0.39 -31.11 10.31
N THR A 14 -1.66 -31.43 10.48
CA THR A 14 -2.07 -32.60 11.25
C THR A 14 -1.38 -33.87 10.74
N TYR A 15 -1.29 -33.98 9.42
CA TYR A 15 -0.68 -35.14 8.77
C TYR A 15 0.67 -34.73 8.17
N ARG A 16 1.75 -35.05 8.89
CA ARG A 16 3.10 -34.68 8.48
C ARG A 16 3.82 -35.73 7.65
N LEU A 17 4.39 -35.30 6.54
CA LEU A 17 5.15 -36.19 5.69
C LEU A 17 6.52 -36.34 6.36
N LYS A 18 6.99 -37.58 6.51
CA LYS A 18 8.31 -37.77 7.09
C LYS A 18 9.32 -37.77 5.96
N LEU A 19 10.50 -37.23 6.25
CA LEU A 19 11.58 -37.14 5.30
C LEU A 19 12.81 -37.85 5.88
N TYR A 20 13.90 -37.80 5.13
CA TYR A 20 15.15 -38.40 5.57
C TYR A 20 16.23 -37.59 4.87
N SER A 21 16.55 -36.43 5.45
CA SER A 21 17.55 -35.51 4.91
C SER A 21 18.92 -35.85 5.45
N LEU A 22 19.73 -36.52 4.64
CA LEU A 22 21.06 -36.87 5.08
C LEU A 22 22.11 -35.97 4.39
N ARG A 23 23.35 -36.01 4.88
CA ARG A 23 24.42 -35.22 4.31
C ARG A 23 25.62 -36.13 4.17
N TRP A 24 26.02 -36.39 2.93
CA TRP A 24 27.18 -37.23 2.69
C TRP A 24 28.45 -36.49 3.15
N ILE A 25 29.34 -37.16 3.87
CA ILE A 25 30.57 -36.49 4.30
C ILE A 25 31.78 -37.17 3.67
N SER A 26 31.53 -38.26 2.97
CA SER A 26 32.58 -39.01 2.29
C SER A 26 31.92 -39.94 1.29
N ASP A 27 32.67 -40.91 0.79
CA ASP A 27 32.13 -41.84 -0.17
C ASP A 27 31.48 -43.03 0.52
N HIS A 28 31.58 -43.10 1.86
CA HIS A 28 31.06 -44.23 2.63
C HIS A 28 30.11 -43.88 3.77
N GLU A 29 30.15 -42.64 4.25
CA GLU A 29 29.31 -42.26 5.39
C GLU A 29 28.51 -41.00 5.15
N TYR A 30 27.45 -40.83 5.95
CA TYR A 30 26.61 -39.65 5.87
C TYR A 30 26.12 -39.27 7.28
N LEU A 31 25.72 -38.00 7.42
CA LEU A 31 25.22 -37.49 8.69
C LEU A 31 23.72 -37.38 8.63
N TYR A 32 23.09 -37.69 9.75
CA TYR A 32 21.64 -37.63 9.84
C TYR A 32 21.28 -37.14 11.24
N LYS A 33 20.44 -36.11 11.31
CA LYS A 33 20.03 -35.57 12.60
C LYS A 33 18.76 -36.26 13.12
N GLN A 34 18.90 -36.95 14.25
CA GLN A 34 17.78 -37.67 14.86
C GLN A 34 17.68 -37.36 16.36
N GLU A 35 16.54 -36.81 16.78
CA GLU A 35 16.34 -36.48 18.19
C GLU A 35 17.28 -35.33 18.58
N ASN A 36 17.51 -34.42 17.62
CA ASN A 36 18.40 -33.28 17.80
C ASN A 36 19.85 -33.69 17.98
N ASN A 37 20.11 -34.96 17.70
CA ASN A 37 21.45 -35.52 17.78
C ASN A 37 21.94 -35.77 16.36
N ILE A 38 23.22 -35.51 16.13
CA ILE A 38 23.80 -35.74 14.81
C ILE A 38 24.51 -37.08 14.85
N LEU A 39 24.05 -38.01 14.04
CA LEU A 39 24.64 -39.33 14.01
C LEU A 39 25.36 -39.49 12.67
N VAL A 40 26.34 -40.39 12.64
CA VAL A 40 27.10 -40.68 11.44
C VAL A 40 26.73 -42.10 11.04
N PHE A 41 26.36 -42.28 9.78
CA PHE A 41 25.94 -43.60 9.32
C PHE A 41 26.91 -44.22 8.35
N ASN A 42 27.08 -45.53 8.45
CA ASN A 42 27.91 -46.28 7.54
C ASN A 42 26.92 -46.76 6.50
N ALA A 43 27.12 -46.39 5.24
CA ALA A 43 26.18 -46.78 4.20
C ALA A 43 26.10 -48.28 3.93
N GLU A 44 27.25 -48.94 3.90
CA GLU A 44 27.28 -50.36 3.60
C GLU A 44 26.46 -51.23 4.55
N TYR A 45 26.53 -50.94 5.85
CA TYR A 45 25.81 -51.76 6.82
C TYR A 45 24.64 -51.12 7.56
N GLY A 46 24.60 -49.79 7.58
CA GLY A 46 23.49 -49.13 8.25
C GLY A 46 23.74 -48.84 9.71
N ASN A 47 24.92 -49.25 10.23
CA ASN A 47 25.25 -49.01 11.63
C ASN A 47 25.65 -47.55 11.81
N SER A 48 25.37 -47.02 13.01
CA SER A 48 25.67 -45.64 13.29
C SER A 48 26.34 -45.41 14.64
N SER A 49 26.77 -44.17 14.84
CA SER A 49 27.42 -43.74 16.09
C SER A 49 27.06 -42.27 16.25
N VAL A 50 26.97 -41.81 17.49
CA VAL A 50 26.62 -40.42 17.74
C VAL A 50 27.81 -39.54 17.41
N PHE A 51 27.61 -38.62 16.48
CA PHE A 51 28.66 -37.73 16.06
C PHE A 51 28.71 -36.51 16.98
N LEU A 52 27.54 -36.06 17.42
CA LEU A 52 27.46 -34.90 18.32
C LEU A 52 26.14 -34.87 19.10
N GLU A 53 26.25 -34.95 20.43
CA GLU A 53 25.09 -34.94 21.32
C GLU A 53 24.29 -33.65 21.26
N ASN A 54 22.97 -33.80 21.29
CA ASN A 54 22.07 -32.65 21.24
C ASN A 54 22.31 -31.70 22.42
N SER A 55 22.67 -32.29 23.56
CA SER A 55 22.93 -31.55 24.79
C SER A 55 24.29 -30.85 24.83
N THR A 56 25.13 -31.11 23.84
CA THR A 56 26.46 -30.49 23.80
C THR A 56 26.38 -28.97 23.91
N PHE A 57 25.23 -28.39 23.54
CA PHE A 57 25.09 -26.93 23.60
C PHE A 57 23.98 -26.42 24.51
N ASP A 58 23.63 -27.19 25.54
CA ASP A 58 22.58 -26.79 26.49
C ASP A 58 22.72 -25.36 26.97
N GLU A 59 23.90 -24.99 27.45
CA GLU A 59 24.10 -23.62 27.95
C GLU A 59 24.70 -22.68 26.90
N PHE A 60 24.33 -22.88 25.64
CA PHE A 60 24.87 -22.03 24.58
C PHE A 60 24.34 -20.60 24.66
N GLY A 61 23.11 -20.42 25.14
CA GLY A 61 22.55 -19.09 25.27
C GLY A 61 21.59 -18.68 24.17
N HIS A 62 21.99 -18.96 22.94
CA HIS A 62 21.20 -18.62 21.76
C HIS A 62 20.54 -19.84 21.17
N SER A 63 19.49 -19.62 20.39
CA SER A 63 18.83 -20.75 19.76
C SER A 63 19.53 -20.95 18.41
N ILE A 64 20.10 -22.15 18.24
CA ILE A 64 20.80 -22.49 17.02
C ILE A 64 19.83 -22.70 15.86
N ASN A 65 20.00 -21.92 14.80
CA ASN A 65 19.14 -22.02 13.62
C ASN A 65 19.58 -23.21 12.76
N ASP A 66 20.88 -23.36 12.57
CA ASP A 66 21.40 -24.44 11.74
C ASP A 66 22.85 -24.71 12.12
N TYR A 67 23.43 -25.77 11.55
CA TYR A 67 24.80 -26.14 11.83
C TYR A 67 25.51 -26.56 10.56
N SER A 68 26.83 -26.50 10.57
CA SER A 68 27.57 -26.90 9.40
C SER A 68 28.92 -27.47 9.83
N ILE A 69 29.10 -28.78 9.61
CA ILE A 69 30.33 -29.47 9.96
C ILE A 69 31.38 -29.33 8.85
N SER A 70 32.57 -28.88 9.22
CA SER A 70 33.63 -28.72 8.25
C SER A 70 33.83 -30.06 7.59
N PRO A 71 34.30 -30.07 6.33
CA PRO A 71 34.51 -31.33 5.60
C PRO A 71 35.36 -32.38 6.31
N ASP A 72 36.30 -31.95 7.15
CA ASP A 72 37.17 -32.91 7.85
C ASP A 72 36.62 -33.39 9.20
N GLY A 73 35.39 -33.00 9.54
CA GLY A 73 34.76 -33.41 10.78
C GLY A 73 35.30 -32.78 12.04
N GLN A 74 36.33 -31.95 11.90
CA GLN A 74 36.95 -31.31 13.07
C GLN A 74 36.18 -30.18 13.73
N PHE A 75 35.41 -29.43 12.95
CA PHE A 75 34.66 -28.30 13.47
C PHE A 75 33.21 -28.30 13.10
N ILE A 76 32.44 -27.43 13.76
CA ILE A 76 31.04 -27.31 13.47
C ILE A 76 30.68 -25.84 13.60
N LEU A 77 30.15 -25.29 12.50
CA LEU A 77 29.75 -23.91 12.43
C LEU A 77 28.34 -23.85 12.98
N LEU A 78 28.13 -22.99 13.98
CA LEU A 78 26.81 -22.83 14.58
C LEU A 78 26.17 -21.52 14.12
N GLU A 79 24.96 -21.63 13.59
CA GLU A 79 24.23 -20.47 13.09
C GLU A 79 23.08 -20.05 14.03
N TYR A 80 23.03 -18.76 14.38
CA TYR A 80 21.99 -18.23 15.24
C TYR A 80 21.75 -16.77 14.92
N ASN A 81 20.70 -16.18 15.50
CA ASN A 81 20.32 -14.81 15.22
C ASN A 81 19.94 -14.64 13.75
N TYR A 82 19.36 -15.69 13.19
CA TYR A 82 18.92 -15.67 11.79
C TYR A 82 17.90 -14.55 11.50
N VAL A 83 18.15 -13.78 10.46
CA VAL A 83 17.22 -12.72 10.04
C VAL A 83 17.07 -12.84 8.54
N LYS A 84 15.91 -13.33 8.12
CA LYS A 84 15.63 -13.51 6.70
C LYS A 84 15.64 -12.21 5.88
N GLN A 85 16.09 -12.33 4.63
CA GLN A 85 16.05 -11.19 3.73
C GLN A 85 15.14 -11.56 2.55
N TRP A 86 15.72 -11.88 1.39
CA TRP A 86 14.88 -12.27 0.25
C TRP A 86 14.62 -13.77 0.21
N ARG A 87 14.45 -14.32 -0.99
CA ARG A 87 14.18 -15.74 -1.09
C ARG A 87 15.30 -16.62 -0.55
N HIS A 88 16.55 -16.27 -0.84
CA HIS A 88 17.66 -17.08 -0.35
C HIS A 88 18.55 -16.34 0.65
N SER A 89 18.64 -15.02 0.53
CA SER A 89 19.49 -14.21 1.43
C SER A 89 19.02 -14.08 2.89
N TYR A 90 19.99 -13.86 3.77
CA TYR A 90 19.75 -13.65 5.20
C TYR A 90 21.06 -13.36 5.89
N THR A 91 20.97 -12.80 7.09
CA THR A 91 22.16 -12.56 7.88
C THR A 91 22.02 -13.37 9.15
N ALA A 92 23.14 -13.65 9.81
CA ALA A 92 23.11 -14.41 11.02
C ALA A 92 24.43 -14.24 11.77
N SER A 93 24.49 -14.84 12.96
CA SER A 93 25.68 -14.80 13.80
C SER A 93 26.22 -16.20 13.74
N TYR A 94 27.53 -16.32 13.86
CA TYR A 94 28.16 -17.63 13.81
C TYR A 94 29.17 -17.86 14.91
N ASP A 95 29.23 -19.10 15.36
CA ASP A 95 30.16 -19.51 16.38
C ASP A 95 30.77 -20.81 15.88
N ILE A 96 32.04 -21.04 16.19
CA ILE A 96 32.71 -22.25 15.76
C ILE A 96 33.09 -23.10 16.97
N TYR A 97 32.67 -24.35 16.96
CA TYR A 97 32.98 -25.23 18.07
C TYR A 97 33.99 -26.28 17.60
N ASP A 98 35.06 -26.43 18.38
CA ASP A 98 36.09 -27.39 18.10
C ASP A 98 35.61 -28.76 18.60
N LEU A 99 35.48 -29.72 17.69
CA LEU A 99 35.02 -31.04 18.07
C LEU A 99 36.09 -31.85 18.78
N ASN A 100 37.34 -31.71 18.35
CA ASN A 100 38.44 -32.45 18.95
C ASN A 100 38.61 -32.08 20.42
N LYS A 101 38.81 -30.78 20.68
CA LYS A 101 38.99 -30.33 22.04
C LYS A 101 37.66 -30.03 22.74
N ARG A 102 36.56 -30.49 22.15
CA ARG A 102 35.23 -30.28 22.74
C ARG A 102 35.12 -28.91 23.38
N GLN A 103 35.56 -27.88 22.64
CA GLN A 103 35.53 -26.52 23.15
C GLN A 103 35.12 -25.50 22.09
N LEU A 104 34.34 -24.50 22.51
CA LEU A 104 33.88 -23.45 21.62
C LEU A 104 35.02 -22.45 21.39
N ILE A 105 35.15 -21.93 20.18
CA ILE A 105 36.20 -20.96 19.87
C ILE A 105 35.74 -19.57 20.23
N THR A 106 36.59 -18.84 20.95
CA THR A 106 36.31 -17.49 21.41
C THR A 106 37.23 -16.41 20.88
N GLU A 107 38.24 -16.81 20.11
CA GLU A 107 39.16 -15.81 19.54
C GLU A 107 38.87 -15.55 18.08
N GLU A 108 39.12 -14.33 17.62
CA GLU A 108 38.91 -13.98 16.22
C GLU A 108 37.64 -14.61 15.62
N ARG A 109 36.51 -14.43 16.27
CA ARG A 109 35.28 -15.02 15.77
C ARG A 109 34.57 -14.24 14.67
N ILE A 110 33.86 -14.99 13.83
CA ILE A 110 33.08 -14.42 12.75
C ILE A 110 32.16 -13.31 13.27
N PRO A 111 32.15 -12.15 12.60
CA PRO A 111 31.34 -10.98 12.96
C PRO A 111 29.84 -11.27 13.03
N ASN A 112 29.11 -10.34 13.61
CA ASN A 112 27.67 -10.47 13.68
C ASN A 112 27.12 -9.86 12.41
N ASN A 113 25.92 -10.27 12.01
CA ASN A 113 25.34 -9.75 10.78
C ASN A 113 26.15 -10.24 9.58
N THR A 114 26.66 -11.48 9.64
CA THR A 114 27.43 -12.02 8.54
C THR A 114 26.46 -12.41 7.45
N GLN A 115 26.78 -12.01 6.23
CA GLN A 115 25.89 -12.27 5.09
C GLN A 115 26.03 -13.64 4.45
N TRP A 116 27.21 -14.25 4.56
CA TRP A 116 27.43 -15.56 4.00
C TRP A 116 28.73 -16.16 4.50
N VAL A 117 28.73 -17.47 4.68
CA VAL A 117 29.90 -18.15 5.16
C VAL A 117 29.85 -19.57 4.61
N THR A 118 31.02 -20.15 4.34
CA THR A 118 31.10 -21.48 3.81
C THR A 118 32.47 -22.08 4.08
N TRP A 119 32.50 -23.37 4.42
CA TRP A 119 33.76 -24.06 4.64
C TRP A 119 34.39 -24.25 3.24
N SER A 120 35.68 -24.56 3.19
CA SER A 120 36.33 -24.84 1.92
C SER A 120 35.83 -26.25 1.67
N PRO A 121 35.83 -26.70 0.41
CA PRO A 121 35.34 -28.06 0.13
C PRO A 121 36.12 -29.18 0.83
N VAL A 122 37.36 -28.90 1.18
CA VAL A 122 38.21 -29.87 1.83
C VAL A 122 38.85 -29.19 3.03
N GLY A 123 39.12 -29.95 4.09
CA GLY A 123 39.74 -29.37 5.28
C GLY A 123 38.80 -28.51 6.12
N HIS A 124 39.26 -27.34 6.54
CA HIS A 124 38.46 -26.43 7.37
C HIS A 124 38.73 -24.94 7.21
N LYS A 125 38.97 -24.48 5.98
CA LYS A 125 39.18 -23.05 5.77
C LYS A 125 37.78 -22.43 5.77
N LEU A 126 37.71 -21.11 5.91
CA LEU A 126 36.44 -20.40 5.93
C LEU A 126 36.47 -19.19 5.04
N ALA A 127 35.33 -18.89 4.46
CA ALA A 127 35.17 -17.72 3.62
C ALA A 127 33.83 -17.16 4.03
N TYR A 128 33.81 -15.89 4.44
CA TYR A 128 32.56 -15.28 4.79
C TYR A 128 32.51 -13.90 4.22
N VAL A 129 31.30 -13.38 4.11
CA VAL A 129 31.07 -12.06 3.59
C VAL A 129 30.41 -11.29 4.70
N TRP A 130 30.89 -10.06 4.90
CA TRP A 130 30.39 -9.17 5.94
C TRP A 130 30.48 -7.77 5.33
N ASN A 131 29.44 -6.96 5.52
CA ASN A 131 29.41 -5.62 4.94
C ASN A 131 29.82 -5.61 3.48
N ASN A 132 29.34 -6.61 2.76
CA ASN A 132 29.60 -6.74 1.32
C ASN A 132 31.05 -6.98 0.91
N ASP A 133 31.90 -7.38 1.87
CA ASP A 133 33.30 -7.67 1.57
C ASP A 133 33.62 -9.11 1.93
N ILE A 134 34.62 -9.68 1.26
CA ILE A 134 35.01 -11.07 1.48
C ILE A 134 36.17 -11.24 2.46
N TYR A 135 36.04 -12.18 3.40
CA TYR A 135 37.09 -12.48 4.37
C TYR A 135 37.39 -13.99 4.31
N VAL A 136 38.63 -14.36 4.65
CA VAL A 136 39.03 -15.76 4.67
C VAL A 136 39.79 -16.08 5.95
N LYS A 137 39.48 -17.22 6.55
CA LYS A 137 40.14 -17.70 7.77
C LYS A 137 40.75 -19.06 7.46
N ILE A 138 42.07 -19.17 7.54
CA ILE A 138 42.73 -20.46 7.29
C ILE A 138 42.49 -21.45 8.42
N GLU A 139 42.32 -20.93 9.62
CA GLU A 139 42.08 -21.76 10.79
C GLU A 139 41.01 -21.04 11.59
N PRO A 140 40.05 -21.79 12.16
CA PRO A 140 38.96 -21.24 12.96
C PRO A 140 39.34 -20.21 14.02
N ASN A 141 40.49 -20.39 14.66
CA ASN A 141 40.93 -19.48 15.72
C ASN A 141 41.94 -18.41 15.32
N LEU A 142 42.19 -18.23 14.03
CA LEU A 142 43.16 -17.23 13.61
C LEU A 142 42.51 -16.01 12.98
N PRO A 143 43.21 -14.86 13.01
CA PRO A 143 42.64 -13.65 12.41
C PRO A 143 42.39 -13.85 10.91
N SER A 144 41.28 -13.34 10.42
CA SER A 144 40.95 -13.50 9.00
C SER A 144 41.63 -12.47 8.13
N TYR A 145 41.77 -12.79 6.84
CA TYR A 145 42.38 -11.91 5.85
C TYR A 145 41.29 -11.19 5.04
N ARG A 146 41.40 -9.88 4.89
CA ARG A 146 40.42 -9.13 4.11
C ARG A 146 40.76 -9.35 2.66
N ILE A 147 39.80 -9.86 1.88
CA ILE A 147 40.08 -10.07 0.46
C ILE A 147 39.65 -8.86 -0.36
N THR A 148 38.49 -8.28 -0.05
CA THR A 148 38.00 -7.11 -0.78
C THR A 148 37.78 -5.93 0.16
N TRP A 149 37.87 -4.72 -0.38
CA TRP A 149 37.68 -3.51 0.42
C TRP A 149 36.65 -2.56 -0.20
N THR A 150 36.15 -2.94 -1.37
CA THR A 150 35.19 -2.08 -2.07
C THR A 150 33.73 -2.22 -1.63
N GLY A 151 33.45 -3.20 -0.77
CA GLY A 151 32.09 -3.42 -0.29
C GLY A 151 31.32 -2.19 0.13
N LYS A 152 30.15 -1.98 -0.48
CA LYS A 152 29.31 -0.82 -0.17
C LYS A 152 27.84 -1.19 -0.32
N GLU A 153 27.12 -1.12 0.79
CA GLU A 153 25.71 -1.46 0.83
C GLU A 153 24.85 -0.90 -0.31
N ASP A 154 24.10 -1.79 -0.97
CA ASP A 154 23.21 -1.47 -2.09
C ASP A 154 23.97 -0.96 -3.30
N ILE A 155 25.30 -1.05 -3.29
CA ILE A 155 26.09 -0.55 -4.41
C ILE A 155 27.10 -1.58 -4.95
N ILE A 156 28.06 -1.98 -4.12
CA ILE A 156 29.08 -2.95 -4.51
C ILE A 156 28.93 -4.26 -3.73
N TYR A 157 28.68 -5.35 -4.44
CA TYR A 157 28.53 -6.65 -3.79
C TYR A 157 29.69 -7.60 -4.08
N ASN A 158 30.51 -7.89 -3.09
CA ASN A 158 31.63 -8.81 -3.30
C ASN A 158 31.30 -10.18 -2.68
N GLY A 159 31.28 -11.24 -3.48
CA GLY A 159 31.02 -12.54 -2.91
C GLY A 159 29.57 -12.89 -2.57
N ILE A 160 28.65 -11.94 -2.79
CA ILE A 160 27.21 -12.17 -2.58
C ILE A 160 26.47 -11.54 -3.75
N THR A 161 25.28 -12.04 -4.04
CA THR A 161 24.50 -11.53 -5.15
C THR A 161 23.62 -10.35 -4.77
N ASP A 162 23.23 -9.56 -5.78
CA ASP A 162 22.33 -8.43 -5.55
C ASP A 162 20.92 -9.04 -5.67
N TRP A 163 19.86 -8.24 -5.57
CA TRP A 163 18.52 -8.80 -5.63
C TRP A 163 18.21 -9.68 -6.85
N VAL A 164 18.43 -9.13 -8.04
CA VAL A 164 18.09 -9.88 -9.26
C VAL A 164 18.95 -11.13 -9.54
N TYR A 165 20.26 -11.02 -9.28
CA TYR A 165 21.12 -12.17 -9.47
C TYR A 165 20.73 -13.27 -8.49
N GLU A 166 20.33 -12.91 -7.26
CA GLU A 166 19.91 -13.89 -6.25
C GLU A 166 18.66 -14.66 -6.69
N GLU A 167 17.64 -13.88 -7.06
CA GLU A 167 16.36 -14.42 -7.47
C GLU A 167 16.31 -15.13 -8.83
N GLU A 168 16.90 -14.51 -9.85
CA GLU A 168 16.82 -15.05 -11.20
C GLU A 168 17.96 -15.84 -11.83
N VAL A 169 19.18 -15.68 -11.30
CA VAL A 169 20.33 -16.35 -11.90
C VAL A 169 20.92 -17.47 -11.07
N PHE A 170 21.50 -17.13 -9.93
CA PHE A 170 22.12 -18.12 -9.06
C PHE A 170 21.21 -18.82 -8.04
N SER A 171 20.02 -18.28 -7.79
CA SER A 171 19.11 -18.89 -6.81
C SER A 171 19.90 -19.11 -5.51
N ALA A 172 20.69 -18.11 -5.15
CA ALA A 172 21.52 -18.17 -3.96
C ALA A 172 22.03 -16.78 -3.67
N TYR A 173 22.41 -16.54 -2.44
CA TYR A 173 22.93 -15.22 -2.03
C TYR A 173 24.45 -15.27 -2.25
N SER A 174 24.98 -16.47 -2.13
CA SER A 174 26.38 -16.73 -2.29
C SER A 174 26.86 -16.48 -3.69
N ALA A 175 28.05 -15.89 -3.80
CA ALA A 175 28.68 -15.63 -5.09
C ALA A 175 30.17 -15.94 -4.87
N LEU A 176 30.40 -17.05 -4.17
CA LEU A 176 31.73 -17.53 -3.86
C LEU A 176 31.86 -18.98 -4.37
N TRP A 177 33.02 -19.35 -4.90
CA TRP A 177 33.20 -20.71 -5.39
C TRP A 177 34.59 -21.20 -5.10
N TRP A 178 34.69 -22.05 -4.09
CA TRP A 178 35.95 -22.65 -3.71
C TRP A 178 36.42 -23.63 -4.79
N SER A 179 37.73 -23.66 -5.06
CA SER A 179 38.28 -24.61 -6.02
C SER A 179 38.16 -25.96 -5.29
N PRO A 180 38.22 -27.06 -6.04
CA PRO A 180 38.09 -28.39 -5.44
C PRO A 180 38.83 -28.69 -4.14
N ASN A 181 40.13 -28.40 -4.08
CA ASN A 181 40.90 -28.65 -2.85
C ASN A 181 41.07 -27.41 -1.94
N GLY A 182 40.37 -26.34 -2.25
CA GLY A 182 40.43 -25.14 -1.44
C GLY A 182 41.61 -24.21 -1.65
N THR A 183 42.38 -24.44 -2.70
CA THR A 183 43.53 -23.56 -2.93
C THR A 183 43.04 -22.20 -3.40
N PHE A 184 42.14 -22.22 -4.37
CA PHE A 184 41.61 -20.99 -4.95
C PHE A 184 40.18 -20.67 -4.49
N LEU A 185 39.90 -19.37 -4.44
CA LEU A 185 38.59 -18.87 -4.09
C LEU A 185 38.20 -17.89 -5.18
N ALA A 186 37.24 -18.31 -6.00
CA ALA A 186 36.74 -17.45 -7.05
C ALA A 186 35.49 -16.75 -6.51
N TYR A 187 35.22 -15.55 -7.00
CA TYR A 187 34.03 -14.80 -6.59
C TYR A 187 33.65 -13.78 -7.64
N ALA A 188 32.38 -13.39 -7.58
CA ALA A 188 31.86 -12.41 -8.49
C ALA A 188 31.67 -11.13 -7.71
N GLN A 189 31.67 -10.02 -8.44
CA GLN A 189 31.46 -8.73 -7.82
C GLN A 189 30.36 -8.01 -8.61
N PHE A 190 29.31 -7.59 -7.92
CA PHE A 190 28.23 -6.89 -8.60
C PHE A 190 28.21 -5.40 -8.30
N ASN A 191 27.95 -4.61 -9.33
CA ASN A 191 27.87 -3.16 -9.21
C ASN A 191 26.46 -2.68 -9.60
N ASP A 192 25.70 -2.23 -8.60
CA ASP A 192 24.31 -1.78 -8.85
C ASP A 192 24.16 -0.26 -8.77
N THR A 193 25.27 0.44 -8.96
CA THR A 193 25.30 1.89 -8.89
C THR A 193 24.19 2.63 -9.62
N GLU A 194 23.93 2.30 -10.87
CA GLU A 194 22.91 3.03 -11.61
C GLU A 194 21.58 2.29 -11.70
N VAL A 195 21.43 1.24 -10.89
CA VAL A 195 20.21 0.46 -10.88
C VAL A 195 19.17 1.22 -10.07
N PRO A 196 18.00 1.51 -10.66
CA PRO A 196 16.96 2.25 -9.95
C PRO A 196 16.50 1.42 -8.74
N LEU A 197 15.94 2.09 -7.75
CA LEU A 197 15.49 1.38 -6.55
C LEU A 197 13.98 1.27 -6.45
N ILE A 198 13.50 0.09 -6.03
CA ILE A 198 12.05 -0.04 -5.82
C ILE A 198 11.86 0.44 -4.38
N GLU A 199 10.83 1.23 -4.15
CA GLU A 199 10.57 1.74 -2.81
C GLU A 199 9.16 1.39 -2.39
N TYR A 200 8.98 0.98 -1.15
CA TYR A 200 7.65 0.66 -0.63
C TYR A 200 7.71 0.81 0.89
N SER A 201 6.54 0.88 1.53
CA SER A 201 6.45 1.06 2.97
C SER A 201 6.48 -0.23 3.78
N PHE A 202 7.06 -0.13 4.98
CA PHE A 202 7.07 -1.25 5.90
C PHE A 202 6.54 -0.64 7.19
N TYR A 203 5.50 -1.24 7.74
CA TYR A 203 4.87 -0.67 8.93
C TYR A 203 5.38 -1.15 10.26
N SER A 204 5.84 -2.40 10.31
CA SER A 204 6.39 -2.95 11.54
C SER A 204 5.36 -3.07 12.67
N ASP A 205 5.82 -3.25 13.91
CA ASP A 205 4.90 -3.38 15.03
C ASP A 205 4.16 -2.06 15.20
N GLU A 206 2.98 -2.11 15.81
CA GLU A 206 2.20 -0.91 15.95
C GLU A 206 2.91 0.16 16.76
N SER A 207 3.96 -0.21 17.48
CA SER A 207 4.71 0.76 18.26
C SER A 207 5.51 1.72 17.37
N LEU A 208 5.76 1.36 16.12
CA LEU A 208 6.54 2.24 15.22
C LEU A 208 5.61 3.36 14.74
N GLN A 209 5.91 4.59 15.18
CA GLN A 209 5.08 5.74 14.85
C GLN A 209 5.10 6.12 13.38
N TYR A 210 6.26 6.01 12.76
CA TYR A 210 6.39 6.36 11.36
C TYR A 210 6.81 5.19 10.49
N PRO A 211 5.98 4.86 9.48
CA PRO A 211 6.28 3.75 8.55
C PRO A 211 7.69 3.91 7.98
N LYS A 212 8.39 2.80 7.84
CA LYS A 212 9.73 2.78 7.28
C LYS A 212 9.61 2.62 5.77
N THR A 213 10.54 3.19 5.03
CA THR A 213 10.54 3.05 3.58
C THR A 213 11.68 2.11 3.17
N VAL A 214 11.35 0.97 2.57
CA VAL A 214 12.36 0.03 2.13
C VAL A 214 12.81 0.44 0.73
N ARG A 215 14.12 0.39 0.47
CA ARG A 215 14.65 0.74 -0.84
C ARG A 215 15.58 -0.39 -1.30
N VAL A 216 15.30 -0.94 -2.49
CA VAL A 216 16.09 -2.06 -3.02
C VAL A 216 16.46 -1.89 -4.48
N PRO A 217 17.75 -2.02 -4.82
CA PRO A 217 18.16 -1.88 -6.22
C PRO A 217 17.48 -3.05 -6.95
N TYR A 218 16.54 -2.72 -7.83
CA TYR A 218 15.76 -3.71 -8.55
C TYR A 218 15.52 -3.17 -9.95
N PRO A 219 16.11 -3.82 -10.95
CA PRO A 219 15.95 -3.40 -12.35
C PRO A 219 14.71 -3.98 -13.00
N LYS A 220 13.76 -3.11 -13.32
CA LYS A 220 12.56 -3.57 -14.00
C LYS A 220 12.95 -3.72 -15.47
N ALA A 221 12.12 -4.38 -16.27
CA ALA A 221 12.43 -4.58 -17.68
C ALA A 221 12.86 -3.29 -18.40
N GLY A 222 13.98 -3.36 -19.10
CA GLY A 222 14.46 -2.20 -19.84
C GLY A 222 15.33 -1.25 -19.05
N ALA A 223 15.31 -1.35 -17.73
CA ALA A 223 16.09 -0.48 -16.85
C ALA A 223 17.57 -0.82 -16.85
N VAL A 224 18.39 0.04 -16.23
CA VAL A 224 19.83 -0.21 -16.16
C VAL A 224 20.06 -1.43 -15.25
N ASN A 225 20.83 -2.39 -15.72
CA ASN A 225 21.12 -3.60 -14.96
C ASN A 225 22.44 -3.49 -14.24
N PRO A 226 22.66 -4.34 -13.25
CA PRO A 226 23.94 -4.27 -12.56
C PRO A 226 25.00 -4.83 -13.50
N THR A 227 26.25 -4.47 -13.25
CA THR A 227 27.36 -4.97 -14.05
C THR A 227 28.09 -5.97 -13.13
N VAL A 228 28.92 -6.82 -13.73
CA VAL A 228 29.62 -7.88 -12.99
C VAL A 228 31.09 -8.10 -13.41
N LYS A 229 31.91 -8.50 -12.45
CA LYS A 229 33.29 -8.81 -12.72
C LYS A 229 33.60 -10.11 -12.01
N PHE A 230 34.56 -10.86 -12.52
CA PHE A 230 34.90 -12.14 -11.92
C PHE A 230 36.36 -12.15 -11.48
N PHE A 231 36.60 -12.64 -10.26
CA PHE A 231 37.94 -12.70 -9.70
C PHE A 231 38.32 -14.08 -9.09
N VAL A 232 39.61 -14.34 -9.03
CA VAL A 232 40.10 -15.57 -8.42
C VAL A 232 41.26 -15.16 -7.55
N VAL A 233 41.25 -15.65 -6.31
CA VAL A 233 42.32 -15.34 -5.37
C VAL A 233 42.91 -16.63 -4.79
N ASN A 234 44.23 -16.65 -4.65
CA ASN A 234 44.95 -17.81 -4.10
C ASN A 234 44.95 -17.66 -2.58
N THR A 235 44.30 -18.56 -1.87
CA THR A 235 44.25 -18.45 -0.42
C THR A 235 45.39 -19.19 0.29
N ASP A 236 46.27 -19.82 -0.47
CA ASP A 236 47.42 -20.50 0.13
C ASP A 236 48.58 -19.52 0.20
N SER A 237 48.47 -18.41 -0.52
CA SER A 237 49.54 -17.42 -0.50
C SER A 237 49.06 -16.08 0.04
N LEU A 238 48.30 -16.12 1.13
CA LEU A 238 47.80 -14.88 1.73
C LEU A 238 48.80 -14.39 2.79
N SER A 239 48.88 -13.07 2.91
CA SER A 239 49.79 -12.46 3.88
C SER A 239 49.03 -11.50 4.78
N SER A 240 49.49 -11.40 6.02
CA SER A 240 48.88 -10.51 6.99
C SER A 240 49.55 -9.14 6.88
N VAL A 241 50.66 -9.09 6.15
CA VAL A 241 51.41 -7.86 5.95
C VAL A 241 50.93 -7.14 4.70
N THR A 242 50.61 -7.90 3.65
CA THR A 242 50.16 -7.30 2.39
C THR A 242 48.70 -7.65 2.07
N ASN A 243 48.03 -6.77 1.33
CA ASN A 243 46.64 -7.01 0.95
C ASN A 243 46.61 -8.09 -0.11
N ALA A 244 45.67 -9.03 0.02
CA ALA A 244 45.54 -10.13 -0.93
C ALA A 244 45.40 -9.60 -2.36
N THR A 245 45.86 -10.38 -3.32
CA THR A 245 45.75 -9.97 -4.71
C THR A 245 44.71 -10.80 -5.43
N SER A 246 43.75 -10.14 -6.06
CA SER A 246 42.72 -10.85 -6.78
C SER A 246 43.02 -10.77 -8.26
N ILE A 247 42.95 -11.92 -8.92
CA ILE A 247 43.19 -11.95 -10.35
C ILE A 247 41.84 -11.94 -11.05
N GLN A 248 41.64 -10.95 -11.92
CA GLN A 248 40.41 -10.84 -12.66
C GLN A 248 40.42 -11.61 -13.98
N ILE A 249 39.29 -12.27 -14.24
CA ILE A 249 39.07 -12.99 -15.48
C ILE A 249 37.94 -12.20 -16.14
N THR A 250 38.29 -11.51 -17.22
CA THR A 250 37.32 -10.69 -17.93
C THR A 250 36.46 -11.56 -18.83
N ALA A 251 35.28 -11.07 -19.20
CA ALA A 251 34.38 -11.84 -20.07
C ALA A 251 34.84 -11.78 -21.53
N PRO A 252 34.41 -12.71 -22.37
CA PRO A 252 34.83 -12.67 -23.76
C PRO A 252 34.30 -11.43 -24.47
N ALA A 253 34.99 -11.04 -25.55
CA ALA A 253 34.63 -9.86 -26.35
C ALA A 253 33.21 -9.88 -26.85
N SER A 254 32.73 -11.07 -27.22
CA SER A 254 31.38 -11.21 -27.73
C SER A 254 30.36 -10.78 -26.67
N MET A 255 30.81 -10.71 -25.42
CA MET A 255 29.94 -10.30 -24.33
C MET A 255 30.13 -8.83 -23.96
N LEU A 256 31.38 -8.35 -23.98
CA LEU A 256 31.70 -6.97 -23.63
C LEU A 256 31.12 -5.95 -24.60
N ILE A 257 30.64 -6.40 -25.75
CA ILE A 257 30.05 -5.48 -26.72
C ILE A 257 28.79 -4.82 -26.18
N GLY A 258 28.12 -5.47 -25.22
CA GLY A 258 26.91 -4.93 -24.63
C GLY A 258 26.61 -5.43 -23.22
N ASP A 259 25.38 -5.22 -22.75
CA ASP A 259 25.02 -5.71 -21.43
C ASP A 259 25.06 -7.24 -21.43
N HIS A 260 25.41 -7.82 -20.29
CA HIS A 260 25.50 -9.27 -20.18
C HIS A 260 25.44 -9.65 -18.72
N TYR A 261 25.48 -10.95 -18.48
CA TYR A 261 25.42 -11.52 -17.15
C TYR A 261 26.43 -12.65 -17.02
N LEU A 262 26.78 -12.97 -15.78
CA LEU A 262 27.64 -14.10 -15.46
C LEU A 262 26.52 -15.08 -15.03
N CYS A 263 26.34 -16.19 -15.72
CA CYS A 263 25.27 -17.11 -15.35
C CYS A 263 25.70 -18.47 -14.77
N ASP A 264 26.99 -18.77 -14.81
CA ASP A 264 27.47 -20.03 -14.25
C ASP A 264 28.96 -20.07 -14.01
N VAL A 265 29.34 -20.69 -12.88
CA VAL A 265 30.72 -20.87 -12.49
C VAL A 265 30.83 -22.31 -12.01
N THR A 266 31.76 -23.05 -12.60
CA THR A 266 31.96 -24.45 -12.24
C THR A 266 33.42 -24.81 -12.39
N TRP A 267 34.04 -25.21 -11.28
CA TRP A 267 35.44 -25.62 -11.32
C TRP A 267 35.57 -26.95 -12.04
N ALA A 268 36.61 -27.08 -12.88
CA ALA A 268 36.84 -28.33 -13.63
C ALA A 268 37.86 -29.18 -12.87
N THR A 269 38.97 -28.56 -12.49
CA THR A 269 40.02 -29.24 -11.74
C THR A 269 40.61 -28.26 -10.75
N GLN A 270 41.72 -28.63 -10.14
CA GLN A 270 42.38 -27.79 -9.15
C GLN A 270 42.90 -26.51 -9.78
N GLU A 271 43.12 -26.52 -11.10
CA GLU A 271 43.69 -25.35 -11.77
C GLU A 271 42.98 -24.88 -13.03
N ARG A 272 41.76 -25.40 -13.26
CA ARG A 272 40.95 -25.03 -14.42
C ARG A 272 39.51 -24.69 -13.99
N ILE A 273 39.03 -23.52 -14.42
CA ILE A 273 37.69 -23.08 -14.08
C ILE A 273 36.88 -22.73 -15.32
N SER A 274 35.58 -23.02 -15.30
CA SER A 274 34.73 -22.67 -16.44
C SER A 274 33.68 -21.66 -15.99
N LEU A 275 33.38 -20.73 -16.87
CA LEU A 275 32.40 -19.69 -16.63
C LEU A 275 31.53 -19.57 -17.85
N GLN A 276 30.25 -19.32 -17.64
CA GLN A 276 29.36 -19.12 -18.76
C GLN A 276 28.82 -17.68 -18.63
N TRP A 277 28.75 -16.99 -19.75
CA TRP A 277 28.25 -15.63 -19.80
C TRP A 277 27.03 -15.62 -20.70
N LEU A 278 26.11 -14.72 -20.41
CA LEU A 278 24.88 -14.63 -21.17
C LEU A 278 24.66 -13.18 -21.59
N ARG A 279 24.33 -12.96 -22.86
CA ARG A 279 24.06 -11.60 -23.33
C ARG A 279 22.74 -11.14 -22.76
N ARG A 280 22.51 -9.82 -22.69
CA ARG A 280 21.25 -9.36 -22.15
C ARG A 280 20.11 -9.94 -23.00
N ILE A 281 20.30 -10.04 -24.32
CA ILE A 281 19.30 -10.69 -25.17
C ILE A 281 19.74 -12.13 -24.92
N GLN A 282 18.97 -12.81 -24.07
CA GLN A 282 19.30 -14.15 -23.58
C GLN A 282 19.25 -15.39 -24.47
N ASN A 283 19.63 -15.25 -25.73
CA ASN A 283 19.65 -16.40 -26.61
C ASN A 283 21.04 -16.69 -27.13
N TYR A 284 22.05 -16.20 -26.42
CA TYR A 284 23.44 -16.39 -26.83
C TYR A 284 24.36 -16.41 -25.60
N SER A 285 24.92 -17.57 -25.29
CA SER A 285 25.83 -17.65 -24.15
C SER A 285 27.18 -18.18 -24.57
N VAL A 286 28.20 -17.86 -23.78
CA VAL A 286 29.56 -18.29 -24.08
C VAL A 286 30.21 -18.91 -22.86
N MET A 287 30.82 -20.07 -23.03
CA MET A 287 31.53 -20.70 -21.93
C MET A 287 33.02 -20.52 -22.15
N ASP A 288 33.70 -20.00 -21.12
CA ASP A 288 35.15 -19.83 -21.17
C ASP A 288 35.75 -20.91 -20.29
N ILE A 289 36.91 -21.43 -20.67
CA ILE A 289 37.59 -22.43 -19.88
C ILE A 289 38.97 -21.86 -19.59
N CYS A 290 39.20 -21.53 -18.32
CA CYS A 290 40.43 -20.90 -17.90
C CYS A 290 41.37 -21.75 -17.06
N ASP A 291 42.64 -21.70 -17.45
CA ASP A 291 43.69 -22.47 -16.76
C ASP A 291 44.65 -21.57 -16.03
N TYR A 292 45.05 -22.00 -14.84
CA TYR A 292 45.99 -21.25 -14.04
C TYR A 292 47.41 -21.38 -14.61
N ASP A 293 48.11 -20.25 -14.75
CA ASP A 293 49.48 -20.22 -15.28
C ASP A 293 50.42 -20.01 -14.09
N GLU A 294 51.12 -21.07 -13.69
CA GLU A 294 52.02 -21.01 -12.55
C GLU A 294 53.18 -20.02 -12.72
N SER A 295 53.45 -19.61 -13.95
CA SER A 295 54.53 -18.66 -14.22
C SER A 295 54.16 -17.23 -13.88
N SER A 296 53.14 -16.72 -14.57
CA SER A 296 52.65 -15.36 -14.36
C SER A 296 51.71 -15.26 -13.18
N GLY A 297 50.97 -16.33 -12.92
CA GLY A 297 50.01 -16.33 -11.82
C GLY A 297 48.71 -15.75 -12.31
N ARG A 298 48.53 -15.76 -13.63
CA ARG A 298 47.30 -15.25 -14.21
C ARG A 298 46.46 -16.45 -14.62
N TRP A 299 45.23 -16.17 -15.01
CA TRP A 299 44.32 -17.20 -15.47
C TRP A 299 44.10 -16.91 -16.95
N ASN A 300 44.39 -17.87 -17.81
CA ASN A 300 44.23 -17.68 -19.24
C ASN A 300 43.12 -18.52 -19.82
N CYS A 301 42.26 -17.88 -20.60
CA CYS A 301 41.14 -18.59 -21.20
C CYS A 301 41.32 -18.64 -22.71
N LEU A 302 41.90 -19.74 -23.18
CA LEU A 302 42.13 -19.92 -24.62
C LEU A 302 40.84 -19.88 -25.45
N VAL A 303 40.86 -19.06 -26.50
CA VAL A 303 39.70 -18.95 -27.38
C VAL A 303 39.34 -20.30 -27.99
N ALA A 304 40.34 -21.13 -28.26
CA ALA A 304 40.10 -22.46 -28.82
C ALA A 304 39.26 -23.32 -27.89
N ARG A 305 39.26 -22.99 -26.60
CA ARG A 305 38.47 -23.74 -25.62
C ARG A 305 37.15 -23.03 -25.32
N GLN A 306 36.75 -22.12 -26.20
CA GLN A 306 35.51 -21.38 -26.00
C GLN A 306 34.36 -22.17 -26.59
N HIS A 307 33.23 -22.17 -25.91
CA HIS A 307 32.08 -22.90 -26.39
C HIS A 307 30.88 -22.00 -26.42
N ILE A 308 30.25 -21.92 -27.58
CA ILE A 308 29.09 -21.09 -27.77
C ILE A 308 27.82 -21.92 -27.77
N GLU A 309 26.82 -21.41 -27.07
CA GLU A 309 25.53 -22.06 -27.01
C GLU A 309 24.48 -21.00 -27.30
N MET A 310 23.67 -21.25 -28.33
CA MET A 310 22.64 -20.30 -28.69
C MET A 310 21.33 -20.98 -29.05
N SER A 311 20.29 -20.16 -29.21
CA SER A 311 18.99 -20.65 -29.56
C SER A 311 18.40 -19.72 -30.60
N THR A 312 17.70 -20.30 -31.56
CA THR A 312 17.07 -19.53 -32.63
C THR A 312 15.55 -19.46 -32.45
N THR A 313 15.01 -20.21 -31.48
CA THR A 313 13.57 -20.23 -31.22
C THR A 313 13.18 -19.61 -29.86
N GLY A 314 14.16 -19.45 -28.99
CA GLY A 314 13.90 -18.88 -27.69
C GLY A 314 15.17 -18.44 -26.98
N TRP A 315 15.17 -18.60 -25.67
CA TRP A 315 16.29 -18.23 -24.81
C TRP A 315 17.14 -19.50 -24.63
N VAL A 316 18.31 -19.39 -24.00
CA VAL A 316 19.17 -20.56 -23.80
C VAL A 316 18.94 -21.24 -22.44
N GLY A 317 18.75 -22.56 -22.45
CA GLY A 317 18.55 -23.29 -21.21
C GLY A 317 17.14 -23.20 -20.67
N ARG A 318 16.79 -23.97 -19.64
CA ARG A 318 15.43 -23.89 -19.09
C ARG A 318 15.18 -22.50 -18.50
N PHE A 319 15.99 -22.11 -17.52
CA PHE A 319 15.89 -20.79 -16.93
C PHE A 319 17.25 -20.09 -17.13
N ARG A 320 18.27 -20.88 -17.44
CA ARG A 320 19.62 -20.39 -17.72
C ARG A 320 20.47 -21.57 -18.24
N PRO A 321 21.55 -21.26 -18.98
CA PRO A 321 22.42 -22.30 -19.52
C PRO A 321 22.75 -23.32 -18.43
N SER A 322 22.67 -24.61 -18.75
CA SER A 322 22.96 -25.68 -17.77
C SER A 322 24.42 -25.72 -17.31
N GLU A 323 24.68 -26.47 -16.24
CA GLU A 323 26.01 -26.55 -15.71
C GLU A 323 26.75 -27.72 -16.33
N PRO A 324 28.05 -27.53 -16.61
CA PRO A 324 28.86 -28.60 -17.20
C PRO A 324 29.27 -29.58 -16.12
N HIS A 325 29.60 -30.80 -16.52
CA HIS A 325 30.06 -31.82 -15.58
C HIS A 325 31.35 -32.38 -16.16
N PHE A 326 32.47 -31.92 -15.62
CA PHE A 326 33.79 -32.34 -16.06
C PHE A 326 34.20 -33.69 -15.55
N THR A 327 35.08 -34.33 -16.33
CA THR A 327 35.65 -35.63 -16.01
C THR A 327 36.78 -35.37 -15.02
N LEU A 328 37.31 -36.44 -14.41
CA LEU A 328 38.41 -36.31 -13.45
C LEU A 328 39.55 -35.41 -13.93
N ASP A 329 40.11 -35.71 -15.11
CA ASP A 329 41.22 -34.93 -15.65
C ASP A 329 40.82 -33.55 -16.18
N GLY A 330 39.52 -33.31 -16.27
CA GLY A 330 39.03 -32.02 -16.73
C GLY A 330 39.20 -31.71 -18.21
N ASN A 331 39.50 -32.73 -19.02
CA ASN A 331 39.70 -32.50 -20.45
C ASN A 331 38.44 -32.56 -21.33
N SER A 332 37.36 -33.08 -20.77
CA SER A 332 36.09 -33.17 -21.51
C SER A 332 34.96 -32.99 -20.49
N PHE A 333 33.74 -32.77 -20.95
CA PHE A 333 32.64 -32.59 -20.01
C PHE A 333 31.29 -32.89 -20.61
N TYR A 334 30.31 -33.12 -19.74
CA TYR A 334 28.95 -33.41 -20.14
C TYR A 334 28.05 -32.25 -19.78
N LYS A 335 27.10 -31.94 -20.66
CA LYS A 335 26.22 -30.82 -20.43
C LYS A 335 24.89 -31.04 -21.17
N ILE A 336 23.79 -30.63 -20.53
CA ILE A 336 22.48 -30.76 -21.14
C ILE A 336 22.19 -29.55 -22.04
N ILE A 337 21.82 -29.81 -23.30
CA ILE A 337 21.49 -28.75 -24.25
C ILE A 337 20.38 -29.27 -25.15
N SER A 338 19.59 -28.39 -25.75
CA SER A 338 18.54 -28.90 -26.61
C SER A 338 19.18 -29.30 -27.93
N ASN A 339 18.78 -30.46 -28.42
CA ASN A 339 19.29 -31.01 -29.67
C ASN A 339 18.56 -30.37 -30.85
N GLU A 340 18.84 -30.87 -32.06
CA GLU A 340 18.22 -30.32 -33.26
C GLU A 340 16.71 -30.52 -33.31
N GLU A 341 16.22 -31.51 -32.56
CA GLU A 341 14.78 -31.76 -32.51
C GLU A 341 14.14 -30.89 -31.42
N GLY A 342 14.96 -30.16 -30.66
CA GLY A 342 14.39 -29.32 -29.60
C GLY A 342 14.24 -30.00 -28.24
N TYR A 343 14.78 -31.21 -28.09
CA TYR A 343 14.71 -31.93 -26.82
C TYR A 343 16.04 -31.84 -26.06
N ARG A 344 15.97 -31.61 -24.75
CA ARG A 344 17.16 -31.46 -23.93
C ARG A 344 17.78 -32.80 -23.57
N HIS A 345 18.99 -32.98 -24.08
CA HIS A 345 19.74 -34.20 -23.88
C HIS A 345 21.17 -33.89 -23.53
N ILE A 346 21.90 -34.93 -23.12
CA ILE A 346 23.29 -34.81 -22.69
C ILE A 346 24.26 -34.80 -23.86
N CYS A 347 25.07 -33.75 -23.97
CA CYS A 347 26.03 -33.67 -25.05
C CYS A 347 27.41 -33.83 -24.41
N TYR A 348 28.31 -34.52 -25.10
CA TYR A 348 29.66 -34.77 -24.59
C TYR A 348 30.61 -33.85 -25.31
N PHE A 349 31.34 -33.02 -24.57
CA PHE A 349 32.28 -32.07 -25.16
C PHE A 349 33.75 -32.36 -24.84
N GLN A 350 34.61 -31.94 -25.76
CA GLN A 350 36.06 -32.04 -25.63
C GLN A 350 36.34 -30.55 -25.37
N ILE A 351 37.12 -30.19 -24.36
CA ILE A 351 37.32 -28.77 -24.08
C ILE A 351 37.85 -27.90 -25.21
N ASP A 352 38.60 -28.50 -26.12
CA ASP A 352 39.13 -27.73 -27.23
C ASP A 352 38.58 -28.26 -28.55
N LYS A 353 37.30 -28.60 -28.56
CA LYS A 353 36.66 -29.11 -29.76
C LYS A 353 35.31 -28.45 -29.86
N LYS A 354 34.99 -27.98 -31.05
CA LYS A 354 33.73 -27.28 -31.27
C LYS A 354 32.50 -28.18 -31.27
N ASP A 355 32.58 -29.33 -31.91
CA ASP A 355 31.38 -30.17 -31.94
C ASP A 355 31.30 -31.15 -30.79
N CYS A 356 30.13 -31.18 -30.16
CA CYS A 356 29.90 -32.10 -29.06
C CYS A 356 29.09 -33.25 -29.64
N THR A 357 29.00 -34.33 -28.88
CA THR A 357 28.27 -35.52 -29.31
C THR A 357 27.15 -35.87 -28.34
N PHE A 358 25.93 -35.96 -28.84
CA PHE A 358 24.80 -36.33 -27.99
C PHE A 358 24.85 -37.81 -27.60
N ILE A 359 24.76 -38.08 -26.30
CA ILE A 359 24.83 -39.46 -25.84
C ILE A 359 23.46 -40.04 -25.51
N THR A 360 22.44 -39.18 -25.48
CA THR A 360 21.05 -39.60 -25.24
C THR A 360 20.20 -38.90 -26.28
N LYS A 361 19.05 -39.48 -26.61
CA LYS A 361 18.18 -38.87 -27.60
C LYS A 361 16.79 -39.46 -27.48
N GLY A 362 15.82 -38.79 -28.09
CA GLY A 362 14.44 -39.26 -28.03
C GLY A 362 13.49 -38.13 -27.70
N THR A 363 12.20 -38.41 -27.82
CA THR A 363 11.18 -37.41 -27.54
C THR A 363 10.82 -37.40 -26.06
N TRP A 364 11.78 -36.98 -25.27
CA TRP A 364 11.65 -36.86 -23.83
C TRP A 364 12.89 -36.08 -23.44
N GLU A 365 13.01 -35.72 -22.17
CA GLU A 365 14.17 -34.96 -21.76
C GLU A 365 14.92 -35.39 -20.51
N VAL A 366 16.20 -35.08 -20.51
CA VAL A 366 17.02 -35.35 -19.36
C VAL A 366 16.79 -34.14 -18.44
N ILE A 367 16.42 -34.39 -17.19
CA ILE A 367 16.16 -33.32 -16.21
C ILE A 367 17.49 -32.77 -15.70
N GLY A 368 18.39 -33.65 -15.28
CA GLY A 368 19.69 -33.21 -14.81
C GLY A 368 20.71 -34.32 -14.71
N ILE A 369 21.98 -33.93 -14.68
CA ILE A 369 23.08 -34.89 -14.54
C ILE A 369 23.32 -34.95 -13.04
N GLU A 370 23.32 -36.17 -12.49
CA GLU A 370 23.46 -36.35 -11.04
C GLU A 370 24.81 -36.88 -10.54
N ALA A 371 25.50 -37.67 -11.36
CA ALA A 371 26.78 -38.21 -10.98
C ALA A 371 27.56 -38.67 -12.19
N LEU A 372 28.89 -38.61 -12.07
CA LEU A 372 29.77 -39.03 -13.15
C LEU A 372 30.99 -39.81 -12.61
N THR A 373 31.27 -40.97 -13.22
CA THR A 373 32.43 -41.81 -12.89
C THR A 373 33.06 -42.10 -14.26
N SER A 374 34.19 -42.80 -14.28
CA SER A 374 34.84 -43.12 -15.55
C SER A 374 34.05 -44.10 -16.42
N ASP A 375 33.10 -44.83 -15.82
CA ASP A 375 32.31 -45.79 -16.57
C ASP A 375 30.85 -45.39 -16.81
N TYR A 376 30.27 -44.66 -15.86
CA TYR A 376 28.88 -44.27 -16.02
C TYR A 376 28.55 -42.82 -15.72
N LEU A 377 27.50 -42.34 -16.39
CA LEU A 377 26.98 -41.02 -16.13
C LEU A 377 25.57 -41.34 -15.59
N TYR A 378 25.22 -40.75 -14.45
CA TYR A 378 23.92 -40.97 -13.84
C TYR A 378 23.05 -39.76 -14.07
N TYR A 379 21.82 -39.96 -14.51
CA TYR A 379 20.94 -38.84 -14.74
C TYR A 379 19.47 -39.16 -14.49
N ILE A 380 18.67 -38.12 -14.39
CA ILE A 380 17.25 -38.26 -14.16
C ILE A 380 16.55 -37.76 -15.43
N SER A 381 15.54 -38.49 -15.87
CA SER A 381 14.82 -38.07 -17.06
C SER A 381 13.36 -38.42 -16.91
N ASN A 382 12.55 -37.95 -17.86
CA ASN A 382 11.13 -38.26 -17.83
C ASN A 382 10.79 -39.21 -19.01
N GLU A 383 11.73 -40.09 -19.33
CA GLU A 383 11.57 -41.06 -20.42
C GLU A 383 10.57 -42.19 -20.14
N TYR A 384 10.65 -42.78 -18.94
CA TYR A 384 9.78 -43.89 -18.61
C TYR A 384 8.29 -43.70 -18.96
N LYS A 385 7.74 -44.67 -19.68
CA LYS A 385 6.34 -44.67 -20.10
C LYS A 385 5.93 -43.38 -20.84
N GLY A 386 6.92 -42.64 -21.32
CA GLY A 386 6.65 -41.41 -22.02
C GLY A 386 5.86 -40.41 -21.20
N MET A 387 5.99 -40.45 -19.87
CA MET A 387 5.28 -39.50 -19.02
C MET A 387 6.17 -38.30 -18.70
N PRO A 388 5.88 -37.13 -19.29
CA PRO A 388 6.69 -35.94 -19.03
C PRO A 388 6.64 -35.48 -17.56
N GLY A 389 5.64 -35.95 -16.83
CA GLY A 389 5.48 -35.61 -15.43
C GLY A 389 6.05 -36.66 -14.47
N GLY A 390 6.78 -37.63 -15.00
CA GLY A 390 7.39 -38.66 -14.16
C GLY A 390 8.90 -38.46 -14.15
N ARG A 391 9.58 -38.99 -13.14
CA ARG A 391 11.04 -38.81 -13.04
C ARG A 391 11.73 -40.09 -12.55
N ASN A 392 12.78 -40.51 -13.25
CA ASN A 392 13.50 -41.69 -12.86
C ASN A 392 14.98 -41.52 -13.06
N LEU A 393 15.74 -42.30 -12.30
CA LEU A 393 17.19 -42.29 -12.33
C LEU A 393 17.69 -43.35 -13.30
N TYR A 394 18.54 -42.91 -14.23
CA TYR A 394 19.14 -43.80 -15.22
C TYR A 394 20.65 -43.68 -15.16
N LYS A 395 21.32 -44.66 -15.76
CA LYS A 395 22.77 -44.61 -15.88
C LYS A 395 23.07 -45.06 -17.31
N ILE A 396 24.07 -44.43 -17.92
CA ILE A 396 24.44 -44.76 -19.27
C ILE A 396 25.94 -45.07 -19.27
N GLN A 397 26.29 -46.16 -19.95
CA GLN A 397 27.67 -46.63 -20.05
C GLN A 397 28.42 -45.70 -20.99
N LEU A 398 29.49 -45.08 -20.52
CA LEU A 398 30.23 -44.17 -21.37
C LEU A 398 30.95 -44.81 -22.56
N SER A 399 31.27 -46.09 -22.46
CA SER A 399 31.95 -46.79 -23.57
C SER A 399 30.95 -47.29 -24.62
N ASP A 400 29.66 -47.29 -24.29
CA ASP A 400 28.63 -47.78 -25.21
C ASP A 400 27.29 -47.13 -24.86
N TYR A 401 26.98 -46.02 -25.54
CA TYR A 401 25.76 -45.27 -25.31
C TYR A 401 24.48 -46.04 -25.59
N THR A 402 24.58 -47.22 -26.20
CA THR A 402 23.36 -47.98 -26.48
C THR A 402 22.90 -48.70 -25.22
N LYS A 403 23.79 -48.78 -24.23
CA LYS A 403 23.47 -49.43 -22.95
C LYS A 403 23.00 -48.45 -21.85
N VAL A 404 21.69 -48.24 -21.80
CA VAL A 404 21.09 -47.37 -20.81
C VAL A 404 20.24 -48.21 -19.86
N THR A 405 20.53 -48.13 -18.58
CA THR A 405 19.82 -48.92 -17.57
C THR A 405 19.01 -48.05 -16.64
N CYS A 406 17.71 -48.34 -16.47
CA CYS A 406 16.91 -47.55 -15.54
C CYS A 406 17.07 -48.17 -14.16
N LEU A 407 17.42 -47.32 -13.19
CA LEU A 407 17.64 -47.79 -11.84
C LEU A 407 16.46 -47.66 -10.88
N SER A 408 15.46 -46.85 -11.21
CA SER A 408 14.33 -46.66 -10.31
C SER A 408 12.98 -47.06 -10.86
N CYS A 409 12.86 -47.08 -12.19
CA CYS A 409 11.61 -47.41 -12.87
C CYS A 409 10.79 -48.55 -12.28
N GLU A 410 11.45 -49.68 -12.07
CA GLU A 410 10.78 -50.86 -11.59
C GLU A 410 10.82 -51.16 -10.09
N LEU A 411 11.48 -50.31 -9.31
CA LEU A 411 11.54 -50.54 -7.86
C LEU A 411 10.13 -50.75 -7.27
N ASN A 412 9.23 -49.84 -7.59
CA ASN A 412 7.85 -49.90 -7.11
C ASN A 412 7.05 -48.99 -8.03
N PRO A 413 6.75 -49.48 -9.24
CA PRO A 413 6.00 -48.72 -10.24
C PRO A 413 4.63 -48.17 -9.84
N GLU A 414 3.91 -48.86 -8.96
CA GLU A 414 2.61 -48.37 -8.54
C GLU A 414 2.72 -47.20 -7.58
N ARG A 415 3.71 -47.26 -6.69
CA ARG A 415 3.88 -46.21 -5.70
C ARG A 415 4.87 -45.10 -6.08
N CYS A 416 5.86 -45.46 -6.88
CA CYS A 416 6.93 -44.52 -7.23
C CYS A 416 7.19 -44.27 -8.69
N GLN A 417 6.90 -43.04 -9.11
CA GLN A 417 7.08 -42.59 -10.49
C GLN A 417 7.80 -41.25 -10.57
N TYR A 418 8.21 -40.73 -9.41
CA TYR A 418 8.88 -39.44 -9.38
C TYR A 418 10.07 -39.50 -8.40
N TYR A 419 11.25 -39.72 -8.95
CA TYR A 419 12.45 -39.82 -8.11
C TYR A 419 13.37 -38.61 -8.15
N SER A 420 14.17 -38.54 -7.12
CA SER A 420 15.18 -37.52 -6.91
C SER A 420 16.30 -38.39 -6.33
N VAL A 421 17.56 -37.96 -6.44
CA VAL A 421 18.66 -38.81 -5.96
C VAL A 421 19.77 -38.03 -5.30
N SER A 422 20.53 -38.70 -4.43
CA SER A 422 21.66 -38.07 -3.73
C SER A 422 22.84 -39.07 -3.63
N PHE A 423 23.87 -38.85 -4.43
CA PHE A 423 25.03 -39.75 -4.44
C PHE A 423 26.10 -39.42 -3.39
N SER A 424 26.86 -40.42 -2.95
CA SER A 424 27.96 -40.15 -2.01
C SER A 424 29.11 -39.51 -2.84
N LYS A 425 30.19 -39.11 -2.18
CA LYS A 425 31.32 -38.46 -2.86
C LYS A 425 31.81 -39.04 -4.17
N GLU A 426 32.18 -40.33 -4.20
CA GLU A 426 32.66 -40.94 -5.42
C GLU A 426 31.55 -41.72 -6.12
N ALA A 427 30.32 -41.48 -5.67
CA ALA A 427 29.15 -42.13 -6.24
C ALA A 427 29.14 -43.61 -5.92
N LYS A 428 29.71 -43.98 -4.78
CA LYS A 428 29.72 -45.38 -4.39
C LYS A 428 28.32 -45.81 -3.92
N TYR A 429 27.58 -44.85 -3.37
CA TYR A 429 26.23 -45.10 -2.87
C TYR A 429 25.27 -43.99 -3.29
N TYR A 430 23.98 -44.31 -3.34
CA TYR A 430 23.01 -43.28 -3.63
C TYR A 430 21.72 -43.48 -2.87
N GLN A 431 21.12 -42.35 -2.51
CA GLN A 431 19.86 -42.34 -1.81
C GLN A 431 18.79 -41.98 -2.83
N LEU A 432 17.74 -42.78 -2.90
CA LEU A 432 16.64 -42.49 -3.82
C LEU A 432 15.49 -41.93 -2.99
N ARG A 433 14.91 -40.85 -3.50
CA ARG A 433 13.81 -40.18 -2.84
C ARG A 433 12.65 -40.17 -3.80
N CYS A 434 11.68 -41.02 -3.53
CA CYS A 434 10.48 -41.12 -4.32
C CYS A 434 9.48 -40.15 -3.69
N SER A 435 8.84 -39.31 -4.48
CA SER A 435 7.88 -38.40 -3.89
C SER A 435 6.47 -38.54 -4.47
N GLY A 436 6.19 -39.65 -5.14
CA GLY A 436 4.87 -39.85 -5.71
C GLY A 436 4.80 -40.96 -6.75
N PRO A 437 3.58 -41.37 -7.15
CA PRO A 437 2.28 -40.88 -6.70
C PRO A 437 1.84 -41.31 -5.31
N GLY A 438 2.50 -42.32 -4.74
CA GLY A 438 2.15 -42.76 -3.41
C GLY A 438 2.93 -41.96 -2.37
N LEU A 439 2.94 -42.43 -1.12
CA LEU A 439 3.65 -41.72 -0.06
C LEU A 439 5.16 -41.80 -0.27
N PRO A 440 5.89 -40.69 -0.01
CA PRO A 440 7.34 -40.63 -0.18
C PRO A 440 8.06 -41.82 0.44
N LEU A 441 9.03 -42.34 -0.31
CA LEU A 441 9.81 -43.50 0.08
C LEU A 441 11.29 -43.20 -0.15
N TYR A 442 12.10 -43.33 0.90
CA TYR A 442 13.52 -43.06 0.79
C TYR A 442 14.28 -44.36 0.93
N THR A 443 15.21 -44.60 0.02
CA THR A 443 16.00 -45.83 0.03
C THR A 443 17.48 -45.59 -0.25
N LEU A 444 18.32 -46.49 0.24
CA LEU A 444 19.75 -46.39 0.02
C LEU A 444 20.20 -47.52 -0.90
N HIS A 445 21.10 -47.19 -1.83
CA HIS A 445 21.57 -48.17 -2.79
C HIS A 445 23.08 -48.13 -2.95
N SER A 446 23.60 -49.21 -3.51
CA SER A 446 25.02 -49.33 -3.78
C SER A 446 25.20 -49.38 -5.29
N SER A 447 26.10 -48.53 -5.80
CA SER A 447 26.35 -48.45 -7.22
C SER A 447 27.01 -49.64 -7.87
N VAL A 448 27.91 -50.31 -7.16
CA VAL A 448 28.63 -51.43 -7.76
C VAL A 448 27.72 -52.42 -8.49
N ASN A 449 26.62 -52.83 -7.86
CA ASN A 449 25.68 -53.73 -8.53
C ASN A 449 24.25 -53.21 -8.46
N ASP A 450 24.10 -51.93 -8.10
CA ASP A 450 22.79 -51.33 -7.97
C ASP A 450 21.90 -52.13 -7.02
N LYS A 451 22.46 -52.52 -5.89
CA LYS A 451 21.72 -53.27 -4.91
C LYS A 451 20.88 -52.31 -4.09
N GLY A 452 19.75 -52.82 -3.60
CA GLY A 452 18.88 -52.03 -2.75
C GLY A 452 19.29 -52.44 -1.35
N LEU A 453 20.07 -51.60 -0.68
CA LEU A 453 20.54 -51.92 0.65
C LEU A 453 19.43 -51.92 1.68
N ARG A 454 18.78 -50.77 1.90
CA ARG A 454 17.70 -50.71 2.88
C ARG A 454 16.73 -49.53 2.76
N VAL A 455 15.58 -49.66 3.44
CA VAL A 455 14.57 -48.62 3.45
C VAL A 455 14.89 -47.67 4.62
N LEU A 456 15.11 -46.39 4.31
CA LEU A 456 15.43 -45.39 5.32
C LEU A 456 14.17 -44.81 5.98
N GLU A 457 13.14 -44.61 5.18
CA GLU A 457 11.87 -44.06 5.67
C GLU A 457 10.79 -44.34 4.63
N ASP A 458 9.74 -45.03 5.05
CA ASP A 458 8.64 -45.40 4.17
C ASP A 458 7.33 -44.73 4.54
N ASN A 459 7.37 -43.80 5.48
CA ASN A 459 6.16 -43.10 5.91
C ASN A 459 5.01 -44.03 6.28
N SER A 460 5.31 -45.21 6.80
CA SER A 460 4.25 -46.13 7.20
C SER A 460 3.38 -45.55 8.35
N ALA A 461 3.90 -44.60 9.11
CA ALA A 461 3.11 -44.01 10.17
C ALA A 461 1.99 -43.17 9.55
N LEU A 462 2.37 -42.28 8.62
CA LEU A 462 1.41 -41.42 7.93
C LEU A 462 0.38 -42.29 7.24
N ASP A 463 0.85 -43.37 6.63
CA ASP A 463 -0.03 -44.29 5.92
C ASP A 463 -1.13 -44.79 6.86
N LYS A 464 -0.75 -45.21 8.05
CA LYS A 464 -1.71 -45.71 9.03
C LYS A 464 -2.73 -44.60 9.36
N MET A 465 -2.26 -43.39 9.60
CA MET A 465 -3.16 -42.29 9.93
C MET A 465 -4.13 -41.95 8.79
N LEU A 466 -3.63 -41.94 7.56
CA LEU A 466 -4.48 -41.61 6.42
C LEU A 466 -5.54 -42.67 6.12
N GLN A 467 -5.42 -43.83 6.75
CA GLN A 467 -6.41 -44.88 6.54
C GLN A 467 -7.78 -44.50 7.12
N ASN A 468 -7.80 -43.63 8.12
CA ASN A 468 -9.05 -43.18 8.74
C ASN A 468 -9.56 -41.87 8.11
N VAL A 469 -8.98 -41.49 6.97
CA VAL A 469 -9.38 -40.26 6.31
C VAL A 469 -9.89 -40.55 4.90
N GLN A 470 -10.91 -39.83 4.46
CA GLN A 470 -11.43 -40.02 3.11
C GLN A 470 -10.57 -39.16 2.21
N MET A 471 -9.45 -39.73 1.75
CA MET A 471 -8.54 -39.00 0.89
C MET A 471 -8.93 -38.99 -0.57
N PRO A 472 -8.65 -37.87 -1.26
CA PRO A 472 -8.97 -37.73 -2.68
C PRO A 472 -7.97 -38.52 -3.51
N SER A 473 -8.27 -38.71 -4.78
CA SER A 473 -7.37 -39.42 -5.66
C SER A 473 -6.84 -38.45 -6.69
N LYS A 474 -5.87 -38.90 -7.47
CA LYS A 474 -5.29 -38.06 -8.50
C LYS A 474 -5.30 -38.76 -9.83
N LYS A 475 -5.82 -38.04 -10.80
CA LYS A 475 -5.88 -38.52 -12.15
C LYS A 475 -4.89 -37.69 -12.97
N LEU A 476 -3.98 -38.38 -13.66
CA LEU A 476 -3.01 -37.75 -14.53
C LEU A 476 -3.30 -38.35 -15.90
N ASP A 477 -3.53 -37.49 -16.89
CA ASP A 477 -3.86 -37.95 -18.23
C ASP A 477 -3.53 -36.80 -19.18
N PHE A 478 -3.95 -36.90 -20.43
CA PHE A 478 -3.71 -35.84 -21.40
C PHE A 478 -4.90 -35.61 -22.34
N ILE A 479 -4.87 -34.50 -23.06
CA ILE A 479 -5.90 -34.17 -24.06
C ILE A 479 -5.09 -33.78 -25.27
N ILE A 480 -5.71 -33.84 -26.45
CA ILE A 480 -4.98 -33.48 -27.65
C ILE A 480 -5.42 -32.13 -28.19
N LEU A 481 -4.44 -31.41 -28.74
CA LEU A 481 -4.66 -30.10 -29.33
C LEU A 481 -3.75 -30.02 -30.54
N ASN A 482 -4.36 -29.97 -31.72
CA ASN A 482 -3.59 -29.89 -32.96
C ASN A 482 -2.48 -30.92 -33.03
N GLU A 483 -2.85 -32.19 -33.03
CA GLU A 483 -1.86 -33.27 -33.13
C GLU A 483 -0.90 -33.34 -31.95
N THR A 484 -1.00 -32.41 -31.01
CA THR A 484 -0.12 -32.40 -29.84
C THR A 484 -0.83 -32.79 -28.55
N LYS A 485 -0.18 -33.60 -27.73
CA LYS A 485 -0.80 -33.96 -26.47
C LYS A 485 -0.31 -33.07 -25.32
N PHE A 486 -1.23 -32.69 -24.45
CA PHE A 486 -0.94 -31.83 -23.32
C PHE A 486 -1.51 -32.49 -22.05
N TRP A 487 -0.69 -32.57 -21.02
CA TRP A 487 -1.09 -33.22 -19.79
C TRP A 487 -1.79 -32.34 -18.77
N TYR A 488 -2.65 -32.97 -17.99
CA TYR A 488 -3.38 -32.28 -16.94
C TYR A 488 -3.57 -33.26 -15.80
N GLN A 489 -3.93 -32.74 -14.64
CA GLN A 489 -4.17 -33.59 -13.51
C GLN A 489 -5.41 -33.09 -12.84
N MET A 490 -6.12 -34.03 -12.21
CA MET A 490 -7.32 -33.69 -11.50
C MET A 490 -7.26 -34.34 -10.14
N ILE A 491 -7.46 -33.53 -9.11
CA ILE A 491 -7.51 -34.03 -7.76
C ILE A 491 -9.01 -34.32 -7.64
N LEU A 492 -9.36 -35.59 -7.51
CA LEU A 492 -10.76 -35.99 -7.44
C LEU A 492 -11.22 -36.26 -6.06
N PRO A 493 -12.44 -35.83 -5.71
CA PRO A 493 -13.00 -36.05 -4.37
C PRO A 493 -13.14 -37.55 -4.01
N PRO A 494 -13.25 -37.86 -2.70
CA PRO A 494 -13.41 -39.25 -2.25
C PRO A 494 -14.65 -39.84 -2.93
N HIS A 495 -14.67 -41.15 -3.15
CA HIS A 495 -15.82 -41.80 -3.77
C HIS A 495 -16.31 -41.08 -5.02
N PHE A 496 -15.36 -40.65 -5.85
CA PHE A 496 -15.71 -39.96 -7.07
C PHE A 496 -16.78 -40.72 -7.87
N ASP A 497 -17.81 -40.00 -8.31
CA ASP A 497 -18.90 -40.60 -9.08
C ASP A 497 -19.09 -39.83 -10.41
N LYS A 498 -18.61 -40.41 -11.51
CA LYS A 498 -18.69 -39.76 -12.82
C LYS A 498 -20.09 -39.50 -13.36
N SER A 499 -21.11 -39.88 -12.59
CA SER A 499 -22.48 -39.68 -13.01
C SER A 499 -23.01 -38.40 -12.37
N LYS A 500 -22.21 -37.78 -11.51
CA LYS A 500 -22.59 -36.54 -10.85
C LYS A 500 -21.80 -35.36 -11.42
N LYS A 501 -22.28 -34.15 -11.16
CA LYS A 501 -21.63 -32.94 -11.63
C LYS A 501 -20.88 -32.27 -10.48
N TYR A 502 -19.56 -32.18 -10.59
CA TYR A 502 -18.77 -31.53 -9.55
C TYR A 502 -18.32 -30.15 -9.99
N PRO A 503 -18.21 -29.22 -9.05
CA PRO A 503 -17.76 -27.88 -9.45
C PRO A 503 -16.26 -28.10 -9.73
N LEU A 504 -15.64 -27.20 -10.49
CA LEU A 504 -14.24 -27.38 -10.80
C LEU A 504 -13.38 -26.12 -10.65
N LEU A 505 -12.25 -26.27 -9.93
CA LEU A 505 -11.30 -25.18 -9.71
C LEU A 505 -9.98 -25.45 -10.46
N LEU A 506 -9.63 -24.55 -11.35
CA LEU A 506 -8.41 -24.71 -12.11
C LEU A 506 -7.23 -24.06 -11.38
N ASP A 507 -6.32 -24.89 -10.90
CA ASP A 507 -5.11 -24.46 -10.19
C ASP A 507 -4.08 -24.22 -11.29
N VAL A 508 -3.69 -22.98 -11.50
CA VAL A 508 -2.77 -22.66 -12.57
C VAL A 508 -1.50 -21.90 -12.18
N TYR A 509 -0.41 -22.20 -12.88
CA TYR A 509 0.84 -21.46 -12.70
C TYR A 509 1.11 -21.03 -14.12
N ALA A 510 1.50 -22.00 -14.94
CA ALA A 510 1.70 -21.80 -16.37
C ALA A 510 2.85 -20.92 -16.84
N GLY A 511 3.78 -20.61 -15.96
CA GLY A 511 4.90 -19.80 -16.40
C GLY A 511 5.75 -20.63 -17.37
N PRO A 512 6.73 -20.00 -18.03
CA PRO A 512 7.59 -20.71 -18.97
C PRO A 512 8.43 -21.79 -18.29
N CYS A 513 8.33 -23.01 -18.82
CA CYS A 513 9.03 -24.20 -18.34
C CYS A 513 8.41 -24.75 -17.05
N SER A 514 7.17 -24.39 -16.80
CA SER A 514 6.47 -24.85 -15.61
C SER A 514 5.85 -26.25 -15.84
N GLN A 515 5.48 -26.90 -14.75
CA GLN A 515 4.83 -28.21 -14.85
C GLN A 515 3.93 -28.32 -13.64
N LYS A 516 2.63 -28.35 -13.88
CA LYS A 516 1.66 -28.44 -12.80
C LYS A 516 0.90 -29.75 -12.88
N ALA A 517 1.27 -30.57 -13.86
CA ALA A 517 0.66 -31.91 -14.03
C ALA A 517 1.81 -32.89 -13.86
N ASP A 518 1.88 -33.56 -12.72
CA ASP A 518 2.93 -34.55 -12.45
C ASP A 518 2.45 -35.68 -11.53
N THR A 519 3.36 -36.58 -11.18
CA THR A 519 3.04 -37.70 -10.32
C THR A 519 3.38 -37.47 -8.83
N VAL A 520 3.74 -36.24 -8.47
CA VAL A 520 4.09 -35.93 -7.09
C VAL A 520 2.91 -35.97 -6.13
N PHE A 521 3.13 -36.55 -4.95
CA PHE A 521 2.08 -36.64 -3.92
C PHE A 521 2.15 -35.36 -3.08
N ARG A 522 1.02 -34.69 -2.88
CA ARG A 522 1.01 -33.44 -2.12
C ARG A 522 -0.19 -33.36 -1.17
N LEU A 523 0.02 -32.72 -0.03
CA LEU A 523 -1.07 -32.47 0.93
C LEU A 523 -1.10 -30.95 0.98
N ASN A 524 -2.07 -30.38 0.29
CA ASN A 524 -2.19 -28.94 0.25
C ASN A 524 -3.65 -28.46 0.26
N TRP A 525 -3.84 -27.20 -0.12
CA TRP A 525 -5.17 -26.63 -0.14
C TRP A 525 -6.13 -27.42 -1.01
N ALA A 526 -5.67 -27.86 -2.17
CA ALA A 526 -6.51 -28.63 -3.08
C ALA A 526 -6.96 -29.93 -2.44
N THR A 527 -6.11 -30.52 -1.57
CA THR A 527 -6.48 -31.78 -0.91
C THR A 527 -7.74 -31.54 -0.11
N TYR A 528 -7.75 -30.44 0.64
CA TYR A 528 -8.89 -30.09 1.45
C TYR A 528 -10.09 -29.77 0.56
N LEU A 529 -9.89 -28.97 -0.48
CA LEU A 529 -10.98 -28.62 -1.37
C LEU A 529 -11.67 -29.86 -1.96
N ALA A 530 -10.88 -30.86 -2.34
CA ALA A 530 -11.48 -32.06 -2.92
C ALA A 530 -12.09 -32.98 -1.84
N SER A 531 -11.35 -33.22 -0.78
CA SER A 531 -11.80 -34.12 0.28
C SER A 531 -12.99 -33.66 1.13
N THR A 532 -13.05 -32.38 1.47
CA THR A 532 -14.12 -31.85 2.29
C THR A 532 -15.23 -31.13 1.51
N GLU A 533 -14.85 -30.37 0.48
CA GLU A 533 -15.81 -29.60 -0.31
C GLU A 533 -16.27 -30.28 -1.60
N ASN A 534 -15.72 -31.44 -1.90
CA ASN A 534 -16.11 -32.17 -3.12
C ASN A 534 -15.96 -31.36 -4.39
N ILE A 535 -14.87 -30.59 -4.43
CA ILE A 535 -14.51 -29.77 -5.57
C ILE A 535 -13.36 -30.43 -6.33
N ILE A 536 -13.44 -30.44 -7.65
CA ILE A 536 -12.35 -31.00 -8.43
C ILE A 536 -11.33 -29.88 -8.69
N VAL A 537 -10.07 -30.17 -8.40
CA VAL A 537 -9.00 -29.20 -8.60
C VAL A 537 -8.11 -29.72 -9.72
N ALA A 538 -8.15 -29.04 -10.86
CA ALA A 538 -7.36 -29.46 -12.02
C ALA A 538 -6.24 -28.47 -12.33
N SER A 539 -5.23 -28.97 -13.02
CA SER A 539 -4.10 -28.17 -13.45
C SER A 539 -3.79 -28.69 -14.84
N PHE A 540 -3.34 -27.80 -15.71
CA PHE A 540 -3.03 -28.15 -17.09
C PHE A 540 -1.71 -27.53 -17.52
N ASP A 541 -0.93 -28.31 -18.25
CA ASP A 541 0.36 -27.87 -18.77
C ASP A 541 0.24 -27.63 -20.29
N GLY A 542 0.02 -26.37 -20.66
CA GLY A 542 -0.12 -26.06 -22.07
C GLY A 542 1.13 -25.50 -22.74
N ARG A 543 0.93 -24.79 -23.83
CA ARG A 543 2.07 -24.22 -24.53
C ARG A 543 2.84 -23.35 -23.57
N GLY A 544 4.15 -23.44 -23.66
CA GLY A 544 4.98 -22.69 -22.75
C GLY A 544 5.48 -23.58 -21.61
N SER A 545 4.84 -24.72 -21.34
CA SER A 545 5.29 -25.57 -20.23
C SER A 545 6.60 -26.32 -20.55
N GLY A 546 7.22 -26.93 -19.54
CA GLY A 546 8.50 -27.57 -19.78
C GLY A 546 8.61 -29.07 -19.81
N TYR A 547 9.84 -29.53 -20.06
CA TYR A 547 10.19 -30.95 -20.10
C TYR A 547 9.58 -31.76 -21.25
N GLN A 548 9.11 -31.04 -22.26
CA GLN A 548 8.49 -31.66 -23.41
C GLN A 548 9.09 -31.18 -24.72
N GLY A 549 10.25 -30.52 -24.66
CA GLY A 549 10.89 -30.03 -25.87
C GLY A 549 10.59 -28.56 -26.11
N ASP A 550 11.44 -27.90 -26.90
CA ASP A 550 11.28 -26.48 -27.20
C ASP A 550 10.09 -26.09 -28.07
N LYS A 551 9.57 -27.03 -28.85
CA LYS A 551 8.43 -26.71 -29.70
C LYS A 551 7.26 -26.30 -28.78
N ILE A 552 7.18 -26.91 -27.61
CA ILE A 552 6.12 -26.55 -26.69
C ILE A 552 6.57 -25.43 -25.76
N MET A 553 7.79 -25.54 -25.23
CA MET A 553 8.29 -24.53 -24.31
C MET A 553 8.53 -23.16 -24.91
N HIS A 554 9.01 -23.11 -26.15
CA HIS A 554 9.27 -21.84 -26.81
C HIS A 554 8.09 -21.27 -27.57
N ALA A 555 6.94 -21.93 -27.49
CA ALA A 555 5.76 -21.45 -28.19
C ALA A 555 5.37 -20.04 -27.75
N ILE A 556 5.68 -19.68 -26.50
CA ILE A 556 5.35 -18.35 -25.98
C ILE A 556 6.51 -17.37 -26.05
N ASN A 557 7.55 -17.70 -26.81
CA ASN A 557 8.69 -16.80 -26.89
C ASN A 557 8.30 -15.41 -27.40
N ARG A 558 8.66 -14.39 -26.64
CA ARG A 558 8.37 -12.99 -26.96
C ARG A 558 6.88 -12.72 -26.97
N ARG A 559 6.12 -13.66 -26.43
CA ARG A 559 4.67 -13.48 -26.43
C ARG A 559 3.95 -14.00 -25.20
N LEU A 560 4.39 -13.54 -24.03
CA LEU A 560 3.77 -13.97 -22.78
C LEU A 560 2.35 -13.40 -22.73
N GLY A 561 1.48 -14.11 -22.03
CA GLY A 561 0.12 -13.66 -21.91
C GLY A 561 -0.69 -14.01 -23.14
N THR A 562 -0.23 -14.96 -23.95
CA THR A 562 -1.00 -15.34 -25.12
C THR A 562 -1.41 -16.81 -25.10
N PHE A 563 -0.59 -17.67 -25.71
CA PHE A 563 -0.90 -19.10 -25.78
C PHE A 563 -1.07 -19.79 -24.45
N GLU A 564 -0.21 -19.49 -23.47
CA GLU A 564 -0.35 -20.16 -22.18
C GLU A 564 -1.67 -19.77 -21.55
N VAL A 565 -2.15 -18.56 -21.81
CA VAL A 565 -3.46 -18.11 -21.27
C VAL A 565 -4.61 -18.78 -22.04
N GLU A 566 -4.52 -18.76 -23.37
CA GLU A 566 -5.53 -19.40 -24.22
C GLU A 566 -5.60 -20.90 -23.96
N ASP A 567 -4.45 -21.54 -23.76
CA ASP A 567 -4.47 -22.97 -23.50
C ASP A 567 -5.19 -23.37 -22.19
N GLN A 568 -5.16 -22.53 -21.16
CA GLN A 568 -5.86 -22.83 -19.93
C GLN A 568 -7.38 -22.77 -20.19
N ILE A 569 -7.81 -21.76 -20.94
CA ILE A 569 -9.21 -21.58 -21.28
C ILE A 569 -9.69 -22.78 -22.07
N GLU A 570 -8.86 -23.30 -22.97
CA GLU A 570 -9.21 -24.49 -23.75
C GLU A 570 -9.37 -25.73 -22.84
N ALA A 571 -8.40 -25.94 -21.94
CA ALA A 571 -8.46 -27.06 -21.02
C ALA A 571 -9.77 -26.99 -20.26
N ALA A 572 -10.07 -25.83 -19.69
CA ALA A 572 -11.32 -25.66 -18.93
C ALA A 572 -12.50 -25.92 -19.82
N ARG A 573 -12.49 -25.35 -21.01
CA ARG A 573 -13.58 -25.55 -21.95
C ARG A 573 -13.75 -27.07 -22.14
N GLN A 574 -12.65 -27.78 -22.34
CA GLN A 574 -12.74 -29.23 -22.51
C GLN A 574 -13.21 -29.98 -21.28
N PHE A 575 -12.79 -29.53 -20.08
CA PHE A 575 -13.22 -30.19 -18.85
C PHE A 575 -14.70 -29.94 -18.62
N SER A 576 -15.16 -28.76 -18.99
CA SER A 576 -16.56 -28.41 -18.81
C SER A 576 -17.46 -29.33 -19.64
N LYS A 577 -16.91 -29.88 -20.72
CA LYS A 577 -17.68 -30.75 -21.57
C LYS A 577 -17.74 -32.17 -21.07
N MET A 578 -16.96 -32.49 -20.04
CA MET A 578 -16.96 -33.84 -19.47
C MET A 578 -18.20 -34.00 -18.56
N GLY A 579 -18.76 -35.20 -18.54
CA GLY A 579 -19.95 -35.45 -17.75
C GLY A 579 -19.92 -35.17 -16.26
N PHE A 580 -18.75 -35.22 -15.63
CA PHE A 580 -18.70 -34.99 -14.19
C PHE A 580 -18.40 -33.55 -13.74
N VAL A 581 -18.37 -32.63 -14.70
CA VAL A 581 -18.08 -31.23 -14.41
C VAL A 581 -19.30 -30.33 -14.64
N ASP A 582 -19.66 -29.57 -13.61
CA ASP A 582 -20.78 -28.63 -13.68
C ASP A 582 -20.30 -27.34 -14.33
N ASN A 583 -20.51 -27.19 -15.64
CA ASN A 583 -20.03 -26.00 -16.34
C ASN A 583 -20.53 -24.65 -15.78
N LYS A 584 -21.47 -24.68 -14.85
CA LYS A 584 -21.94 -23.42 -14.29
C LYS A 584 -21.06 -23.05 -13.10
N ARG A 585 -20.24 -23.99 -12.65
CA ARG A 585 -19.35 -23.75 -11.52
C ARG A 585 -17.88 -24.08 -11.81
N ILE A 586 -17.25 -23.25 -12.62
CA ILE A 586 -15.85 -23.44 -12.93
C ILE A 586 -15.08 -22.21 -12.49
N ALA A 587 -14.02 -22.43 -11.74
CA ALA A 587 -13.22 -21.35 -11.24
C ALA A 587 -11.74 -21.52 -11.57
N ILE A 588 -10.97 -20.46 -11.33
CA ILE A 588 -9.55 -20.49 -11.61
C ILE A 588 -8.80 -19.66 -10.55
N TRP A 589 -7.61 -20.11 -10.17
CA TRP A 589 -6.81 -19.37 -9.20
C TRP A 589 -5.33 -19.64 -9.46
N GLY A 590 -4.52 -18.72 -9.00
CA GLY A 590 -3.09 -18.82 -9.18
C GLY A 590 -2.33 -17.77 -8.40
N TRP A 591 -1.05 -18.03 -8.21
CA TRP A 591 -0.14 -17.20 -7.45
C TRP A 591 1.02 -16.86 -8.36
N SER A 592 1.60 -15.67 -8.20
CA SER A 592 2.73 -15.22 -9.02
C SER A 592 2.34 -15.26 -10.48
N TYR A 593 3.11 -16.00 -11.28
CA TYR A 593 2.82 -16.10 -12.68
C TYR A 593 1.39 -16.60 -12.81
N GLY A 594 0.99 -17.52 -11.94
CA GLY A 594 -0.37 -18.04 -11.98
C GLY A 594 -1.40 -16.95 -11.67
N GLY A 595 -1.02 -15.93 -10.91
CA GLY A 595 -1.93 -14.84 -10.62
C GLY A 595 -2.16 -14.02 -11.89
N TYR A 596 -1.10 -13.85 -12.67
CA TYR A 596 -1.15 -13.12 -13.94
C TYR A 596 -2.06 -13.89 -14.93
N VAL A 597 -1.79 -15.19 -15.11
CA VAL A 597 -2.58 -15.98 -16.03
C VAL A 597 -4.03 -16.01 -15.60
N THR A 598 -4.28 -16.21 -14.32
CA THR A 598 -5.64 -16.23 -13.80
C THR A 598 -6.40 -14.92 -14.14
N SER A 599 -5.70 -13.80 -13.97
CA SER A 599 -6.27 -12.48 -14.24
C SER A 599 -6.49 -12.31 -15.73
N MET A 600 -5.53 -12.74 -16.54
CA MET A 600 -5.67 -12.63 -18.00
C MET A 600 -6.82 -13.51 -18.49
N VAL A 601 -7.01 -14.66 -17.84
CA VAL A 601 -8.11 -15.54 -18.22
C VAL A 601 -9.44 -14.88 -17.85
N LEU A 602 -9.53 -14.37 -16.63
CA LEU A 602 -10.75 -13.75 -16.17
C LEU A 602 -11.10 -12.51 -17.00
N GLY A 603 -10.10 -11.90 -17.64
CA GLY A 603 -10.37 -10.73 -18.44
C GLY A 603 -10.38 -11.02 -19.92
N SER A 604 -10.49 -12.30 -20.27
CA SER A 604 -10.49 -12.71 -21.67
C SER A 604 -11.85 -12.62 -22.34
N GLY A 605 -12.91 -12.62 -21.54
CA GLY A 605 -14.26 -12.58 -22.07
C GLY A 605 -14.70 -13.95 -22.61
N SER A 606 -14.06 -15.03 -22.16
CA SER A 606 -14.39 -16.37 -22.64
C SER A 606 -15.72 -16.88 -22.09
N GLY A 607 -16.14 -16.37 -20.94
CA GLY A 607 -17.40 -16.80 -20.34
C GLY A 607 -17.36 -18.17 -19.68
N VAL A 608 -16.21 -18.83 -19.71
CA VAL A 608 -16.10 -20.15 -19.11
C VAL A 608 -16.00 -20.13 -17.58
N PHE A 609 -15.45 -19.06 -17.04
CA PHE A 609 -15.27 -18.99 -15.60
C PHE A 609 -16.25 -18.09 -14.86
N LYS A 610 -16.70 -18.58 -13.70
CA LYS A 610 -17.64 -17.83 -12.89
C LYS A 610 -16.91 -16.88 -11.96
N CYS A 611 -15.75 -17.35 -11.47
CA CYS A 611 -14.95 -16.56 -10.53
C CYS A 611 -13.48 -17.02 -10.55
N GLY A 612 -12.62 -16.22 -9.92
CA GLY A 612 -11.22 -16.55 -9.87
C GLY A 612 -10.48 -15.78 -8.80
N ILE A 613 -9.33 -16.28 -8.38
CA ILE A 613 -8.53 -15.61 -7.35
C ILE A 613 -7.10 -15.42 -7.84
N ALA A 614 -6.60 -14.20 -7.70
CA ALA A 614 -5.25 -13.85 -8.10
C ALA A 614 -4.45 -13.41 -6.89
N VAL A 615 -3.35 -14.11 -6.61
CA VAL A 615 -2.50 -13.78 -5.47
C VAL A 615 -1.15 -13.28 -5.98
N ALA A 616 -0.80 -12.06 -5.59
CA ALA A 616 0.44 -11.39 -5.98
C ALA A 616 0.75 -11.60 -7.45
N PRO A 617 -0.16 -11.20 -8.34
CA PRO A 617 0.12 -11.41 -9.75
C PRO A 617 0.92 -10.30 -10.41
N VAL A 618 1.52 -10.64 -11.54
CA VAL A 618 2.24 -9.68 -12.36
C VAL A 618 1.07 -9.10 -13.16
N SER A 619 1.07 -7.79 -13.39
CA SER A 619 -0.02 -7.16 -14.13
C SER A 619 0.42 -6.52 -15.46
N ARG A 620 1.68 -6.12 -15.55
CA ARG A 620 2.22 -5.57 -16.81
C ARG A 620 3.72 -5.86 -16.72
N TRP A 621 4.26 -6.47 -17.76
CA TRP A 621 5.64 -6.89 -17.70
C TRP A 621 6.70 -5.85 -17.45
N GLU A 622 6.40 -4.60 -17.74
CA GLU A 622 7.39 -3.57 -17.47
C GLU A 622 7.61 -3.38 -15.96
N TYR A 623 6.72 -3.94 -15.14
CA TYR A 623 6.90 -3.81 -13.69
C TYR A 623 7.73 -4.94 -13.13
N TYR A 624 7.90 -6.04 -13.87
CA TYR A 624 8.66 -7.16 -13.32
C TYR A 624 10.15 -7.01 -13.62
N ASP A 625 10.99 -7.80 -12.93
CA ASP A 625 12.43 -7.67 -13.11
C ASP A 625 12.93 -8.00 -14.49
N SER A 626 14.01 -7.34 -14.88
CA SER A 626 14.62 -7.51 -16.20
C SER A 626 15.10 -8.91 -16.58
N VAL A 627 15.94 -9.52 -15.74
CA VAL A 627 16.50 -10.83 -16.06
C VAL A 627 15.43 -11.87 -16.40
N TYR A 628 14.36 -11.93 -15.62
CA TYR A 628 13.30 -12.88 -15.90
C TYR A 628 12.41 -12.46 -17.07
N THR A 629 11.95 -11.21 -17.05
CA THR A 629 11.06 -10.72 -18.09
C THR A 629 11.67 -10.67 -19.50
N GLU A 630 12.83 -10.04 -19.60
CA GLU A 630 13.51 -9.91 -20.87
C GLU A 630 13.90 -11.27 -21.44
N ARG A 631 14.07 -12.27 -20.58
CA ARG A 631 14.43 -13.60 -21.05
C ARG A 631 13.39 -14.12 -22.02
N TYR A 632 12.12 -13.79 -21.74
CA TYR A 632 11.02 -14.25 -22.55
C TYR A 632 10.43 -13.17 -23.42
N MET A 633 10.62 -11.92 -23.02
CA MET A 633 10.02 -10.82 -23.76
C MET A 633 10.93 -9.90 -24.57
N GLY A 634 12.23 -10.08 -24.49
CA GLY A 634 13.11 -9.16 -25.19
C GLY A 634 12.97 -7.77 -24.53
N LEU A 635 13.55 -6.74 -25.15
CA LEU A 635 13.49 -5.40 -24.58
C LEU A 635 12.20 -4.67 -24.92
N PRO A 636 11.69 -3.86 -23.98
CA PRO A 636 10.46 -3.09 -24.14
C PRO A 636 10.75 -1.73 -24.80
N THR A 637 11.32 -1.80 -25.99
CA THR A 637 11.64 -0.62 -26.80
C THR A 637 10.92 -0.85 -28.10
N PRO A 638 10.56 0.22 -28.82
CA PRO A 638 9.86 0.06 -30.09
C PRO A 638 10.63 -0.70 -31.15
N GLU A 639 11.95 -0.67 -31.10
CA GLU A 639 12.74 -1.41 -32.09
C GLU A 639 12.79 -2.89 -31.70
N ASP A 640 12.28 -3.21 -30.53
CA ASP A 640 12.30 -4.61 -30.10
C ASP A 640 10.91 -5.21 -29.87
N ASN A 641 10.40 -5.17 -28.65
CA ASN A 641 9.11 -5.79 -28.41
C ASN A 641 8.12 -4.99 -27.58
N LEU A 642 8.29 -3.68 -27.57
CA LEU A 642 7.40 -2.82 -26.80
C LEU A 642 5.91 -3.04 -27.06
N ASP A 643 5.49 -3.13 -28.33
CA ASP A 643 4.07 -3.33 -28.61
C ASP A 643 3.50 -4.53 -27.86
N HIS A 644 4.24 -5.63 -27.79
CA HIS A 644 3.66 -6.75 -27.08
C HIS A 644 3.69 -6.54 -25.55
N TYR A 645 4.59 -5.70 -25.08
CA TYR A 645 4.65 -5.40 -23.66
C TYR A 645 3.37 -4.62 -23.33
N ARG A 646 2.96 -3.76 -24.24
CA ARG A 646 1.78 -2.94 -24.01
C ARG A 646 0.44 -3.64 -24.15
N ASN A 647 0.33 -4.68 -24.97
CA ASN A 647 -0.99 -5.30 -25.03
C ASN A 647 -1.08 -6.64 -24.32
N SER A 648 -0.11 -6.92 -23.45
CA SER A 648 -0.14 -8.15 -22.70
C SER A 648 -0.40 -7.85 -21.22
N THR A 649 -1.04 -6.71 -20.94
CA THR A 649 -1.33 -6.33 -19.56
C THR A 649 -2.73 -6.71 -19.13
N VAL A 650 -2.90 -6.83 -17.81
CA VAL A 650 -4.19 -7.15 -17.21
C VAL A 650 -5.07 -5.91 -17.32
N MET A 651 -4.52 -4.76 -16.95
CA MET A 651 -5.27 -3.53 -16.99
C MET A 651 -6.08 -3.29 -18.25
N SER A 652 -5.51 -3.59 -19.42
CA SER A 652 -6.25 -3.36 -20.67
C SER A 652 -7.51 -4.20 -20.81
N ARG A 653 -7.60 -5.28 -20.04
CA ARG A 653 -8.77 -6.16 -20.11
C ARG A 653 -9.82 -5.90 -19.03
N ALA A 654 -9.63 -4.83 -18.26
CA ALA A 654 -10.54 -4.49 -17.15
C ALA A 654 -12.02 -4.66 -17.46
N GLU A 655 -12.46 -4.06 -18.56
CA GLU A 655 -13.86 -4.11 -19.01
C GLU A 655 -14.44 -5.52 -18.99
N ASN A 656 -13.64 -6.51 -19.38
CA ASN A 656 -14.13 -7.89 -19.41
C ASN A 656 -14.38 -8.54 -18.05
N PHE A 657 -13.97 -7.87 -16.98
CA PHE A 657 -14.17 -8.41 -15.65
C PHE A 657 -15.62 -8.27 -15.16
N LYS A 658 -16.44 -7.53 -15.90
CA LYS A 658 -17.83 -7.31 -15.47
C LYS A 658 -18.62 -8.58 -15.27
N GLN A 659 -18.31 -9.62 -16.05
CA GLN A 659 -19.06 -10.86 -15.93
C GLN A 659 -18.52 -11.97 -15.03
N VAL A 660 -17.53 -11.64 -14.19
CA VAL A 660 -16.95 -12.62 -13.27
C VAL A 660 -16.79 -12.08 -11.86
N GLU A 661 -16.49 -12.98 -10.93
CA GLU A 661 -16.25 -12.60 -9.54
C GLU A 661 -14.74 -12.73 -9.34
N TYR A 662 -14.12 -11.63 -8.96
CA TYR A 662 -12.69 -11.56 -8.79
C TYR A 662 -12.23 -11.23 -7.39
N LEU A 663 -11.28 -12.01 -6.87
CA LEU A 663 -10.70 -11.75 -5.57
C LEU A 663 -9.22 -11.51 -5.84
N LEU A 664 -8.75 -10.33 -5.46
CA LEU A 664 -7.36 -9.91 -5.67
C LEU A 664 -6.68 -9.72 -4.32
N ILE A 665 -5.61 -10.48 -4.11
CA ILE A 665 -4.84 -10.48 -2.88
C ILE A 665 -3.35 -10.11 -3.10
N HIS A 666 -2.73 -9.44 -2.13
CA HIS A 666 -1.33 -9.06 -2.30
C HIS A 666 -0.71 -8.58 -1.00
N GLY A 667 0.54 -8.96 -0.76
CA GLY A 667 1.24 -8.51 0.43
C GLY A 667 1.85 -7.14 0.12
N THR A 668 1.79 -6.21 1.07
CA THR A 668 2.33 -4.86 0.88
C THR A 668 3.84 -4.76 0.87
N ALA A 669 4.51 -5.72 1.48
CA ALA A 669 5.98 -5.75 1.54
C ALA A 669 6.58 -6.69 0.49
N ASP A 670 5.84 -6.96 -0.58
CA ASP A 670 6.33 -7.84 -1.65
C ASP A 670 7.45 -7.16 -2.43
N ASP A 671 8.67 -7.67 -2.25
CA ASP A 671 9.87 -7.18 -2.92
C ASP A 671 10.06 -7.82 -4.30
N ASN A 672 9.32 -8.88 -4.57
CA ASN A 672 9.44 -9.61 -5.84
C ASN A 672 8.44 -8.99 -6.84
N VAL A 673 7.15 -9.28 -6.65
CA VAL A 673 6.07 -8.71 -7.48
C VAL A 673 5.54 -7.58 -6.59
N HIS A 674 5.95 -6.36 -6.91
CA HIS A 674 5.58 -5.21 -6.11
C HIS A 674 4.07 -4.97 -6.00
N PHE A 675 3.63 -4.55 -4.82
CA PHE A 675 2.20 -4.28 -4.60
C PHE A 675 1.66 -3.45 -5.78
N GLN A 676 2.52 -2.57 -6.29
CA GLN A 676 2.23 -1.74 -7.44
C GLN A 676 1.44 -2.52 -8.50
N GLN A 677 1.84 -3.76 -8.74
CA GLN A 677 1.17 -4.55 -9.76
C GLN A 677 -0.33 -4.71 -9.50
N SER A 678 -0.72 -5.05 -8.27
CA SER A 678 -2.15 -5.18 -7.96
C SER A 678 -2.78 -3.80 -7.81
N ALA A 679 -1.99 -2.83 -7.39
CA ALA A 679 -2.52 -1.48 -7.22
C ALA A 679 -2.97 -0.93 -8.57
N GLN A 680 -2.26 -1.29 -9.64
CA GLN A 680 -2.65 -0.78 -10.95
C GLN A 680 -3.85 -1.59 -11.47
N ILE A 681 -3.94 -2.86 -11.09
CA ILE A 681 -5.09 -3.69 -11.48
C ILE A 681 -6.35 -3.12 -10.84
N SER A 682 -6.32 -2.89 -9.51
CA SER A 682 -7.50 -2.39 -8.81
C SER A 682 -7.93 -1.04 -9.39
N LYS A 683 -6.97 -0.14 -9.61
CA LYS A 683 -7.29 1.17 -10.16
C LYS A 683 -8.00 1.06 -11.52
N ALA A 684 -7.56 0.09 -12.34
CA ALA A 684 -8.15 -0.13 -13.65
C ALA A 684 -9.61 -0.62 -13.58
N LEU A 685 -9.88 -1.55 -12.67
CA LEU A 685 -11.23 -2.07 -12.49
C LEU A 685 -12.12 -0.95 -11.97
N VAL A 686 -11.59 -0.19 -11.01
CA VAL A 686 -12.33 0.94 -10.48
C VAL A 686 -12.69 1.88 -11.62
N ASP A 687 -11.72 2.14 -12.50
CA ASP A 687 -11.92 3.04 -13.63
C ASP A 687 -13.06 2.64 -14.56
N VAL A 688 -13.27 1.35 -14.82
CA VAL A 688 -14.40 0.95 -15.68
C VAL A 688 -15.65 0.58 -14.88
N GLY A 689 -15.64 0.84 -13.58
CA GLY A 689 -16.80 0.52 -12.75
C GLY A 689 -17.06 -0.97 -12.50
N VAL A 690 -16.01 -1.74 -12.29
CA VAL A 690 -16.19 -3.16 -12.01
C VAL A 690 -15.98 -3.46 -10.54
N ASP A 691 -17.00 -4.06 -9.90
CA ASP A 691 -16.90 -4.43 -8.50
C ASP A 691 -16.07 -5.72 -8.36
N PHE A 692 -15.26 -5.80 -7.32
CA PHE A 692 -14.44 -7.00 -7.08
C PHE A 692 -14.08 -7.05 -5.60
N GLN A 693 -13.45 -8.15 -5.19
CA GLN A 693 -13.01 -8.38 -3.81
C GLN A 693 -11.50 -8.21 -3.69
N ALA A 694 -11.03 -7.67 -2.57
CA ALA A 694 -9.60 -7.47 -2.38
C ALA A 694 -9.17 -7.76 -0.97
N MET A 695 -7.87 -7.98 -0.82
CA MET A 695 -7.29 -8.20 0.48
C MET A 695 -5.80 -7.92 0.39
N TRP A 696 -5.32 -7.00 1.22
CA TRP A 696 -3.89 -6.71 1.24
C TRP A 696 -3.41 -7.38 2.51
N TYR A 697 -2.12 -7.74 2.55
CA TYR A 697 -1.54 -8.33 3.76
C TYR A 697 -0.36 -7.46 4.19
N THR A 698 -0.58 -6.72 5.26
CA THR A 698 0.39 -5.82 5.83
C THR A 698 1.72 -6.46 6.15
N ASP A 699 2.79 -5.91 5.56
CA ASP A 699 4.16 -6.38 5.78
C ASP A 699 4.49 -7.81 5.33
N GLU A 700 3.62 -8.41 4.53
CA GLU A 700 3.89 -9.76 4.04
C GLU A 700 4.58 -9.66 2.68
N ASP A 701 5.48 -10.58 2.37
CA ASP A 701 6.14 -10.52 1.08
C ASP A 701 5.47 -11.43 0.03
N HIS A 702 6.21 -11.84 -0.98
CA HIS A 702 5.64 -12.66 -2.03
C HIS A 702 5.09 -14.04 -1.64
N GLY A 703 5.57 -14.60 -0.54
CA GLY A 703 5.07 -15.91 -0.14
C GLY A 703 3.94 -15.89 0.87
N ILE A 704 3.63 -14.70 1.40
CA ILE A 704 2.58 -14.53 2.41
C ILE A 704 2.58 -15.76 3.30
N ALA A 705 3.78 -16.08 3.78
CA ALA A 705 4.04 -17.27 4.58
C ALA A 705 4.13 -17.15 6.09
N SER A 706 4.07 -15.96 6.65
CA SER A 706 4.12 -15.90 8.10
C SER A 706 2.94 -16.77 8.53
N SER A 707 3.06 -17.43 9.67
CA SER A 707 2.01 -18.31 10.18
C SER A 707 0.57 -17.77 10.22
N THR A 708 0.37 -16.60 10.82
CA THR A 708 -0.95 -16.02 10.89
C THR A 708 -1.51 -15.63 9.51
N ALA A 709 -0.69 -15.00 8.68
CA ALA A 709 -1.13 -14.60 7.35
C ALA A 709 -1.51 -15.79 6.45
N HIS A 710 -0.70 -16.84 6.49
CA HIS A 710 -0.92 -18.05 5.70
C HIS A 710 -2.27 -18.68 6.04
N GLN A 711 -2.59 -18.72 7.33
CA GLN A 711 -3.87 -19.29 7.74
C GLN A 711 -5.01 -18.36 7.30
N HIS A 712 -4.72 -17.07 7.37
CA HIS A 712 -5.73 -16.07 7.02
C HIS A 712 -6.01 -16.04 5.52
N ILE A 713 -4.97 -16.08 4.70
CA ILE A 713 -5.23 -16.03 3.27
C ILE A 713 -6.02 -17.24 2.80
N TYR A 714 -5.62 -18.44 3.21
CA TYR A 714 -6.35 -19.63 2.76
C TYR A 714 -7.76 -19.72 3.35
N THR A 715 -7.98 -19.16 4.53
CA THR A 715 -9.31 -19.18 5.13
C THR A 715 -10.21 -18.29 4.27
N HIS A 716 -9.72 -17.08 4.01
CA HIS A 716 -10.44 -16.10 3.21
C HIS A 716 -10.76 -16.63 1.80
N MET A 717 -9.79 -17.30 1.16
CA MET A 717 -9.98 -17.86 -0.18
C MET A 717 -11.00 -19.00 -0.13
N SER A 718 -10.92 -19.83 0.91
CA SER A 718 -11.87 -20.92 1.06
C SER A 718 -13.29 -20.36 1.12
N HIS A 719 -13.50 -19.31 1.92
CA HIS A 719 -14.83 -18.69 1.99
C HIS A 719 -15.25 -18.20 0.58
N PHE A 720 -14.38 -17.47 -0.08
CA PHE A 720 -14.70 -16.95 -1.42
C PHE A 720 -15.11 -18.04 -2.41
N ILE A 721 -14.34 -19.13 -2.46
CA ILE A 721 -14.63 -20.23 -3.37
C ILE A 721 -15.93 -20.95 -3.02
N LYS A 722 -16.19 -21.20 -1.74
CA LYS A 722 -17.41 -21.88 -1.33
C LYS A 722 -18.64 -21.02 -1.64
N GLN A 723 -18.52 -19.73 -1.44
CA GLN A 723 -19.62 -18.83 -1.76
C GLN A 723 -19.84 -18.81 -3.30
N CYS A 724 -18.77 -18.74 -4.08
CA CYS A 724 -18.89 -18.75 -5.54
C CYS A 724 -19.55 -20.03 -6.04
N PHE A 725 -19.31 -21.15 -5.35
CA PHE A 725 -19.88 -22.43 -5.73
C PHE A 725 -21.20 -22.79 -5.04
N SER A 726 -21.68 -21.92 -4.15
CA SER A 726 -22.93 -22.16 -3.41
C SER A 726 -22.75 -23.37 -2.49
N LEU A 727 -21.54 -23.53 -1.98
CA LEU A 727 -21.22 -24.63 -1.09
C LEU A 727 -21.33 -24.20 0.38
N PRO A 728 -22.16 -24.89 1.16
CA PRO A 728 -22.35 -24.57 2.58
C PRO A 728 -21.03 -24.60 3.35
N THR B 1 -47.33 3.27 -9.18
CA THR B 1 -46.29 3.30 -8.09
C THR B 1 -45.06 4.14 -8.51
N ARG B 2 -44.78 5.21 -7.78
CA ARG B 2 -43.63 6.05 -8.10
C ARG B 2 -42.30 5.33 -7.83
N LYS B 3 -41.29 5.67 -8.62
CA LYS B 3 -39.96 5.08 -8.47
C LYS B 3 -39.35 5.56 -7.14
N THR B 4 -38.31 4.87 -6.68
CA THR B 4 -37.64 5.26 -5.44
C THR B 4 -36.34 5.97 -5.76
N TYR B 5 -35.67 6.48 -4.73
CA TYR B 5 -34.38 7.14 -4.89
C TYR B 5 -33.34 6.00 -4.87
N THR B 6 -32.79 5.67 -6.03
CA THR B 6 -31.84 4.57 -6.15
C THR B 6 -30.39 4.98 -5.99
N LEU B 7 -29.53 3.97 -5.95
CA LEU B 7 -28.10 4.18 -5.82
C LEU B 7 -27.58 4.93 -7.04
N THR B 8 -28.02 4.51 -8.23
CA THR B 8 -27.59 5.18 -9.46
C THR B 8 -27.94 6.67 -9.42
N ASP B 9 -29.14 6.98 -8.94
CA ASP B 9 -29.59 8.36 -8.81
C ASP B 9 -28.58 9.18 -8.01
N TYR B 10 -28.15 8.61 -6.89
CA TYR B 10 -27.17 9.27 -6.03
C TYR B 10 -25.81 9.41 -6.74
N LEU B 11 -25.32 8.33 -7.34
CA LEU B 11 -24.03 8.33 -8.02
C LEU B 11 -23.98 9.15 -9.30
N LYS B 12 -25.14 9.27 -9.96
CA LYS B 12 -25.18 10.02 -11.20
C LYS B 12 -25.72 11.43 -11.05
N ASN B 13 -26.19 11.78 -9.86
CA ASN B 13 -26.74 13.12 -9.62
C ASN B 13 -27.90 13.37 -10.56
N THR B 14 -28.88 12.46 -10.61
CA THR B 14 -30.01 12.69 -11.51
C THR B 14 -30.87 13.81 -10.92
N TYR B 15 -31.05 13.80 -9.61
CA TYR B 15 -31.84 14.84 -8.93
C TYR B 15 -30.87 15.90 -8.41
N ARG B 16 -30.62 16.90 -9.24
CA ARG B 16 -29.67 17.94 -8.91
C ARG B 16 -30.24 19.05 -8.03
N LEU B 17 -29.48 19.38 -7.00
CA LEU B 17 -29.82 20.41 -6.04
C LEU B 17 -29.21 21.71 -6.59
N LYS B 18 -30.05 22.73 -6.79
CA LYS B 18 -29.58 24.02 -7.31
C LYS B 18 -29.20 24.96 -6.19
N LEU B 19 -28.21 25.79 -6.46
CA LEU B 19 -27.80 26.76 -5.47
C LEU B 19 -27.67 28.10 -6.17
N TYR B 20 -27.18 29.09 -5.42
CA TYR B 20 -27.03 30.41 -6.00
C TYR B 20 -25.78 31.05 -5.42
N SER B 21 -24.64 30.81 -6.06
CA SER B 21 -23.36 31.36 -5.59
C SER B 21 -23.09 32.71 -6.21
N LEU B 22 -23.10 33.75 -5.37
CA LEU B 22 -22.86 35.10 -5.86
C LEU B 22 -21.63 35.67 -5.19
N ARG B 23 -21.06 36.72 -5.78
CA ARG B 23 -19.87 37.35 -5.22
C ARG B 23 -20.05 38.84 -5.13
N TRP B 24 -20.12 39.37 -3.91
CA TRP B 24 -20.31 40.79 -3.74
C TRP B 24 -19.06 41.52 -4.21
N ILE B 25 -19.22 42.48 -5.09
CA ILE B 25 -18.09 43.24 -5.59
C ILE B 25 -18.14 44.65 -5.03
N SER B 26 -19.22 44.98 -4.35
CA SER B 26 -19.38 46.31 -3.75
C SER B 26 -20.50 46.26 -2.72
N ASP B 27 -20.98 47.41 -2.27
CA ASP B 27 -22.04 47.41 -1.28
C ASP B 27 -23.44 47.14 -1.85
N HIS B 28 -23.54 46.99 -3.17
CA HIS B 28 -24.85 46.74 -3.73
C HIS B 28 -24.85 46.01 -5.08
N GLU B 29 -23.71 45.50 -5.49
CA GLU B 29 -23.60 44.74 -6.74
C GLU B 29 -22.91 43.40 -6.47
N TYR B 30 -23.32 42.37 -7.20
CA TYR B 30 -22.69 41.07 -7.06
C TYR B 30 -22.61 40.40 -8.41
N LEU B 31 -21.70 39.46 -8.53
CA LEU B 31 -21.49 38.70 -9.75
C LEU B 31 -22.14 37.34 -9.62
N TYR B 32 -22.68 36.84 -10.73
CA TYR B 32 -23.33 35.55 -10.74
C TYR B 32 -23.06 34.91 -12.10
N LYS B 33 -22.79 33.61 -12.09
CA LYS B 33 -22.53 32.90 -13.33
C LYS B 33 -23.79 32.20 -13.86
N GLN B 34 -24.20 32.62 -15.05
CA GLN B 34 -25.38 32.07 -15.72
C GLN B 34 -25.01 31.74 -17.17
N GLU B 35 -24.95 30.45 -17.50
CA GLU B 35 -24.61 30.00 -18.85
C GLU B 35 -23.17 30.38 -19.20
N ASN B 36 -22.23 30.05 -18.32
CA ASN B 36 -20.81 30.36 -18.53
C ASN B 36 -20.58 31.86 -18.70
N ASN B 37 -21.62 32.64 -18.43
CA ASN B 37 -21.52 34.08 -18.54
C ASN B 37 -21.47 34.69 -17.15
N ILE B 38 -20.60 35.68 -17.00
CA ILE B 38 -20.47 36.37 -15.73
C ILE B 38 -21.34 37.62 -15.79
N LEU B 39 -22.41 37.60 -15.02
CA LEU B 39 -23.31 38.74 -14.99
C LEU B 39 -23.14 39.53 -13.71
N VAL B 40 -23.38 40.84 -13.80
CA VAL B 40 -23.32 41.74 -12.66
C VAL B 40 -24.78 42.10 -12.32
N PHE B 41 -25.11 42.06 -11.04
CA PHE B 41 -26.47 42.34 -10.59
C PHE B 41 -26.55 43.51 -9.64
N ASN B 42 -27.62 44.28 -9.78
CA ASN B 42 -27.87 45.40 -8.89
C ASN B 42 -28.82 44.83 -7.84
N ALA B 43 -28.31 44.67 -6.63
CA ALA B 43 -29.06 44.08 -5.53
C ALA B 43 -30.44 44.70 -5.30
N GLU B 44 -30.50 46.03 -5.37
CA GLU B 44 -31.75 46.75 -5.12
C GLU B 44 -32.90 46.52 -6.11
N TYR B 45 -32.60 46.38 -7.39
CA TYR B 45 -33.65 46.18 -8.38
C TYR B 45 -33.62 44.83 -9.10
N GLY B 46 -32.59 44.05 -8.85
CA GLY B 46 -32.51 42.74 -9.48
C GLY B 46 -32.18 42.77 -10.96
N ASN B 47 -32.02 43.97 -11.52
CA ASN B 47 -31.67 44.09 -12.93
C ASN B 47 -30.18 43.82 -13.06
N SER B 48 -29.77 43.25 -14.19
CA SER B 48 -28.37 42.93 -14.40
C SER B 48 -27.82 43.32 -15.79
N SER B 49 -26.60 42.84 -16.06
CA SER B 49 -25.91 43.07 -17.32
C SER B 49 -24.77 42.07 -17.44
N VAL B 50 -24.20 41.98 -18.63
CA VAL B 50 -23.10 41.06 -18.86
C VAL B 50 -21.80 41.73 -18.44
N PHE B 51 -21.08 41.08 -17.56
CA PHE B 51 -19.82 41.61 -17.06
C PHE B 51 -18.69 41.03 -17.92
N LEU B 52 -18.84 39.77 -18.29
CA LEU B 52 -17.84 39.13 -19.13
C LEU B 52 -18.50 38.00 -19.93
N GLU B 53 -18.69 38.25 -21.23
CA GLU B 53 -19.30 37.28 -22.14
C GLU B 53 -18.53 35.98 -22.13
N ASN B 54 -19.25 34.87 -22.23
CA ASN B 54 -18.60 33.57 -22.23
C ASN B 54 -17.57 33.39 -23.38
N SER B 55 -17.84 34.03 -24.51
CA SER B 55 -16.97 33.94 -25.68
C SER B 55 -15.69 34.77 -25.53
N THR B 56 -15.52 35.37 -24.36
CA THR B 56 -14.36 36.22 -24.13
C THR B 56 -13.04 35.46 -24.13
N PHE B 57 -13.05 34.24 -23.62
CA PHE B 57 -11.83 33.44 -23.56
C PHE B 57 -11.88 32.14 -24.37
N ASP B 58 -12.68 32.15 -25.44
CA ASP B 58 -12.80 30.98 -26.32
C ASP B 58 -11.43 30.58 -26.83
N GLU B 59 -10.68 31.57 -27.33
CA GLU B 59 -9.35 31.30 -27.89
C GLU B 59 -8.23 31.55 -26.87
N PHE B 60 -8.45 31.05 -25.65
CA PHE B 60 -7.46 31.19 -24.59
C PHE B 60 -6.46 30.04 -24.64
N GLY B 61 -6.90 28.92 -25.22
CA GLY B 61 -6.03 27.77 -25.35
C GLY B 61 -5.89 27.02 -24.05
N HIS B 62 -6.73 27.39 -23.07
CA HIS B 62 -6.70 26.75 -21.76
C HIS B 62 -8.07 26.79 -21.09
N SER B 63 -8.38 25.74 -20.34
CA SER B 63 -9.64 25.69 -19.63
C SER B 63 -9.46 26.50 -18.33
N ILE B 64 -10.25 27.56 -18.17
CA ILE B 64 -10.17 28.40 -16.98
C ILE B 64 -10.91 27.76 -15.79
N ASN B 65 -10.16 27.42 -14.75
CA ASN B 65 -10.71 26.77 -13.55
C ASN B 65 -11.44 27.71 -12.59
N ASP B 66 -11.07 28.99 -12.59
CA ASP B 66 -11.72 29.95 -11.71
C ASP B 66 -11.22 31.35 -12.09
N TYR B 67 -11.89 32.38 -11.59
CA TYR B 67 -11.49 33.74 -11.92
C TYR B 67 -11.59 34.58 -10.66
N SER B 68 -10.99 35.77 -10.71
CA SER B 68 -11.02 36.65 -9.56
C SER B 68 -10.84 38.09 -10.00
N ILE B 69 -11.84 38.93 -9.74
CA ILE B 69 -11.77 40.33 -10.12
C ILE B 69 -11.10 41.17 -9.03
N SER B 70 -10.24 42.09 -9.46
CA SER B 70 -9.56 42.93 -8.49
C SER B 70 -10.64 43.81 -7.86
N PRO B 71 -10.43 44.20 -6.60
CA PRO B 71 -11.39 45.05 -5.88
C PRO B 71 -11.85 46.30 -6.61
N ASP B 72 -11.02 46.84 -7.49
CA ASP B 72 -11.43 48.06 -8.18
C ASP B 72 -12.06 47.79 -9.53
N GLY B 73 -12.31 46.52 -9.83
CA GLY B 73 -12.91 46.15 -11.09
C GLY B 73 -12.06 46.34 -12.34
N GLN B 74 -10.83 46.82 -12.19
CA GLN B 74 -9.97 47.07 -13.34
C GLN B 74 -9.30 45.85 -13.99
N PHE B 75 -9.12 44.78 -13.22
CA PHE B 75 -8.46 43.60 -13.75
C PHE B 75 -9.14 42.33 -13.28
N ILE B 76 -8.85 41.23 -13.96
CA ILE B 76 -9.41 39.95 -13.57
C ILE B 76 -8.32 38.91 -13.62
N LEU B 77 -8.26 38.11 -12.58
CA LEU B 77 -7.26 37.06 -12.46
C LEU B 77 -7.84 35.74 -12.98
N LEU B 78 -7.23 35.18 -14.00
CA LEU B 78 -7.70 33.94 -14.59
C LEU B 78 -6.82 32.79 -14.12
N GLU B 79 -7.45 31.81 -13.51
CA GLU B 79 -6.74 30.66 -12.98
C GLU B 79 -6.92 29.41 -13.86
N TYR B 80 -5.80 28.80 -14.26
CA TYR B 80 -5.90 27.57 -15.04
C TYR B 80 -4.77 26.63 -14.64
N ASN B 81 -4.77 25.42 -15.20
CA ASN B 81 -3.72 24.45 -14.85
C ASN B 81 -3.85 24.10 -13.38
N TYR B 82 -5.08 23.92 -12.92
CA TYR B 82 -5.34 23.59 -11.52
C TYR B 82 -4.80 22.22 -11.16
N VAL B 83 -3.94 22.18 -10.15
CA VAL B 83 -3.37 20.91 -9.68
C VAL B 83 -3.59 20.82 -8.16
N LYS B 84 -4.58 20.04 -7.77
CA LYS B 84 -4.89 19.86 -6.36
C LYS B 84 -3.76 19.28 -5.52
N GLN B 85 -3.66 19.72 -4.26
CA GLN B 85 -2.67 19.19 -3.33
C GLN B 85 -3.44 18.62 -2.12
N TRP B 86 -3.46 19.31 -0.97
CA TRP B 86 -4.18 18.77 0.17
C TRP B 86 -5.63 19.28 0.22
N ARG B 87 -6.21 19.46 1.41
CA ARG B 87 -7.60 19.92 1.50
C ARG B 87 -7.82 21.28 0.84
N HIS B 88 -6.99 22.26 1.17
CA HIS B 88 -7.16 23.59 0.60
C HIS B 88 -6.08 24.00 -0.41
N SER B 89 -4.86 23.45 -0.26
CA SER B 89 -3.75 23.80 -1.15
C SER B 89 -3.85 23.21 -2.56
N TYR B 90 -3.23 23.91 -3.52
CA TYR B 90 -3.19 23.47 -4.92
C TYR B 90 -2.28 24.43 -5.66
N THR B 91 -1.77 24.04 -6.83
CA THR B 91 -0.94 24.98 -7.60
C THR B 91 -1.68 25.23 -8.91
N ALA B 92 -1.34 26.33 -9.57
CA ALA B 92 -2.02 26.68 -10.79
C ALA B 92 -1.24 27.73 -11.56
N SER B 93 -1.73 28.07 -12.75
CA SER B 93 -1.12 29.10 -13.59
C SER B 93 -2.11 30.24 -13.59
N TYR B 94 -1.62 31.44 -13.82
CA TYR B 94 -2.49 32.60 -13.83
C TYR B 94 -2.16 33.62 -14.90
N ASP B 95 -3.20 34.27 -15.39
CA ASP B 95 -3.04 35.32 -16.36
C ASP B 95 -3.93 36.45 -15.91
N ILE B 96 -3.54 37.67 -16.22
CA ILE B 96 -4.34 38.79 -15.82
C ILE B 96 -4.87 39.43 -17.09
N TYR B 97 -6.16 39.71 -17.08
CA TYR B 97 -6.85 40.32 -18.20
C TYR B 97 -7.20 41.75 -17.79
N ASP B 98 -6.89 42.71 -18.66
CA ASP B 98 -7.18 44.11 -18.40
C ASP B 98 -8.60 44.41 -18.90
N LEU B 99 -9.56 44.51 -17.98
CA LEU B 99 -10.96 44.75 -18.32
C LEU B 99 -11.25 45.99 -19.14
N ASN B 100 -10.62 47.12 -18.80
CA ASN B 100 -10.87 48.34 -19.56
C ASN B 100 -10.27 48.29 -20.97
N LYS B 101 -8.99 47.93 -21.08
CA LYS B 101 -8.30 47.84 -22.37
C LYS B 101 -8.65 46.53 -23.09
N ARG B 102 -9.42 45.66 -22.44
CA ARG B 102 -9.80 44.37 -23.00
C ARG B 102 -8.63 43.56 -23.59
N GLN B 103 -7.42 43.82 -23.11
CA GLN B 103 -6.25 43.06 -23.56
C GLN B 103 -5.74 42.18 -22.42
N LEU B 104 -5.17 41.04 -22.80
CA LEU B 104 -4.59 40.10 -21.84
C LEU B 104 -3.14 40.56 -21.63
N ILE B 105 -2.70 40.61 -20.38
CA ILE B 105 -1.34 41.05 -20.09
C ILE B 105 -0.36 39.94 -20.43
N THR B 106 0.71 40.28 -21.15
CA THR B 106 1.70 39.27 -21.52
C THR B 106 3.10 39.55 -21.03
N GLU B 107 3.27 40.62 -20.26
CA GLU B 107 4.58 40.95 -19.70
C GLU B 107 4.59 40.72 -18.18
N GLU B 108 5.75 40.35 -17.65
CA GLU B 108 5.90 40.13 -16.21
C GLU B 108 4.75 39.30 -15.69
N ARG B 109 4.50 38.18 -16.35
CA ARG B 109 3.43 37.28 -15.98
C ARG B 109 3.73 36.58 -14.67
N ILE B 110 2.67 36.13 -14.02
CA ILE B 110 2.76 35.39 -12.77
C ILE B 110 3.39 34.06 -13.18
N PRO B 111 4.39 33.59 -12.42
CA PRO B 111 5.06 32.33 -12.73
C PRO B 111 4.11 31.14 -12.74
N ASN B 112 4.54 30.07 -13.40
CA ASN B 112 3.77 28.85 -13.44
C ASN B 112 4.11 28.14 -12.13
N ASN B 113 3.18 27.34 -11.63
CA ASN B 113 3.38 26.61 -10.38
C ASN B 113 3.32 27.56 -9.19
N THR B 114 2.46 28.57 -9.27
CA THR B 114 2.33 29.49 -8.17
C THR B 114 1.44 28.81 -7.14
N GLN B 115 1.90 28.87 -5.90
CA GLN B 115 1.21 28.23 -4.80
C GLN B 115 0.03 28.98 -4.28
N TRP B 116 0.08 30.31 -4.39
CA TRP B 116 -1.01 31.13 -3.91
C TRP B 116 -0.93 32.56 -4.39
N VAL B 117 -2.09 33.13 -4.66
CA VAL B 117 -2.16 34.50 -5.13
C VAL B 117 -3.44 35.15 -4.66
N THR B 118 -3.34 36.42 -4.27
CA THR B 118 -4.48 37.18 -3.79
C THR B 118 -4.33 38.66 -4.12
N TRP B 119 -5.45 39.29 -4.49
CA TRP B 119 -5.46 40.72 -4.77
C TRP B 119 -5.38 41.40 -3.40
N SER B 120 -4.96 42.67 -3.37
CA SER B 120 -4.97 43.40 -2.13
C SER B 120 -6.47 43.69 -1.86
N PRO B 121 -6.84 44.06 -0.63
CA PRO B 121 -8.26 44.31 -0.37
C PRO B 121 -8.83 45.50 -1.12
N VAL B 122 -7.96 46.43 -1.51
CA VAL B 122 -8.36 47.62 -2.25
C VAL B 122 -7.41 47.82 -3.42
N GLY B 123 -7.92 48.40 -4.49
CA GLY B 123 -7.10 48.66 -5.67
C GLY B 123 -6.86 47.41 -6.48
N HIS B 124 -5.62 47.21 -6.91
CA HIS B 124 -5.27 46.04 -7.72
C HIS B 124 -3.86 45.50 -7.48
N LYS B 125 -3.33 45.71 -6.27
CA LYS B 125 -2.04 45.17 -5.92
C LYS B 125 -2.21 43.65 -5.88
N LEU B 126 -1.10 42.93 -6.08
CA LEU B 126 -1.12 41.48 -6.08
C LEU B 126 0.01 40.92 -5.25
N ALA B 127 -0.26 39.84 -4.54
CA ALA B 127 0.76 39.19 -3.74
C ALA B 127 0.61 37.71 -4.06
N TYR B 128 1.74 37.02 -4.29
CA TYR B 128 1.69 35.60 -4.58
C TYR B 128 2.89 34.87 -4.03
N VAL B 129 2.75 33.57 -3.90
CA VAL B 129 3.79 32.74 -3.36
C VAL B 129 4.22 31.77 -4.45
N TRP B 130 5.54 31.72 -4.68
CA TRP B 130 6.13 30.87 -5.69
C TRP B 130 7.43 30.30 -5.13
N ASN B 131 7.54 28.98 -5.18
CA ASN B 131 8.71 28.32 -4.65
C ASN B 131 8.92 28.67 -3.19
N ASN B 132 7.81 28.79 -2.45
CA ASN B 132 7.87 29.08 -1.01
C ASN B 132 8.33 30.49 -0.61
N ASP B 133 8.40 31.39 -1.59
CA ASP B 133 8.79 32.79 -1.35
C ASP B 133 7.67 33.73 -1.76
N ILE B 134 7.55 34.85 -1.06
CA ILE B 134 6.51 35.82 -1.33
C ILE B 134 6.95 36.89 -2.30
N TYR B 135 6.04 37.26 -3.20
CA TYR B 135 6.30 38.30 -4.18
C TYR B 135 5.09 39.25 -4.21
N VAL B 136 5.35 40.53 -4.47
CA VAL B 136 4.32 41.56 -4.57
C VAL B 136 4.43 42.32 -5.90
N LYS B 137 3.30 42.58 -6.53
CA LYS B 137 3.28 43.37 -7.76
C LYS B 137 2.38 44.55 -7.47
N ILE B 138 2.91 45.75 -7.62
CA ILE B 138 2.11 46.96 -7.38
C ILE B 138 1.16 47.14 -8.58
N GLU B 139 1.62 46.72 -9.77
CA GLU B 139 0.82 46.82 -11.00
C GLU B 139 0.97 45.52 -11.78
N PRO B 140 -0.16 44.98 -12.30
CA PRO B 140 -0.21 43.74 -13.08
C PRO B 140 0.86 43.55 -14.15
N ASN B 141 1.22 44.61 -14.87
CA ASN B 141 2.22 44.46 -15.92
C ASN B 141 3.65 44.82 -15.53
N LEU B 142 3.87 45.24 -14.30
CA LEU B 142 5.22 45.60 -13.85
C LEU B 142 5.96 44.46 -13.15
N PRO B 143 7.30 44.59 -12.99
CA PRO B 143 8.05 43.51 -12.32
C PRO B 143 7.66 43.32 -10.85
N SER B 144 7.79 42.09 -10.38
CA SER B 144 7.48 41.74 -9.01
C SER B 144 8.61 42.15 -8.08
N TYR B 145 8.27 42.33 -6.81
CA TYR B 145 9.24 42.63 -5.78
C TYR B 145 9.26 41.36 -4.93
N ARG B 146 10.45 40.83 -4.72
CA ARG B 146 10.59 39.63 -3.92
C ARG B 146 10.64 40.07 -2.45
N ILE B 147 9.82 39.42 -1.62
CA ILE B 147 9.75 39.75 -0.19
C ILE B 147 10.64 38.88 0.70
N THR B 148 10.80 37.61 0.34
CA THR B 148 11.59 36.66 1.13
C THR B 148 12.55 35.87 0.25
N TRP B 149 13.63 35.39 0.86
CA TRP B 149 14.64 34.63 0.12
C TRP B 149 14.98 33.30 0.79
N THR B 150 14.27 32.98 1.87
CA THR B 150 14.51 31.75 2.61
C THR B 150 13.67 30.55 2.19
N GLY B 151 12.65 30.78 1.38
CA GLY B 151 11.79 29.68 0.94
C GLY B 151 12.56 28.43 0.54
N LYS B 152 12.08 27.28 1.00
CA LYS B 152 12.75 26.01 0.66
C LYS B 152 11.73 24.88 0.73
N GLU B 153 11.60 24.16 -0.39
CA GLU B 153 10.66 23.05 -0.52
C GLU B 153 10.65 22.12 0.67
N ASP B 154 9.48 21.96 1.29
CA ASP B 154 9.30 21.10 2.47
C ASP B 154 10.10 21.56 3.68
N ILE B 155 10.68 22.75 3.64
CA ILE B 155 11.46 23.19 4.78
C ILE B 155 11.00 24.53 5.34
N ILE B 156 11.13 25.58 4.54
CA ILE B 156 10.70 26.89 4.97
C ILE B 156 9.56 27.33 4.07
N TYR B 157 8.44 27.68 4.71
CA TYR B 157 7.24 28.14 4.00
C TYR B 157 6.94 29.61 4.32
N ASN B 158 7.04 30.50 3.33
CA ASN B 158 6.76 31.90 3.55
C ASN B 158 5.44 32.27 2.89
N GLY B 159 4.48 32.76 3.67
CA GLY B 159 3.20 33.13 3.08
C GLY B 159 2.24 31.99 2.83
N ILE B 160 2.68 30.75 3.06
CA ILE B 160 1.79 29.60 2.88
C ILE B 160 2.03 28.69 4.05
N THR B 161 1.03 27.87 4.34
CA THR B 161 1.11 26.94 5.45
C THR B 161 1.73 25.58 5.12
N ASP B 162 2.16 24.87 6.15
CA ASP B 162 2.70 23.53 5.93
C ASP B 162 1.49 22.62 6.10
N TRP B 163 1.68 21.31 5.91
CA TRP B 163 0.55 20.39 6.00
C TRP B 163 -0.34 20.52 7.25
N VAL B 164 0.26 20.53 8.44
CA VAL B 164 -0.55 20.62 9.65
C VAL B 164 -1.21 21.98 9.86
N TYR B 165 -0.54 23.08 9.55
CA TYR B 165 -1.17 24.39 9.73
C TYR B 165 -2.33 24.54 8.75
N GLU B 166 -2.17 24.02 7.53
CA GLU B 166 -3.23 24.09 6.52
C GLU B 166 -4.48 23.33 6.97
N GLU B 167 -4.27 22.09 7.39
CA GLU B 167 -5.35 21.22 7.83
C GLU B 167 -5.99 21.53 9.18
N GLU B 168 -5.17 21.72 10.22
CA GLU B 168 -5.71 21.93 11.55
C GLU B 168 -5.80 23.33 12.14
N VAL B 169 -5.07 24.31 11.59
CA VAL B 169 -5.12 25.64 12.16
C VAL B 169 -5.80 26.70 11.30
N PHE B 170 -5.27 26.95 10.10
CA PHE B 170 -5.86 27.99 9.25
C PHE B 170 -6.90 27.55 8.23
N SER B 171 -7.09 26.25 8.03
CA SER B 171 -8.05 25.75 7.06
C SER B 171 -7.87 26.46 5.74
N ALA B 172 -6.60 26.74 5.42
CA ALA B 172 -6.26 27.43 4.18
C ALA B 172 -4.80 27.19 3.88
N TYR B 173 -4.41 27.48 2.64
CA TYR B 173 -3.04 27.31 2.22
C TYR B 173 -2.30 28.62 2.43
N SER B 174 -3.00 29.72 2.24
CA SER B 174 -2.37 31.00 2.40
C SER B 174 -2.14 31.34 3.85
N ALA B 175 -1.02 32.02 4.06
CA ALA B 175 -0.59 32.49 5.37
C ALA B 175 -0.10 33.94 5.18
N LEU B 176 -0.93 34.75 4.56
CA LEU B 176 -0.58 36.16 4.41
C LEU B 176 -1.84 37.00 4.54
N TRP B 177 -1.68 38.20 5.07
CA TRP B 177 -2.81 39.06 5.34
C TRP B 177 -2.60 40.52 4.98
N TRP B 178 -3.29 41.00 3.95
CA TRP B 178 -3.17 42.40 3.56
C TRP B 178 -3.89 43.25 4.62
N SER B 179 -3.36 44.42 4.94
CA SER B 179 -4.02 45.29 5.89
C SER B 179 -5.21 45.87 5.09
N PRO B 180 -6.22 46.43 5.77
CA PRO B 180 -7.42 46.98 5.13
C PRO B 180 -7.29 47.81 3.85
N ASN B 181 -6.39 48.78 3.80
CA ASN B 181 -6.26 49.57 2.58
C ASN B 181 -5.06 49.10 1.72
N GLY B 182 -4.51 47.94 2.09
CA GLY B 182 -3.41 47.36 1.35
C GLY B 182 -1.99 47.88 1.52
N THR B 183 -1.77 48.81 2.44
CA THR B 183 -0.43 49.34 2.65
C THR B 183 0.54 48.27 3.16
N PHE B 184 0.13 47.57 4.22
CA PHE B 184 0.99 46.53 4.80
C PHE B 184 0.59 45.12 4.35
N LEU B 185 1.57 44.22 4.35
CA LEU B 185 1.31 42.81 4.02
C LEU B 185 1.96 42.03 5.15
N ALA B 186 1.13 41.33 5.91
CA ALA B 186 1.62 40.54 7.03
C ALA B 186 1.66 39.08 6.60
N TYR B 187 2.54 38.29 7.18
CA TYR B 187 2.60 36.88 6.81
C TYR B 187 3.28 36.02 7.86
N ALA B 188 3.04 34.73 7.77
CA ALA B 188 3.63 33.78 8.69
C ALA B 188 4.71 32.99 7.93
N GLN B 189 5.68 32.49 8.68
CA GLN B 189 6.77 31.71 8.12
C GLN B 189 6.85 30.47 8.98
N PHE B 190 6.84 29.32 8.33
CA PHE B 190 6.89 28.06 9.04
C PHE B 190 8.19 27.37 8.71
N ASN B 191 8.82 26.84 9.75
CA ASN B 191 10.08 26.13 9.62
C ASN B 191 9.83 24.67 10.01
N ASP B 192 9.93 23.76 9.03
CA ASP B 192 9.70 22.33 9.29
C ASP B 192 10.99 21.52 9.25
N THR B 193 12.13 22.19 9.40
CA THR B 193 13.41 21.53 9.33
C THR B 193 13.49 20.21 10.08
N GLU B 194 13.05 20.19 11.33
CA GLU B 194 13.13 18.97 12.13
C GLU B 194 11.86 18.14 12.26
N VAL B 195 10.87 18.47 11.45
CA VAL B 195 9.62 17.73 11.45
C VAL B 195 9.74 16.41 10.68
N PRO B 196 9.36 15.28 11.31
CA PRO B 196 9.46 13.98 10.62
C PRO B 196 8.58 13.92 9.40
N LEU B 197 8.96 13.10 8.43
CA LEU B 197 8.25 12.95 7.17
C LEU B 197 7.39 11.71 7.08
N ILE B 198 6.17 11.84 6.55
CA ILE B 198 5.37 10.65 6.32
C ILE B 198 5.76 10.33 4.90
N GLU B 199 5.90 9.04 4.61
CA GLU B 199 6.30 8.58 3.29
C GLU B 199 5.37 7.46 2.85
N TYR B 200 4.88 7.55 1.61
CA TYR B 200 4.01 6.53 1.08
C TYR B 200 4.19 6.51 -0.44
N SER B 201 3.81 5.40 -1.06
CA SER B 201 3.93 5.26 -2.50
C SER B 201 2.75 5.84 -3.23
N PHE B 202 3.02 6.43 -4.39
CA PHE B 202 2.00 6.95 -5.28
C PHE B 202 2.31 6.23 -6.59
N TYR B 203 1.36 5.47 -7.09
CA TYR B 203 1.61 4.71 -8.29
C TYR B 203 1.40 5.43 -9.60
N SER B 204 0.46 6.40 -9.64
CA SER B 204 0.23 7.18 -10.84
C SER B 204 -0.33 6.35 -12.02
N ASP B 205 -0.24 6.92 -13.22
CA ASP B 205 -0.70 6.23 -14.42
C ASP B 205 0.11 4.95 -14.65
N GLU B 206 -0.55 3.98 -15.27
CA GLU B 206 0.03 2.70 -15.58
C GLU B 206 1.41 2.81 -16.25
N SER B 207 1.65 3.91 -16.96
CA SER B 207 2.92 4.13 -17.66
C SER B 207 4.14 4.39 -16.77
N LEU B 208 3.93 4.72 -15.50
CA LEU B 208 5.07 4.96 -14.61
C LEU B 208 5.63 3.59 -14.19
N GLN B 209 6.88 3.30 -14.56
CA GLN B 209 7.47 2.00 -14.26
C GLN B 209 7.78 1.81 -12.78
N TYR B 210 8.35 2.83 -12.15
CA TYR B 210 8.71 2.77 -10.74
C TYR B 210 7.79 3.68 -9.93
N PRO B 211 7.18 3.15 -8.86
CA PRO B 211 6.29 3.99 -8.06
C PRO B 211 7.06 5.16 -7.50
N LYS B 212 6.36 6.26 -7.28
CA LYS B 212 6.96 7.45 -6.71
C LYS B 212 6.71 7.42 -5.19
N THR B 213 7.65 7.94 -4.41
CA THR B 213 7.48 7.99 -2.95
C THR B 213 7.18 9.42 -2.52
N VAL B 214 5.97 9.65 -2.05
CA VAL B 214 5.58 10.97 -1.61
C VAL B 214 6.10 11.22 -0.20
N ARG B 215 6.78 12.34 -0.02
CA ARG B 215 7.35 12.70 1.27
C ARG B 215 6.85 14.08 1.70
N VAL B 216 6.14 14.11 2.81
CA VAL B 216 5.64 15.37 3.33
C VAL B 216 5.85 15.50 4.82
N PRO B 217 6.39 16.65 5.26
CA PRO B 217 6.64 16.91 6.69
C PRO B 217 5.26 16.85 7.37
N TYR B 218 5.13 16.00 8.36
CA TYR B 218 3.88 15.78 9.04
C TYR B 218 4.20 15.33 10.45
N PRO B 219 3.90 16.18 11.45
CA PRO B 219 4.15 15.86 12.86
C PRO B 219 3.06 15.01 13.49
N LYS B 220 3.37 13.75 13.78
CA LYS B 220 2.39 12.90 14.44
C LYS B 220 2.34 13.29 15.93
N ALA B 221 1.39 12.75 16.68
CA ALA B 221 1.30 13.09 18.11
C ALA B 221 2.63 12.93 18.86
N GLY B 222 3.02 13.99 19.57
CA GLY B 222 4.24 13.97 20.37
C GLY B 222 5.52 14.25 19.61
N ALA B 223 5.43 14.39 18.29
CA ALA B 223 6.59 14.64 17.44
C ALA B 223 7.02 16.10 17.40
N VAL B 224 8.18 16.36 16.80
CA VAL B 224 8.69 17.72 16.67
C VAL B 224 7.80 18.50 15.70
N ASN B 225 7.26 19.61 16.19
CA ASN B 225 6.37 20.44 15.43
C ASN B 225 7.13 21.50 14.70
N PRO B 226 6.49 22.14 13.71
CA PRO B 226 7.16 23.21 12.97
C PRO B 226 7.14 24.43 13.89
N THR B 227 8.13 25.30 13.74
CA THR B 227 8.18 26.52 14.52
C THR B 227 7.65 27.54 13.54
N VAL B 228 7.29 28.71 14.05
CA VAL B 228 6.69 29.73 13.22
C VAL B 228 7.13 31.10 13.65
N LYS B 229 7.14 32.02 12.68
CA LYS B 229 7.49 33.41 12.91
C LYS B 229 6.49 34.27 12.12
N PHE B 230 6.28 35.51 12.58
CA PHE B 230 5.35 36.44 11.95
C PHE B 230 6.07 37.74 11.56
N PHE B 231 5.75 38.27 10.38
CA PHE B 231 6.37 39.51 9.93
C PHE B 231 5.35 40.39 9.25
N VAL B 232 5.73 41.64 9.02
CA VAL B 232 4.90 42.62 8.35
C VAL B 232 5.84 43.48 7.49
N VAL B 233 5.51 43.63 6.20
CA VAL B 233 6.30 44.46 5.32
C VAL B 233 5.37 45.56 4.80
N ASN B 234 5.93 46.75 4.60
CA ASN B 234 5.20 47.91 4.08
C ASN B 234 5.37 47.93 2.55
N THR B 235 4.36 47.45 1.85
CA THR B 235 4.42 47.37 0.39
C THR B 235 4.52 48.71 -0.31
N ASP B 236 4.05 49.78 0.34
CA ASP B 236 4.11 51.12 -0.24
C ASP B 236 5.52 51.63 -0.40
N SER B 237 6.45 51.05 0.34
CA SER B 237 7.83 51.49 0.25
C SER B 237 8.64 50.65 -0.75
N LEU B 238 8.02 49.60 -1.28
CA LEU B 238 8.70 48.71 -2.22
C LEU B 238 9.38 49.38 -3.41
N SER B 239 8.75 50.39 -3.99
CA SER B 239 9.32 51.06 -5.15
C SER B 239 10.33 52.15 -4.80
N SER B 240 10.56 52.37 -3.51
CA SER B 240 11.51 53.38 -3.04
C SER B 240 12.76 52.79 -2.41
N VAL B 241 12.76 51.49 -2.15
CA VAL B 241 13.93 50.85 -1.55
C VAL B 241 14.28 49.57 -2.33
N THR B 242 15.56 49.20 -2.31
CA THR B 242 15.97 48.01 -3.03
C THR B 242 15.44 46.74 -2.38
N ASN B 243 15.43 46.70 -1.05
CA ASN B 243 14.99 45.53 -0.32
C ASN B 243 14.17 45.87 0.92
N ALA B 244 12.85 46.06 0.77
CA ALA B 244 11.97 46.41 1.88
C ALA B 244 12.15 45.47 3.09
N THR B 245 12.12 46.05 4.28
CA THR B 245 12.32 45.30 5.53
C THR B 245 11.07 44.65 6.10
N SER B 246 11.16 43.35 6.36
CA SER B 246 10.06 42.58 6.95
C SER B 246 10.21 42.72 8.47
N ILE B 247 9.32 43.48 9.11
CA ILE B 247 9.42 43.67 10.54
C ILE B 247 8.82 42.49 11.29
N GLN B 248 9.62 41.85 12.14
CA GLN B 248 9.10 40.71 12.87
C GLN B 248 8.33 41.13 14.11
N ILE B 249 7.27 40.39 14.41
CA ILE B 249 6.52 40.64 15.61
C ILE B 249 6.67 39.35 16.38
N THR B 250 7.44 39.39 17.46
CA THR B 250 7.66 38.18 18.24
C THR B 250 6.51 37.79 19.16
N ALA B 251 6.40 36.48 19.37
CA ALA B 251 5.37 35.93 20.22
C ALA B 251 5.63 36.42 21.64
N PRO B 252 4.59 36.41 22.49
CA PRO B 252 4.74 36.85 23.89
C PRO B 252 5.59 35.87 24.69
N ALA B 253 6.17 36.36 25.79
CA ALA B 253 7.01 35.55 26.67
C ALA B 253 6.31 34.28 27.14
N SER B 254 5.02 34.40 27.42
CA SER B 254 4.25 33.25 27.87
C SER B 254 4.16 32.12 26.84
N MET B 255 4.52 32.39 25.59
CA MET B 255 4.47 31.38 24.53
C MET B 255 5.87 30.89 24.19
N LEU B 256 6.86 31.78 24.27
CA LEU B 256 8.23 31.41 23.95
C LEU B 256 8.88 30.43 24.93
N ILE B 257 8.27 30.20 26.09
CA ILE B 257 8.85 29.25 27.05
C ILE B 257 8.77 27.83 26.52
N GLY B 258 7.82 27.56 25.64
CA GLY B 258 7.69 26.21 25.11
C GLY B 258 7.18 26.22 23.69
N ASP B 259 6.82 25.05 23.16
CA ASP B 259 6.27 24.94 21.81
C ASP B 259 4.92 25.67 21.80
N HIS B 260 4.60 26.32 20.69
CA HIS B 260 3.34 27.06 20.57
C HIS B 260 2.93 27.10 19.11
N TYR B 261 1.83 27.78 18.83
CA TYR B 261 1.32 27.93 17.47
C TYR B 261 0.78 29.34 17.24
N LEU B 262 0.84 29.79 15.99
CA LEU B 262 0.21 31.06 15.65
C LEU B 262 -1.18 30.54 15.23
N CYS B 263 -2.24 30.97 15.88
CA CYS B 263 -3.54 30.42 15.48
C CYS B 263 -4.55 31.38 14.90
N ASP B 264 -4.23 32.67 14.86
CA ASP B 264 -5.15 33.66 14.30
C ASP B 264 -4.49 35.00 13.98
N VAL B 265 -4.84 35.56 12.83
CA VAL B 265 -4.32 36.86 12.42
C VAL B 265 -5.51 37.69 11.94
N THR B 266 -5.68 38.86 12.56
CA THR B 266 -6.80 39.73 12.20
C THR B 266 -6.41 41.20 12.31
N TRP B 267 -6.47 41.90 11.18
CA TRP B 267 -6.18 43.33 11.15
C TRP B 267 -7.34 44.08 11.80
N ALA B 268 -7.01 45.09 12.60
CA ALA B 268 -8.05 45.89 13.26
C ALA B 268 -8.27 47.19 12.52
N THR B 269 -7.18 47.85 12.13
CA THR B 269 -7.23 49.12 11.40
C THR B 269 -6.01 49.11 10.47
N GLN B 270 -5.78 50.23 9.81
CA GLN B 270 -4.67 50.39 8.90
C GLN B 270 -3.32 50.27 9.60
N GLU B 271 -3.29 50.46 10.92
CA GLU B 271 -2.03 50.41 11.64
C GLU B 271 -2.09 49.65 12.96
N ARG B 272 -3.01 48.70 13.04
CA ARG B 272 -3.17 47.88 14.21
C ARG B 272 -3.53 46.45 13.79
N ILE B 273 -2.73 45.50 14.20
CA ILE B 273 -3.01 44.11 13.86
C ILE B 273 -3.13 43.28 15.16
N SER B 274 -4.00 42.28 15.14
CA SER B 274 -4.15 41.44 16.33
C SER B 274 -3.70 40.01 15.99
N LEU B 275 -3.07 39.36 16.95
CA LEU B 275 -2.59 37.99 16.77
C LEU B 275 -2.89 37.16 17.98
N GLN B 276 -3.31 35.91 17.74
CA GLN B 276 -3.57 35.01 18.83
C GLN B 276 -2.60 33.85 18.76
N TRP B 277 -2.00 33.55 19.91
CA TRP B 277 -1.05 32.46 20.01
C TRP B 277 -1.63 31.41 20.95
N LEU B 278 -1.30 30.15 20.68
CA LEU B 278 -1.79 29.03 21.44
C LEU B 278 -0.62 28.12 21.85
N ARG B 279 -0.57 27.73 23.12
CA ARG B 279 0.49 26.85 23.59
C ARG B 279 0.25 25.46 23.05
N ARG B 280 1.33 24.70 22.86
CA ARG B 280 1.18 23.33 22.38
C ARG B 280 0.15 22.59 23.25
N ILE B 281 0.06 22.92 24.54
CA ILE B 281 -0.99 22.34 25.37
C ILE B 281 -2.08 23.39 25.13
N GLN B 282 -2.96 23.06 24.19
CA GLN B 282 -4.01 23.95 23.72
C GLN B 282 -5.12 24.41 24.66
N ASN B 283 -4.78 24.75 25.90
CA ASN B 283 -5.80 25.23 26.84
C ASN B 283 -5.44 26.63 27.36
N TYR B 284 -4.53 27.29 26.65
CA TYR B 284 -4.06 28.63 26.99
C TYR B 284 -3.63 29.40 25.73
N SER B 285 -4.32 30.49 25.44
CA SER B 285 -4.01 31.31 24.27
C SER B 285 -3.89 32.76 24.67
N VAL B 286 -3.10 33.51 23.90
CA VAL B 286 -2.90 34.93 24.16
C VAL B 286 -3.07 35.76 22.90
N MET B 287 -3.77 36.89 23.03
CA MET B 287 -3.96 37.78 21.90
C MET B 287 -3.15 39.03 22.13
N ASP B 288 -2.33 39.39 21.16
CA ASP B 288 -1.53 40.60 21.22
C ASP B 288 -2.17 41.56 20.24
N ILE B 289 -2.21 42.84 20.58
CA ILE B 289 -2.75 43.83 19.68
C ILE B 289 -1.58 44.76 19.47
N CYS B 290 -1.14 44.84 18.21
CA CYS B 290 0.05 45.60 17.88
C CYS B 290 -0.16 46.81 16.98
N ASP B 291 0.46 47.92 17.36
CA ASP B 291 0.36 49.16 16.63
C ASP B 291 1.63 49.54 15.91
N TYR B 292 1.46 50.14 14.73
CA TYR B 292 2.60 50.58 13.94
C TYR B 292 3.16 51.86 14.55
N ASP B 293 4.47 51.87 14.78
CA ASP B 293 5.16 53.03 15.34
C ASP B 293 5.88 53.76 14.20
N GLU B 294 5.19 54.75 13.64
CA GLU B 294 5.67 55.53 12.51
C GLU B 294 7.08 56.08 12.60
N SER B 295 7.53 56.40 13.81
CA SER B 295 8.87 56.96 13.96
C SER B 295 9.96 55.91 13.83
N SER B 296 9.69 54.70 14.31
CA SER B 296 10.67 53.62 14.25
C SER B 296 10.32 52.55 13.22
N GLY B 297 9.21 52.74 12.53
CA GLY B 297 8.81 51.76 11.54
C GLY B 297 8.72 50.36 12.15
N ARG B 298 8.55 50.30 13.46
CA ARG B 298 8.43 49.04 14.19
C ARG B 298 6.98 48.76 14.64
N TRP B 299 6.72 47.54 15.08
CA TRP B 299 5.39 47.17 15.56
C TRP B 299 5.50 46.81 17.03
N ASN B 300 4.73 47.50 17.87
CA ASN B 300 4.78 47.23 19.30
C ASN B 300 3.44 46.75 19.85
N CYS B 301 3.50 45.74 20.72
CA CYS B 301 2.29 45.21 21.32
C CYS B 301 2.30 45.49 22.84
N LEU B 302 1.54 46.50 23.27
CA LEU B 302 1.47 46.84 24.71
C LEU B 302 0.81 45.72 25.49
N VAL B 303 1.42 45.35 26.60
CA VAL B 303 0.85 44.28 27.38
C VAL B 303 -0.52 44.68 27.94
N ALA B 304 -0.78 45.98 28.09
CA ALA B 304 -2.08 46.43 28.59
C ALA B 304 -3.19 46.08 27.58
N ARG B 305 -2.79 45.73 26.36
CA ARG B 305 -3.74 45.38 25.31
C ARG B 305 -3.73 43.89 25.01
N GLN B 306 -3.04 43.14 25.85
CA GLN B 306 -2.91 41.70 25.71
C GLN B 306 -4.07 41.00 26.41
N HIS B 307 -4.74 40.08 25.71
CA HIS B 307 -5.87 39.34 26.28
C HIS B 307 -5.64 37.84 26.37
N ILE B 308 -5.86 37.31 27.56
CA ILE B 308 -5.66 35.89 27.83
C ILE B 308 -6.97 35.11 27.73
N GLU B 309 -6.90 33.94 27.10
CA GLU B 309 -8.09 33.09 26.95
C GLU B 309 -7.70 31.66 27.24
N MET B 310 -8.17 31.11 28.35
CA MET B 310 -7.83 29.75 28.72
C MET B 310 -9.04 28.91 29.08
N SER B 311 -8.83 27.61 29.22
CA SER B 311 -9.91 26.72 29.61
C SER B 311 -9.43 25.81 30.72
N THR B 312 -10.35 25.53 31.64
CA THR B 312 -10.09 24.68 32.79
C THR B 312 -10.66 23.28 32.56
N THR B 313 -11.69 23.20 31.72
CA THR B 313 -12.34 21.93 31.42
C THR B 313 -11.92 21.28 30.09
N GLY B 314 -11.31 22.05 29.19
CA GLY B 314 -10.88 21.48 27.92
C GLY B 314 -9.84 22.30 27.16
N TRP B 315 -10.02 22.35 25.84
CA TRP B 315 -9.12 23.12 24.97
C TRP B 315 -9.81 24.48 24.75
N VAL B 316 -9.11 25.42 24.10
CA VAL B 316 -9.67 26.74 23.85
C VAL B 316 -10.33 26.82 22.47
N GLY B 317 -11.58 27.26 22.43
CA GLY B 317 -12.32 27.39 21.19
C GLY B 317 -12.98 26.08 20.78
N ARG B 318 -13.89 26.12 19.80
CA ARG B 318 -14.52 24.87 19.35
C ARG B 318 -13.41 24.02 18.73
N PHE B 319 -12.66 24.60 17.79
CA PHE B 319 -11.55 23.89 17.15
C PHE B 319 -10.26 24.70 17.29
N ARG B 320 -10.43 25.96 17.71
CA ARG B 320 -9.33 26.89 17.94
C ARG B 320 -9.93 28.21 18.42
N PRO B 321 -9.11 29.08 19.05
CA PRO B 321 -9.65 30.36 19.54
C PRO B 321 -10.35 31.09 18.40
N SER B 322 -11.51 31.66 18.69
CA SER B 322 -12.33 32.39 17.71
C SER B 322 -11.69 33.72 17.29
N GLU B 323 -12.16 34.25 16.16
CA GLU B 323 -11.61 35.48 15.64
C GLU B 323 -12.31 36.72 16.16
N PRO B 324 -11.54 37.78 16.46
CA PRO B 324 -12.11 39.03 16.96
C PRO B 324 -12.71 39.84 15.82
N HIS B 325 -13.73 40.64 16.12
CA HIS B 325 -14.38 41.49 15.12
C HIS B 325 -14.30 42.90 15.69
N PHE B 326 -13.42 43.71 15.12
CA PHE B 326 -13.20 45.06 15.61
C PHE B 326 -14.16 46.11 15.09
N THR B 327 -14.45 47.10 15.93
CA THR B 327 -15.30 48.22 15.54
C THR B 327 -14.40 49.08 14.64
N LEU B 328 -15.02 49.92 13.80
CA LEU B 328 -14.27 50.77 12.88
C LEU B 328 -12.97 51.43 13.41
N ASP B 329 -13.06 52.10 14.57
CA ASP B 329 -11.90 52.77 15.16
C ASP B 329 -10.86 51.82 15.78
N GLY B 330 -11.13 50.53 15.72
CA GLY B 330 -10.20 49.55 16.26
C GLY B 330 -9.94 49.62 17.75
N ASN B 331 -10.81 50.30 18.50
CA ASN B 331 -10.61 50.41 19.95
C ASN B 331 -11.37 49.38 20.80
N SER B 332 -12.23 48.60 20.17
CA SER B 332 -12.99 47.58 20.89
C SER B 332 -13.31 46.48 19.89
N PHE B 333 -13.66 45.30 20.38
CA PHE B 333 -13.96 44.20 19.46
C PHE B 333 -14.89 43.18 20.10
N TYR B 334 -15.53 42.39 19.25
CA TYR B 334 -16.45 41.37 19.72
C TYR B 334 -15.85 40.01 19.41
N LYS B 335 -15.91 39.09 20.37
CA LYS B 335 -15.34 37.75 20.21
C LYS B 335 -16.27 36.74 20.89
N ILE B 336 -16.32 35.54 20.34
CA ILE B 336 -17.15 34.49 20.93
C ILE B 336 -16.28 33.70 21.89
N ILE B 337 -16.74 33.51 23.12
CA ILE B 337 -15.99 32.74 24.08
C ILE B 337 -17.03 32.04 24.95
N SER B 338 -16.64 30.96 25.63
CA SER B 338 -17.62 30.29 26.46
C SER B 338 -17.71 31.01 27.80
N ASN B 339 -18.92 31.19 28.30
CA ASN B 339 -19.11 31.90 29.56
C ASN B 339 -18.92 30.99 30.77
N GLU B 340 -19.32 31.47 31.95
CA GLU B 340 -19.19 30.68 33.17
C GLU B 340 -20.02 29.38 33.15
N GLU B 341 -21.14 29.37 32.41
CA GLU B 341 -21.99 28.18 32.30
C GLU B 341 -21.46 27.25 31.21
N GLY B 342 -20.42 27.68 30.50
CA GLY B 342 -19.88 26.84 29.45
C GLY B 342 -20.54 26.98 28.09
N TYR B 343 -21.30 28.07 27.87
CA TYR B 343 -21.92 28.28 26.57
C TYR B 343 -21.21 29.41 25.85
N ARG B 344 -21.05 29.24 24.55
CA ARG B 344 -20.34 30.22 23.76
C ARG B 344 -21.21 31.39 23.37
N HIS B 345 -20.78 32.55 23.81
CA HIS B 345 -21.51 33.77 23.55
C HIS B 345 -20.59 34.89 23.15
N ILE B 346 -21.20 36.00 22.73
CA ILE B 346 -20.45 37.13 22.29
C ILE B 346 -20.05 38.03 23.45
N CYS B 347 -18.75 38.26 23.60
CA CYS B 347 -18.25 39.12 24.65
C CYS B 347 -17.73 40.39 23.98
N TYR B 348 -18.01 41.54 24.59
CA TYR B 348 -17.56 42.82 24.06
C TYR B 348 -16.31 43.27 24.84
N PHE B 349 -15.23 43.51 24.11
CA PHE B 349 -13.94 43.91 24.68
C PHE B 349 -13.48 45.33 24.33
N GLN B 350 -12.82 45.98 25.30
CA GLN B 350 -12.20 47.29 25.08
C GLN B 350 -10.77 46.78 24.88
N ILE B 351 -10.04 47.26 23.88
CA ILE B 351 -8.72 46.70 23.64
C ILE B 351 -7.70 46.74 24.76
N ASP B 352 -7.91 47.63 25.71
CA ASP B 352 -6.97 47.74 26.83
C ASP B 352 -7.60 47.48 28.19
N LYS B 353 -8.63 46.63 28.23
CA LYS B 353 -9.30 46.24 29.46
C LYS B 353 -9.45 44.74 29.39
N LYS B 354 -9.06 44.06 30.46
CA LYS B 354 -9.13 42.61 30.45
C LYS B 354 -10.51 42.02 30.66
N ASP B 355 -11.36 42.69 31.42
CA ASP B 355 -12.70 42.18 31.65
C ASP B 355 -13.64 42.55 30.51
N CYS B 356 -14.24 41.55 29.89
CA CYS B 356 -15.17 41.84 28.79
C CYS B 356 -16.59 41.74 29.29
N THR B 357 -17.54 42.15 28.46
CA THR B 357 -18.94 42.10 28.82
C THR B 357 -19.72 41.22 27.83
N PHE B 358 -20.39 40.20 28.33
CA PHE B 358 -21.16 39.35 27.43
C PHE B 358 -22.39 40.09 26.95
N ILE B 359 -22.69 40.01 25.65
CA ILE B 359 -23.85 40.71 25.13
C ILE B 359 -24.98 39.74 24.76
N THR B 360 -24.71 38.44 24.88
CA THR B 360 -25.72 37.40 24.65
C THR B 360 -25.48 36.35 25.73
N LYS B 361 -26.52 35.59 26.06
CA LYS B 361 -26.41 34.54 27.07
C LYS B 361 -27.61 33.61 26.96
N GLY B 362 -27.49 32.43 27.57
CA GLY B 362 -28.56 31.45 27.52
C GLY B 362 -28.02 30.04 27.32
N THR B 363 -28.91 29.05 27.42
CA THR B 363 -28.52 27.66 27.24
C THR B 363 -28.64 27.32 25.77
N TRP B 364 -27.78 27.97 24.98
CA TRP B 364 -27.71 27.79 23.55
C TRP B 364 -26.42 28.51 23.17
N GLU B 365 -25.96 28.41 21.93
CA GLU B 365 -24.72 29.09 21.61
C GLU B 365 -24.74 29.88 20.32
N VAL B 366 -23.80 30.83 20.24
CA VAL B 366 -23.62 31.65 19.05
C VAL B 366 -22.66 30.86 18.15
N ILE B 367 -23.04 30.66 16.90
CA ILE B 367 -22.23 29.91 15.95
C ILE B 367 -21.12 30.78 15.38
N GLY B 368 -21.47 32.02 15.04
CA GLY B 368 -20.50 32.95 14.49
C GLY B 368 -21.02 34.37 14.35
N ILE B 369 -20.09 35.31 14.30
CA ILE B 369 -20.39 36.71 14.10
C ILE B 369 -20.27 36.90 12.58
N GLU B 370 -21.34 37.37 11.94
CA GLU B 370 -21.40 37.56 10.50
C GLU B 370 -21.08 38.96 9.95
N ALA B 371 -21.52 39.97 10.68
CA ALA B 371 -21.27 41.34 10.26
C ALA B 371 -21.38 42.29 11.44
N LEU B 372 -20.70 43.42 11.31
CA LEU B 372 -20.67 44.45 12.33
C LEU B 372 -20.72 45.82 11.68
N THR B 373 -21.76 46.59 12.00
CA THR B 373 -21.91 47.95 11.49
C THR B 373 -21.86 48.86 12.73
N SER B 374 -21.78 50.17 12.53
CA SER B 374 -21.71 51.08 13.66
C SER B 374 -22.92 50.97 14.59
N ASP B 375 -24.01 50.38 14.10
CA ASP B 375 -25.21 50.26 14.91
C ASP B 375 -25.63 48.85 15.28
N TYR B 376 -25.31 47.89 14.41
CA TYR B 376 -25.71 46.52 14.67
C TYR B 376 -24.66 45.41 14.48
N LEU B 377 -24.80 44.34 15.26
CA LEU B 377 -23.94 43.18 15.09
C LEU B 377 -24.87 42.04 14.70
N TYR B 378 -24.56 41.34 13.62
CA TYR B 378 -25.39 40.22 13.15
C TYR B 378 -24.68 38.90 13.40
N TYR B 379 -25.43 37.88 13.85
CA TYR B 379 -24.83 36.58 14.14
C TYR B 379 -25.81 35.42 13.93
N ILE B 380 -25.26 34.21 13.78
CA ILE B 380 -26.05 33.00 13.60
C ILE B 380 -25.99 32.25 14.94
N SER B 381 -27.10 31.67 15.36
CA SER B 381 -27.09 30.88 16.60
C SER B 381 -28.11 29.77 16.47
N ASN B 382 -28.14 28.89 17.46
CA ASN B 382 -29.10 27.79 17.48
C ASN B 382 -30.11 28.02 18.62
N GLU B 383 -30.38 29.29 18.94
CA GLU B 383 -31.31 29.60 20.01
C GLU B 383 -32.75 29.23 19.68
N TYR B 384 -33.18 29.49 18.46
CA TYR B 384 -34.56 29.22 18.08
C TYR B 384 -35.03 27.82 18.49
N LYS B 385 -36.16 27.80 19.19
CA LYS B 385 -36.82 26.60 19.67
C LYS B 385 -35.91 25.65 20.47
N GLY B 386 -34.82 26.17 21.03
CA GLY B 386 -33.90 25.30 21.77
C GLY B 386 -33.33 24.12 20.98
N MET B 387 -33.25 24.27 19.66
CA MET B 387 -32.73 23.22 18.76
C MET B 387 -31.26 23.47 18.40
N PRO B 388 -30.36 22.74 19.06
CA PRO B 388 -28.93 22.91 18.78
C PRO B 388 -28.57 22.61 17.32
N GLY B 389 -29.47 21.89 16.64
CA GLY B 389 -29.28 21.55 15.25
C GLY B 389 -29.87 22.58 14.28
N GLY B 390 -30.48 23.66 14.79
CA GLY B 390 -31.02 24.68 13.91
C GLY B 390 -30.05 25.84 13.82
N ARG B 391 -30.24 26.73 12.85
CA ARG B 391 -29.35 27.89 12.68
C ARG B 391 -30.17 29.09 12.18
N ASN B 392 -30.07 30.23 12.85
CA ASN B 392 -30.79 31.40 12.41
C ASN B 392 -29.96 32.67 12.52
N LEU B 393 -30.30 33.66 11.69
CA LEU B 393 -29.60 34.94 11.70
C LEU B 393 -30.28 35.94 12.66
N TYR B 394 -29.48 36.54 13.53
CA TYR B 394 -29.97 37.54 14.49
C TYR B 394 -29.26 38.89 14.34
N LYS B 395 -29.92 39.91 14.89
CA LYS B 395 -29.45 41.28 14.84
C LYS B 395 -29.55 41.87 16.25
N ILE B 396 -28.44 42.35 16.80
CA ILE B 396 -28.50 42.94 18.13
C ILE B 396 -28.09 44.40 18.06
N GLN B 397 -28.87 45.23 18.75
CA GLN B 397 -28.62 46.67 18.75
C GLN B 397 -27.44 46.98 19.65
N LEU B 398 -26.40 47.57 19.10
CA LEU B 398 -25.23 47.86 19.88
C LEU B 398 -25.47 48.82 21.05
N SER B 399 -26.40 49.76 20.91
CA SER B 399 -26.69 50.70 21.99
C SER B 399 -27.72 50.19 23.02
N ASP B 400 -28.22 48.97 22.81
CA ASP B 400 -29.21 48.38 23.72
C ASP B 400 -29.30 46.86 23.50
N TYR B 401 -28.46 46.13 24.22
CA TYR B 401 -28.37 44.68 24.11
C TYR B 401 -29.68 43.92 24.33
N THR B 402 -30.68 44.58 24.89
CA THR B 402 -31.94 43.87 25.13
C THR B 402 -32.73 43.85 23.85
N LYS B 403 -32.23 44.52 22.83
CA LYS B 403 -32.93 44.58 21.55
C LYS B 403 -32.28 43.63 20.54
N VAL B 404 -32.87 42.44 20.43
CA VAL B 404 -32.38 41.39 19.55
C VAL B 404 -33.52 40.97 18.64
N THR B 405 -33.27 40.99 17.34
CA THR B 405 -34.30 40.61 16.40
C THR B 405 -33.86 39.37 15.64
N CYS B 406 -34.75 38.40 15.46
CA CYS B 406 -34.37 37.24 14.68
C CYS B 406 -34.77 37.62 13.25
N LEU B 407 -33.78 37.66 12.35
CA LEU B 407 -34.07 38.04 10.98
C LEU B 407 -34.52 36.90 10.05
N SER B 408 -34.43 35.65 10.51
CA SER B 408 -34.79 34.52 9.65
C SER B 408 -35.72 33.45 10.21
N CYS B 409 -35.90 33.43 11.53
CA CYS B 409 -36.75 32.44 12.21
C CYS B 409 -38.12 32.18 11.61
N GLU B 410 -38.88 33.24 11.43
CA GLU B 410 -40.25 33.17 10.91
C GLU B 410 -40.43 33.31 9.39
N LEU B 411 -39.35 33.49 8.65
CA LEU B 411 -39.46 33.64 7.20
C LEU B 411 -40.26 32.51 6.55
N ASN B 412 -40.02 31.28 7.00
CA ASN B 412 -40.72 30.08 6.50
C ASN B 412 -40.28 28.97 7.44
N PRO B 413 -40.78 29.02 8.68
CA PRO B 413 -40.46 28.06 9.75
C PRO B 413 -40.57 26.58 9.47
N GLU B 414 -41.47 26.19 8.56
CA GLU B 414 -41.66 24.77 8.29
C GLU B 414 -40.63 24.23 7.30
N ARG B 415 -40.17 25.09 6.41
CA ARG B 415 -39.20 24.72 5.38
C ARG B 415 -37.76 25.11 5.68
N CYS B 416 -37.59 26.19 6.45
CA CYS B 416 -36.27 26.73 6.76
C CYS B 416 -35.89 26.89 8.22
N GLN B 417 -34.98 26.04 8.70
CA GLN B 417 -34.53 26.14 10.07
C GLN B 417 -33.01 26.08 10.12
N TYR B 418 -32.36 26.13 8.97
CA TYR B 418 -30.90 26.07 8.93
C TYR B 418 -30.40 27.11 7.93
N TYR B 419 -29.99 28.24 8.49
CA TYR B 419 -29.56 29.39 7.71
C TYR B 419 -28.07 29.72 7.70
N SER B 420 -27.68 30.33 6.59
CA SER B 420 -26.32 30.78 6.36
C SER B 420 -26.54 32.16 5.77
N VAL B 421 -25.59 33.08 5.94
CA VAL B 421 -25.77 34.42 5.39
C VAL B 421 -24.54 34.98 4.68
N SER B 422 -24.79 35.88 3.74
CA SER B 422 -23.75 36.56 2.96
C SER B 422 -24.02 38.09 2.80
N PHE B 423 -23.29 38.92 3.53
CA PHE B 423 -23.47 40.37 3.44
C PHE B 423 -22.64 41.04 2.37
N SER B 424 -23.19 42.11 1.80
CA SER B 424 -22.51 42.90 0.78
C SER B 424 -21.34 43.62 1.46
N LYS B 425 -20.54 44.37 0.71
CA LYS B 425 -19.38 45.05 1.27
C LYS B 425 -19.56 45.85 2.56
N GLU B 426 -20.61 46.67 2.63
CA GLU B 426 -20.86 47.46 3.84
C GLU B 426 -22.11 46.96 4.55
N ALA B 427 -22.45 45.69 4.31
CA ALA B 427 -23.62 45.07 4.92
C ALA B 427 -24.94 45.75 4.56
N LYS B 428 -24.99 46.40 3.40
CA LYS B 428 -26.22 47.07 3.00
C LYS B 428 -27.26 46.03 2.58
N TYR B 429 -26.79 44.90 2.05
CA TYR B 429 -27.69 43.83 1.62
C TYR B 429 -27.16 42.51 2.15
N TYR B 430 -28.02 41.51 2.18
CA TYR B 430 -27.58 40.19 2.60
C TYR B 430 -28.42 39.11 1.95
N GLN B 431 -27.74 38.03 1.55
CA GLN B 431 -28.38 36.89 0.92
C GLN B 431 -28.57 35.84 2.00
N LEU B 432 -29.79 35.36 2.16
CA LEU B 432 -30.02 34.33 3.15
C LEU B 432 -29.99 33.00 2.40
N ARG B 433 -29.36 32.02 3.02
CA ARG B 433 -29.24 30.70 2.41
C ARG B 433 -29.84 29.66 3.35
N CYS B 434 -30.99 29.15 2.99
CA CYS B 434 -31.67 28.15 3.80
C CYS B 434 -31.31 26.78 3.22
N SER B 435 -30.83 25.87 4.07
CA SER B 435 -30.46 24.56 3.56
C SER B 435 -31.27 23.38 4.13
N GLY B 436 -32.30 23.69 4.91
CA GLY B 436 -33.12 22.62 5.48
C GLY B 436 -34.17 23.09 6.46
N PRO B 437 -35.11 22.22 6.88
CA PRO B 437 -35.25 20.81 6.46
C PRO B 437 -35.91 20.57 5.12
N GLY B 438 -36.42 21.64 4.51
CA GLY B 438 -37.04 21.52 3.21
C GLY B 438 -36.01 21.73 2.12
N LEU B 439 -36.46 22.00 0.90
CA LEU B 439 -35.54 22.24 -0.20
C LEU B 439 -34.81 23.59 0.00
N PRO B 440 -33.50 23.64 -0.28
CA PRO B 440 -32.76 24.89 -0.11
C PRO B 440 -33.46 26.07 -0.79
N LEU B 441 -33.43 27.21 -0.10
CA LEU B 441 -34.04 28.42 -0.59
C LEU B 441 -33.09 29.60 -0.43
N TYR B 442 -32.83 30.34 -1.52
CA TYR B 442 -31.95 31.50 -1.46
C TYR B 442 -32.74 32.80 -1.68
N THR B 443 -32.61 33.73 -0.75
CA THR B 443 -33.33 35.00 -0.85
C THR B 443 -32.41 36.18 -0.58
N LEU B 444 -32.73 37.31 -1.20
CA LEU B 444 -31.93 38.53 -1.05
C LEU B 444 -32.70 39.52 -0.19
N HIS B 445 -32.00 40.17 0.74
CA HIS B 445 -32.66 41.11 1.65
C HIS B 445 -31.93 42.45 1.75
N SER B 446 -32.69 43.46 2.15
CA SER B 446 -32.20 44.83 2.31
C SER B 446 -31.95 45.08 3.82
N SER B 447 -30.74 45.51 4.19
CA SER B 447 -30.44 45.74 5.61
C SER B 447 -31.07 46.98 6.26
N VAL B 448 -31.29 48.02 5.45
CA VAL B 448 -31.86 49.26 5.93
C VAL B 448 -33.21 49.05 6.59
N ASN B 449 -33.98 48.10 6.08
CA ASN B 449 -35.33 47.81 6.60
C ASN B 449 -35.64 46.31 6.75
N ASP B 450 -34.63 45.46 6.61
CA ASP B 450 -34.79 44.00 6.71
C ASP B 450 -35.94 43.43 5.91
N LYS B 451 -36.22 44.04 4.76
CA LYS B 451 -37.30 43.56 3.90
C LYS B 451 -36.78 42.59 2.85
N GLY B 452 -37.61 41.61 2.49
CA GLY B 452 -37.22 40.64 1.48
C GLY B 452 -37.28 41.30 0.12
N LEU B 453 -36.16 41.34 -0.58
CA LEU B 453 -36.12 41.96 -1.90
C LEU B 453 -36.69 41.02 -2.95
N ARG B 454 -36.30 39.75 -2.89
CA ARG B 454 -36.79 38.77 -3.88
C ARG B 454 -36.18 37.39 -3.62
N VAL B 455 -36.76 36.39 -4.29
CA VAL B 455 -36.29 35.01 -4.19
C VAL B 455 -35.27 34.83 -5.31
N LEU B 456 -34.10 34.30 -4.95
CA LEU B 456 -33.04 34.12 -5.93
C LEU B 456 -33.11 32.73 -6.55
N GLU B 457 -33.42 31.74 -5.72
CA GLU B 457 -33.51 30.36 -6.19
C GLU B 457 -34.32 29.57 -5.17
N ASP B 458 -35.41 28.96 -5.64
CA ASP B 458 -36.31 28.21 -4.77
C ASP B 458 -36.30 26.70 -5.02
N ASN B 459 -35.54 26.25 -6.02
CA ASN B 459 -35.44 24.83 -6.32
C ASN B 459 -36.77 24.18 -6.76
N SER B 460 -37.60 24.98 -7.42
CA SER B 460 -38.89 24.52 -7.92
C SER B 460 -38.70 23.34 -8.86
N ALA B 461 -37.69 23.43 -9.72
CA ALA B 461 -37.40 22.36 -10.67
C ALA B 461 -37.28 21.01 -9.97
N LEU B 462 -36.38 20.94 -8.99
CA LEU B 462 -36.17 19.71 -8.23
C LEU B 462 -37.48 19.29 -7.55
N ASP B 463 -38.09 20.20 -6.81
CA ASP B 463 -39.34 19.86 -6.13
C ASP B 463 -40.28 19.15 -7.12
N LYS B 464 -40.28 19.63 -8.36
CA LYS B 464 -41.13 19.05 -9.37
C LYS B 464 -40.71 17.61 -9.62
N MET B 465 -39.41 17.37 -9.84
CA MET B 465 -38.92 16.02 -10.08
C MET B 465 -39.16 15.09 -8.88
N LEU B 466 -38.87 15.56 -7.68
CA LEU B 466 -39.05 14.75 -6.47
C LEU B 466 -40.48 14.31 -6.18
N GLN B 467 -41.43 14.85 -6.94
CA GLN B 467 -42.85 14.51 -6.77
C GLN B 467 -43.13 13.05 -7.20
N ASN B 468 -42.49 12.61 -8.28
CA ASN B 468 -42.66 11.26 -8.82
C ASN B 468 -41.70 10.29 -8.17
N VAL B 469 -41.21 10.64 -6.98
CA VAL B 469 -40.27 9.77 -6.28
C VAL B 469 -40.68 9.56 -4.82
N GLN B 470 -40.53 8.32 -4.37
CA GLN B 470 -40.83 7.97 -2.98
C GLN B 470 -39.61 8.37 -2.13
N MET B 471 -39.63 9.61 -1.64
CA MET B 471 -38.53 10.12 -0.84
C MET B 471 -38.69 9.75 0.62
N PRO B 472 -37.58 9.49 1.31
CA PRO B 472 -37.63 9.13 2.73
C PRO B 472 -37.92 10.37 3.56
N SER B 473 -38.25 10.19 4.82
CA SER B 473 -38.52 11.34 5.66
C SER B 473 -37.42 11.42 6.72
N LYS B 474 -37.30 12.59 7.35
CA LYS B 474 -36.31 12.79 8.38
C LYS B 474 -36.93 13.23 9.70
N LYS B 475 -36.48 12.60 10.77
CA LYS B 475 -36.96 12.89 12.10
C LYS B 475 -35.81 13.36 12.97
N LEU B 476 -35.95 14.55 13.53
CA LEU B 476 -34.97 15.13 14.40
C LEU B 476 -35.64 15.26 15.76
N ASP B 477 -35.09 14.58 16.76
CA ASP B 477 -35.68 14.59 18.10
C ASP B 477 -34.57 14.26 19.10
N PHE B 478 -34.91 14.01 20.37
CA PHE B 478 -33.91 13.70 21.38
C PHE B 478 -34.36 12.64 22.40
N ILE B 479 -33.39 12.10 23.13
CA ILE B 479 -33.66 11.14 24.19
C ILE B 479 -32.94 11.72 25.39
N ILE B 480 -33.41 11.40 26.59
CA ILE B 480 -32.81 11.93 27.81
C ILE B 480 -31.95 10.90 28.54
N LEU B 481 -30.68 11.25 28.75
CA LEU B 481 -29.76 10.36 29.45
C LEU B 481 -29.11 11.19 30.56
N ASN B 482 -29.22 10.71 31.80
CA ASN B 482 -28.64 11.40 32.94
C ASN B 482 -29.10 12.85 33.03
N GLU B 483 -30.40 13.05 32.84
CA GLU B 483 -30.98 14.39 32.95
C GLU B 483 -30.57 15.32 31.81
N THR B 484 -29.80 14.81 30.87
CA THR B 484 -29.33 15.61 29.76
C THR B 484 -29.96 15.17 28.45
N LYS B 485 -30.32 16.15 27.62
CA LYS B 485 -30.90 15.85 26.32
C LYS B 485 -29.80 15.53 25.31
N PHE B 486 -30.02 14.51 24.50
CA PHE B 486 -29.06 14.14 23.47
C PHE B 486 -29.85 13.94 22.20
N TRP B 487 -29.53 14.74 21.18
CA TRP B 487 -30.24 14.68 19.91
C TRP B 487 -29.84 13.58 18.92
N TYR B 488 -30.79 13.20 18.08
CA TYR B 488 -30.58 12.18 17.07
C TYR B 488 -31.49 12.50 15.91
N GLN B 489 -31.17 11.92 14.76
CA GLN B 489 -31.98 12.12 13.59
C GLN B 489 -32.14 10.75 12.96
N MET B 490 -33.23 10.56 12.22
CA MET B 490 -33.45 9.28 11.56
C MET B 490 -33.96 9.50 10.15
N ILE B 491 -33.35 8.82 9.18
CA ILE B 491 -33.81 8.89 7.81
C ILE B 491 -34.71 7.67 7.73
N LEU B 492 -36.02 7.90 7.66
CA LEU B 492 -37.00 6.82 7.63
C LEU B 492 -37.47 6.51 6.22
N PRO B 493 -37.65 5.22 5.93
CA PRO B 493 -38.12 4.81 4.60
C PRO B 493 -39.50 5.40 4.29
N PRO B 494 -39.88 5.45 3.01
CA PRO B 494 -41.19 6.00 2.65
C PRO B 494 -42.30 5.14 3.26
N HIS B 495 -43.46 5.73 3.51
CA HIS B 495 -44.58 4.96 4.08
C HIS B 495 -44.12 4.19 5.31
N PHE B 496 -43.22 4.82 6.08
CA PHE B 496 -42.71 4.21 7.30
C PHE B 496 -43.89 3.66 8.09
N ASP B 497 -43.70 2.51 8.72
CA ASP B 497 -44.75 1.92 9.52
C ASP B 497 -44.14 1.47 10.86
N LYS B 498 -44.49 2.19 11.93
CA LYS B 498 -43.99 1.91 13.26
C LYS B 498 -44.31 0.52 13.81
N SER B 499 -45.19 -0.21 13.14
CA SER B 499 -45.57 -1.56 13.59
C SER B 499 -44.62 -2.61 12.99
N LYS B 500 -43.70 -2.16 12.14
CA LYS B 500 -42.75 -3.07 11.52
C LYS B 500 -41.35 -2.94 12.12
N LYS B 501 -40.55 -3.97 11.88
CA LYS B 501 -39.18 -4.00 12.37
C LYS B 501 -38.27 -3.76 11.16
N TYR B 502 -37.64 -2.58 11.13
CA TYR B 502 -36.77 -2.20 10.04
C TYR B 502 -35.31 -2.41 10.40
N PRO B 503 -34.48 -2.76 9.42
CA PRO B 503 -33.07 -2.93 9.79
C PRO B 503 -32.52 -1.52 10.01
N LEU B 504 -31.55 -1.38 10.90
CA LEU B 504 -31.00 -0.06 11.19
C LEU B 504 -29.48 0.08 10.99
N LEU B 505 -29.11 1.18 10.35
CA LEU B 505 -27.73 1.53 10.10
C LEU B 505 -27.44 2.82 10.86
N LEU B 506 -26.48 2.77 11.76
CA LEU B 506 -26.08 3.93 12.54
C LEU B 506 -24.94 4.60 11.77
N ASP B 507 -25.21 5.81 11.25
CA ASP B 507 -24.23 6.61 10.51
C ASP B 507 -23.53 7.46 11.58
N VAL B 508 -22.23 7.21 11.81
CA VAL B 508 -21.52 7.91 12.87
C VAL B 508 -20.27 8.71 12.51
N TYR B 509 -20.08 9.83 13.20
CA TYR B 509 -18.88 10.61 13.01
C TYR B 509 -18.41 10.74 14.46
N ALA B 510 -19.16 11.48 15.26
CA ALA B 510 -18.88 11.60 16.69
C ALA B 510 -17.57 12.21 17.16
N GLY B 511 -16.89 12.97 16.29
CA GLY B 511 -15.66 13.59 16.74
C GLY B 511 -15.97 14.80 17.62
N PRO B 512 -14.96 15.33 18.32
CA PRO B 512 -15.16 16.50 19.19
C PRO B 512 -15.74 17.73 18.46
N CYS B 513 -16.83 18.25 19.03
CA CYS B 513 -17.56 19.39 18.49
C CYS B 513 -18.29 19.06 17.20
N SER B 514 -18.55 17.78 16.96
CA SER B 514 -19.28 17.41 15.78
C SER B 514 -20.79 17.48 16.07
N GLN B 515 -21.58 17.39 15.00
CA GLN B 515 -23.02 17.42 15.10
C GLN B 515 -23.53 16.66 13.89
N LYS B 516 -24.11 15.49 14.12
CA LYS B 516 -24.64 14.68 13.03
C LYS B 516 -26.17 14.69 13.01
N ALA B 517 -26.76 15.39 13.97
CA ALA B 517 -28.21 15.52 14.05
C ALA B 517 -28.57 16.98 13.81
N ASP B 518 -29.11 17.28 12.64
CA ASP B 518 -29.47 18.64 12.32
C ASP B 518 -30.68 18.75 11.41
N THR B 519 -31.01 19.97 11.03
CA THR B 519 -32.15 20.24 10.18
C THR B 519 -31.76 20.43 8.72
N VAL B 520 -30.59 19.93 8.33
CA VAL B 520 -30.17 20.10 6.95
C VAL B 520 -30.75 19.04 6.00
N PHE B 521 -31.14 19.49 4.80
CA PHE B 521 -31.69 18.59 3.80
C PHE B 521 -30.57 18.02 2.95
N ARG B 522 -30.43 16.70 2.94
CA ARG B 522 -29.38 16.10 2.13
C ARG B 522 -29.88 14.98 1.22
N LEU B 523 -29.25 14.87 0.05
CA LEU B 523 -29.54 13.80 -0.88
C LEU B 523 -28.21 13.06 -0.91
N ASN B 524 -28.14 11.97 -0.16
CA ASN B 524 -26.91 11.20 -0.10
C ASN B 524 -27.15 9.69 -0.11
N TRP B 525 -26.13 8.94 0.28
CA TRP B 525 -26.24 7.49 0.31
C TRP B 525 -27.37 7.04 1.23
N ALA B 526 -27.55 7.73 2.36
CA ALA B 526 -28.62 7.34 3.28
C ALA B 526 -29.98 7.53 2.61
N THR B 527 -30.10 8.50 1.70
CA THR B 527 -31.38 8.72 1.02
C THR B 527 -31.74 7.44 0.28
N TYR B 528 -30.79 6.91 -0.48
CA TYR B 528 -31.00 5.68 -1.23
C TYR B 528 -31.30 4.49 -0.30
N LEU B 529 -30.47 4.30 0.72
CA LEU B 529 -30.66 3.19 1.65
C LEU B 529 -32.04 3.20 2.30
N ALA B 530 -32.54 4.38 2.63
CA ALA B 530 -33.86 4.46 3.24
C ALA B 530 -34.98 4.34 2.22
N SER B 531 -34.82 5.01 1.08
CA SER B 531 -35.85 4.98 0.05
C SER B 531 -35.99 3.70 -0.74
N THR B 532 -34.86 3.13 -1.18
CA THR B 532 -34.89 1.89 -1.96
C THR B 532 -34.75 0.62 -1.13
N GLU B 533 -33.88 0.64 -0.12
CA GLU B 533 -33.63 -0.53 0.70
C GLU B 533 -34.43 -0.59 2.00
N ASN B 534 -35.36 0.33 2.17
CA ASN B 534 -36.18 0.38 3.38
C ASN B 534 -35.33 0.16 4.63
N ILE B 535 -34.19 0.85 4.66
CA ILE B 535 -33.29 0.80 5.79
C ILE B 535 -33.38 2.12 6.57
N ILE B 536 -33.50 2.04 7.89
CA ILE B 536 -33.51 3.26 8.68
C ILE B 536 -32.04 3.62 8.92
N VAL B 537 -31.67 4.86 8.60
CA VAL B 537 -30.30 5.34 8.80
C VAL B 537 -30.35 6.42 9.90
N ALA B 538 -29.64 6.16 10.99
CA ALA B 538 -29.63 7.06 12.13
C ALA B 538 -28.27 7.63 12.54
N SER B 539 -28.32 8.80 13.19
CA SER B 539 -27.11 9.45 13.71
C SER B 539 -27.43 9.96 15.11
N PHE B 540 -26.41 10.08 15.96
CA PHE B 540 -26.63 10.50 17.34
C PHE B 540 -25.49 11.36 17.86
N ASP B 541 -25.82 12.50 18.46
CA ASP B 541 -24.79 13.37 19.02
C ASP B 541 -24.74 13.15 20.53
N GLY B 542 -23.74 12.39 20.97
CA GLY B 542 -23.60 12.13 22.38
C GLY B 542 -22.52 13.00 22.99
N ARG B 543 -21.97 12.56 24.12
CA ARG B 543 -20.93 13.33 24.77
C ARG B 543 -19.81 13.66 23.81
N GLY B 544 -19.30 14.88 23.94
CA GLY B 544 -18.25 15.36 23.06
C GLY B 544 -18.80 16.09 21.83
N SER B 545 -20.10 15.98 21.54
CA SER B 545 -20.63 16.67 20.38
C SER B 545 -20.66 18.18 20.65
N GLY B 546 -20.82 19.01 19.63
CA GLY B 546 -20.80 20.46 19.85
C GLY B 546 -22.09 21.27 19.87
N TYR B 547 -21.90 22.58 20.04
CA TYR B 547 -23.00 23.56 20.04
C TYR B 547 -24.04 23.41 21.16
N GLN B 548 -23.66 22.73 22.24
CA GLN B 548 -24.58 22.49 23.34
C GLN B 548 -23.95 22.76 24.69
N GLY B 549 -22.85 23.50 24.70
CA GLY B 549 -22.17 23.79 25.96
C GLY B 549 -20.95 22.92 26.18
N ASP B 550 -20.01 23.41 26.97
CA ASP B 550 -18.80 22.68 27.25
C ASP B 550 -18.98 21.44 28.11
N LYS B 551 -20.04 21.39 28.88
CA LYS B 551 -20.24 20.24 29.75
C LYS B 551 -20.33 19.00 28.88
N ILE B 552 -20.96 19.17 27.71
CA ILE B 552 -21.09 18.07 26.78
C ILE B 552 -19.86 17.94 25.89
N MET B 553 -19.38 19.05 25.32
CA MET B 553 -18.23 19.00 24.44
C MET B 553 -16.92 18.53 25.08
N HIS B 554 -16.63 19.04 26.28
CA HIS B 554 -15.39 18.68 26.97
C HIS B 554 -15.47 17.39 27.80
N ALA B 555 -16.54 16.63 27.66
CA ALA B 555 -16.66 15.38 28.41
C ALA B 555 -15.61 14.38 27.95
N ILE B 556 -15.19 14.47 26.69
CA ILE B 556 -14.16 13.54 26.20
C ILE B 556 -12.75 14.08 26.35
N ASN B 557 -12.59 15.23 26.98
CA ASN B 557 -11.26 15.82 27.16
C ASN B 557 -10.25 14.80 27.69
N ARG B 558 -9.12 14.68 27.00
CA ARG B 558 -8.04 13.72 27.34
C ARG B 558 -8.51 12.26 27.35
N ARG B 559 -9.74 12.03 26.91
CA ARG B 559 -10.34 10.71 26.89
C ARG B 559 -11.04 10.32 25.59
N LEU B 560 -10.36 10.44 24.45
CA LEU B 560 -10.99 10.04 23.19
C LEU B 560 -11.13 8.51 23.17
N GLY B 561 -12.14 8.00 22.47
CA GLY B 561 -12.31 6.57 22.43
C GLY B 561 -13.02 6.00 23.64
N THR B 562 -13.76 6.84 24.36
CA THR B 562 -14.51 6.35 25.50
C THR B 562 -15.99 6.72 25.40
N PHE B 563 -16.38 7.84 26.04
CA PHE B 563 -17.77 8.27 26.06
C PHE B 563 -18.47 8.44 24.71
N GLU B 564 -17.76 8.99 23.73
CA GLU B 564 -18.36 9.19 22.43
C GLU B 564 -18.58 7.84 21.76
N VAL B 565 -17.80 6.85 22.20
CA VAL B 565 -17.95 5.49 21.65
C VAL B 565 -19.13 4.80 22.35
N GLU B 566 -19.11 4.81 23.68
CA GLU B 566 -20.16 4.17 24.50
C GLU B 566 -21.55 4.75 24.22
N ASP B 567 -21.62 6.08 24.12
CA ASP B 567 -22.90 6.74 23.88
C ASP B 567 -23.51 6.31 22.56
N GLN B 568 -22.66 6.01 21.60
CA GLN B 568 -23.11 5.56 20.29
C GLN B 568 -23.75 4.17 20.42
N ILE B 569 -23.15 3.32 21.26
CA ILE B 569 -23.66 1.97 21.51
C ILE B 569 -24.98 2.11 22.26
N GLU B 570 -25.00 3.03 23.22
CA GLU B 570 -26.20 3.27 24.00
C GLU B 570 -27.34 3.74 23.08
N ALA B 571 -27.02 4.62 22.13
CA ALA B 571 -28.00 5.14 21.19
C ALA B 571 -28.69 4.01 20.42
N ALA B 572 -27.91 2.99 20.03
CA ALA B 572 -28.47 1.86 19.31
C ALA B 572 -29.44 1.11 20.22
N ARG B 573 -29.04 0.90 21.46
CA ARG B 573 -29.92 0.21 22.41
C ARG B 573 -31.25 0.96 22.49
N GLN B 574 -31.19 2.25 22.74
CA GLN B 574 -32.39 3.07 22.84
C GLN B 574 -33.24 2.99 21.59
N PHE B 575 -32.61 2.95 20.42
CA PHE B 575 -33.37 2.86 19.18
C PHE B 575 -34.09 1.53 19.05
N SER B 576 -33.39 0.43 19.30
CA SER B 576 -34.01 -0.88 19.19
C SER B 576 -35.12 -1.02 20.25
N LYS B 577 -35.06 -0.18 21.26
CA LYS B 577 -36.05 -0.19 22.31
C LYS B 577 -37.24 0.69 21.90
N MET B 578 -37.25 1.19 20.67
CA MET B 578 -38.34 2.03 20.19
C MET B 578 -39.42 1.20 19.50
N GLY B 579 -39.15 -0.10 19.34
CA GLY B 579 -40.14 -1.00 18.76
C GLY B 579 -40.20 -1.20 17.27
N PHE B 580 -39.60 -0.31 16.48
CA PHE B 580 -39.61 -0.47 15.02
C PHE B 580 -38.24 -0.85 14.45
N VAL B 581 -37.34 -1.30 15.32
CA VAL B 581 -36.02 -1.70 14.86
C VAL B 581 -35.80 -3.18 15.09
N ASP B 582 -35.32 -3.85 14.05
CA ASP B 582 -35.01 -5.27 14.08
C ASP B 582 -33.64 -5.44 14.74
N ASN B 583 -33.64 -5.71 16.03
CA ASN B 583 -32.40 -5.88 16.77
C ASN B 583 -31.41 -6.90 16.18
N LYS B 584 -31.84 -7.67 15.18
CA LYS B 584 -30.94 -8.66 14.60
C LYS B 584 -30.24 -8.07 13.41
N ARG B 585 -30.74 -6.93 12.97
CA ARG B 585 -30.14 -6.27 11.82
C ARG B 585 -29.76 -4.83 12.12
N ILE B 586 -28.74 -4.65 12.97
CA ILE B 586 -28.24 -3.33 13.27
C ILE B 586 -26.77 -3.17 12.84
N ALA B 587 -26.51 -2.24 11.92
CA ALA B 587 -25.17 -1.97 11.41
C ALA B 587 -24.66 -0.59 11.84
N ILE B 588 -23.37 -0.35 11.61
CA ILE B 588 -22.76 0.94 11.97
C ILE B 588 -21.64 1.24 10.98
N TRP B 589 -21.54 2.48 10.53
CA TRP B 589 -20.47 2.84 9.61
C TRP B 589 -20.07 4.29 9.80
N GLY B 590 -18.84 4.60 9.39
CA GLY B 590 -18.33 5.96 9.53
C GLY B 590 -17.04 6.17 8.77
N TRP B 591 -16.71 7.44 8.57
CA TRP B 591 -15.52 7.85 7.85
C TRP B 591 -14.68 8.75 8.75
N SER B 592 -13.35 8.67 8.61
CA SER B 592 -12.44 9.50 9.40
C SER B 592 -12.65 9.18 10.85
N TYR B 593 -12.94 10.20 11.65
CA TYR B 593 -13.17 9.98 13.06
C TYR B 593 -14.28 8.93 13.19
N GLY B 594 -15.23 8.96 12.27
CA GLY B 594 -16.33 7.99 12.29
C GLY B 594 -15.86 6.56 12.13
N GLY B 595 -14.84 6.38 11.30
CA GLY B 595 -14.29 5.04 11.09
C GLY B 595 -13.65 4.52 12.36
N TYR B 596 -12.99 5.41 13.08
CA TYR B 596 -12.36 5.06 14.34
C TYR B 596 -13.44 4.58 15.31
N VAL B 597 -14.45 5.41 15.48
CA VAL B 597 -15.54 5.10 16.38
C VAL B 597 -16.29 3.84 16.01
N THR B 598 -16.49 3.64 14.71
CA THR B 598 -17.15 2.45 14.19
C THR B 598 -16.34 1.23 14.60
N SER B 599 -15.03 1.33 14.41
CA SER B 599 -14.11 0.24 14.72
C SER B 599 -14.09 -0.01 16.23
N MET B 600 -14.01 1.06 17.01
CA MET B 600 -14.00 0.91 18.46
C MET B 600 -15.29 0.21 18.94
N VAL B 601 -16.41 0.60 18.35
CA VAL B 601 -17.71 0.02 18.66
C VAL B 601 -17.73 -1.46 18.26
N LEU B 602 -17.35 -1.75 17.02
CA LEU B 602 -17.33 -3.14 16.58
C LEU B 602 -16.39 -3.99 17.43
N GLY B 603 -15.39 -3.37 18.07
CA GLY B 603 -14.47 -4.13 18.89
C GLY B 603 -14.79 -4.12 20.38
N SER B 604 -15.91 -3.51 20.76
CA SER B 604 -16.30 -3.44 22.17
C SER B 604 -16.86 -4.73 22.76
N GLY B 605 -17.37 -5.62 21.89
CA GLY B 605 -17.98 -6.86 22.36
C GLY B 605 -19.38 -6.63 22.91
N SER B 606 -20.00 -5.50 22.56
CA SER B 606 -21.35 -5.16 23.05
C SER B 606 -22.44 -6.11 22.57
N GLY B 607 -22.18 -6.80 21.47
CA GLY B 607 -23.16 -7.73 20.93
C GLY B 607 -24.32 -7.03 20.23
N VAL B 608 -24.35 -5.71 20.28
CA VAL B 608 -25.44 -4.96 19.65
C VAL B 608 -25.44 -4.86 18.12
N PHE B 609 -24.26 -4.88 17.50
CA PHE B 609 -24.18 -4.73 16.04
C PHE B 609 -23.80 -6.01 15.30
N LYS B 610 -24.39 -6.22 14.13
CA LYS B 610 -24.11 -7.40 13.34
C LYS B 610 -22.88 -7.20 12.43
N CYS B 611 -22.78 -6.01 11.86
CA CYS B 611 -21.67 -5.70 10.96
C CYS B 611 -21.40 -4.20 11.00
N GLY B 612 -20.38 -3.76 10.27
CA GLY B 612 -20.04 -2.36 10.24
C GLY B 612 -18.95 -2.05 9.21
N ILE B 613 -18.95 -0.82 8.72
CA ILE B 613 -17.98 -0.39 7.71
C ILE B 613 -17.16 0.83 8.20
N ALA B 614 -15.83 0.70 8.15
CA ALA B 614 -14.97 1.82 8.53
C ALA B 614 -14.22 2.26 7.28
N VAL B 615 -14.31 3.55 6.95
CA VAL B 615 -13.60 4.10 5.80
C VAL B 615 -12.53 5.05 6.33
N ALA B 616 -11.28 4.80 5.95
CA ALA B 616 -10.13 5.62 6.35
C ALA B 616 -10.16 5.98 7.84
N PRO B 617 -10.18 4.97 8.71
CA PRO B 617 -10.21 5.28 10.14
C PRO B 617 -8.87 5.58 10.80
N VAL B 618 -8.93 6.26 11.94
CA VAL B 618 -7.74 6.47 12.76
C VAL B 618 -7.75 5.13 13.52
N SER B 619 -6.58 4.62 13.92
CA SER B 619 -6.53 3.35 14.65
C SER B 619 -5.76 3.49 15.96
N ARG B 620 -4.82 4.42 16.00
CA ARG B 620 -4.10 4.71 17.24
C ARG B 620 -3.72 6.17 17.14
N TRP B 621 -4.08 6.92 18.17
CA TRP B 621 -3.83 8.36 18.18
C TRP B 621 -2.41 8.82 17.94
N GLU B 622 -1.42 8.00 18.24
CA GLU B 622 -0.04 8.38 18.00
C GLU B 622 0.26 8.46 16.50
N TYR B 623 -0.63 7.92 15.65
CA TYR B 623 -0.42 7.98 14.20
C TYR B 623 -1.01 9.24 13.57
N TYR B 624 -1.90 9.92 14.28
CA TYR B 624 -2.51 11.11 13.72
C TYR B 624 -1.67 12.36 14.00
N ASP B 625 -2.01 13.48 13.37
CA ASP B 625 -1.22 14.69 13.55
C ASP B 625 -1.30 15.31 14.95
N SER B 626 -0.21 15.94 15.36
CA SER B 626 -0.09 16.56 16.67
C SER B 626 -1.15 17.60 17.04
N VAL B 627 -1.30 18.64 16.22
CA VAL B 627 -2.25 19.72 16.51
C VAL B 627 -3.67 19.24 16.83
N TYR B 628 -4.18 18.32 16.03
CA TYR B 628 -5.51 17.82 16.27
C TYR B 628 -5.56 16.84 17.42
N THR B 629 -4.64 15.86 17.43
CA THR B 629 -4.66 14.86 18.49
C THR B 629 -4.38 15.44 19.89
N GLU B 630 -3.31 16.22 20.00
CA GLU B 630 -2.93 16.78 21.28
C GLU B 630 -3.95 17.77 21.83
N ARG B 631 -4.77 18.33 20.94
CA ARG B 631 -5.76 19.28 21.40
C ARG B 631 -6.69 18.57 22.37
N TYR B 632 -7.01 17.31 22.07
CA TYR B 632 -7.93 16.57 22.92
C TYR B 632 -7.25 15.56 23.83
N MET B 633 -6.06 15.12 23.47
CA MET B 633 -5.37 14.09 24.25
C MET B 633 -4.13 14.53 24.97
N GLY B 634 -3.73 15.78 24.80
CA GLY B 634 -2.49 16.21 25.43
C GLY B 634 -1.34 15.41 24.81
N LEU B 635 -0.20 15.33 25.49
CA LEU B 635 0.95 14.62 24.96
C LEU B 635 1.04 13.13 25.28
N PRO B 636 1.59 12.34 24.35
CA PRO B 636 1.72 10.90 24.54
C PRO B 636 2.98 10.52 25.35
N THR B 637 3.13 11.10 26.54
CA THR B 637 4.28 10.79 27.39
C THR B 637 3.76 10.24 28.71
N PRO B 638 4.59 9.50 29.45
CA PRO B 638 4.13 8.94 30.73
C PRO B 638 3.77 10.03 31.74
N GLU B 639 4.45 11.17 31.66
CA GLU B 639 4.15 12.29 32.56
C GLU B 639 2.84 12.99 32.17
N ASP B 640 2.31 12.72 30.98
CA ASP B 640 1.06 13.37 30.57
C ASP B 640 -0.08 12.38 30.40
N ASN B 641 -0.35 11.95 29.16
CA ASN B 641 -1.48 11.07 28.93
C ASN B 641 -1.22 9.82 28.08
N LEU B 642 0.00 9.29 28.12
CA LEU B 642 0.36 8.12 27.34
C LEU B 642 -0.50 6.87 27.60
N ASP B 643 -0.80 6.61 28.87
CA ASP B 643 -1.60 5.43 29.18
C ASP B 643 -2.94 5.41 28.41
N HIS B 644 -3.59 6.56 28.26
CA HIS B 644 -4.83 6.55 27.50
C HIS B 644 -4.57 6.43 25.99
N TYR B 645 -3.45 6.97 25.52
CA TYR B 645 -3.09 6.87 24.10
C TYR B 645 -2.95 5.38 23.76
N ARG B 646 -2.38 4.61 24.67
CA ARG B 646 -2.16 3.18 24.44
C ARG B 646 -3.42 2.35 24.68
N ASN B 647 -4.30 2.88 25.51
CA ASN B 647 -5.52 2.19 25.86
C ASN B 647 -6.69 2.47 24.90
N SER B 648 -6.52 3.40 23.97
CA SER B 648 -7.62 3.72 23.08
C SER B 648 -7.43 3.36 21.61
N THR B 649 -6.66 2.31 21.34
CA THR B 649 -6.43 1.88 19.96
C THR B 649 -7.44 0.85 19.53
N VAL B 650 -7.60 0.73 18.23
CA VAL B 650 -8.50 -0.25 17.63
C VAL B 650 -7.84 -1.62 17.74
N MET B 651 -6.53 -1.70 17.48
CA MET B 651 -5.83 -2.98 17.53
C MET B 651 -5.98 -3.82 18.80
N SER B 652 -6.09 -3.16 19.95
CA SER B 652 -6.22 -3.88 21.19
C SER B 652 -7.58 -4.53 21.38
N ARG B 653 -8.50 -4.30 20.45
CA ARG B 653 -9.83 -4.89 20.55
C ARG B 653 -10.02 -5.90 19.43
N ALA B 654 -8.91 -6.22 18.76
CA ALA B 654 -8.93 -7.16 17.63
C ALA B 654 -9.69 -8.46 17.86
N GLU B 655 -9.45 -9.09 19.01
CA GLU B 655 -10.11 -10.35 19.35
C GLU B 655 -11.64 -10.26 19.36
N ASN B 656 -12.20 -9.10 19.69
CA ASN B 656 -13.65 -8.97 19.70
C ASN B 656 -14.28 -8.87 18.32
N PHE B 657 -13.47 -8.65 17.29
CA PHE B 657 -13.99 -8.55 15.92
C PHE B 657 -14.48 -9.88 15.40
N LYS B 658 -14.28 -10.92 16.20
CA LYS B 658 -14.74 -12.26 15.85
C LYS B 658 -16.28 -12.32 15.89
N GLN B 659 -16.89 -11.41 16.64
CA GLN B 659 -18.35 -11.39 16.79
C GLN B 659 -19.12 -10.59 15.73
N VAL B 660 -18.42 -9.97 14.79
CA VAL B 660 -19.09 -9.15 13.77
C VAL B 660 -18.51 -9.26 12.37
N GLU B 661 -19.19 -8.66 11.40
CA GLU B 661 -18.74 -8.63 10.01
C GLU B 661 -18.20 -7.23 9.79
N TYR B 662 -16.91 -7.16 9.46
CA TYR B 662 -16.23 -5.90 9.28
C TYR B 662 -15.74 -5.69 7.86
N LEU B 663 -15.87 -4.47 7.39
CA LEU B 663 -15.40 -4.08 6.07
C LEU B 663 -14.51 -2.86 6.33
N LEU B 664 -13.22 -2.99 5.96
CA LEU B 664 -12.22 -1.94 6.16
C LEU B 664 -11.79 -1.41 4.80
N ILE B 665 -11.85 -0.09 4.62
CA ILE B 665 -11.52 0.55 3.36
C ILE B 665 -10.60 1.75 3.58
N HIS B 666 -9.62 1.94 2.71
CA HIS B 666 -8.69 3.06 2.86
C HIS B 666 -8.02 3.38 1.50
N GLY B 667 -7.83 4.67 1.23
CA GLY B 667 -7.18 5.07 0.00
C GLY B 667 -5.68 4.96 0.27
N THR B 668 -4.91 4.50 -0.71
CA THR B 668 -3.48 4.34 -0.49
C THR B 668 -2.69 5.65 -0.42
N ALA B 669 -3.18 6.69 -1.09
CA ALA B 669 -2.48 7.98 -1.07
C ALA B 669 -3.05 8.95 -0.05
N ASP B 670 -3.66 8.41 1.01
CA ASP B 670 -4.24 9.23 2.08
C ASP B 670 -3.12 9.90 2.89
N ASP B 671 -3.00 11.21 2.71
CA ASP B 671 -1.99 12.02 3.37
C ASP B 671 -2.47 12.49 4.74
N ASN B 672 -3.77 12.35 4.99
CA ASN B 672 -4.35 12.80 6.24
C ASN B 672 -4.31 11.65 7.28
N VAL B 673 -5.15 10.64 7.08
CA VAL B 673 -5.13 9.47 7.94
C VAL B 673 -4.30 8.51 7.09
N HIS B 674 -3.07 8.25 7.50
CA HIS B 674 -2.21 7.39 6.70
C HIS B 674 -2.69 5.96 6.58
N PHE B 675 -2.49 5.37 5.41
CA PHE B 675 -2.88 3.98 5.15
C PHE B 675 -2.37 3.12 6.29
N GLN B 676 -1.22 3.53 6.84
CA GLN B 676 -0.58 2.85 7.98
C GLN B 676 -1.62 2.46 9.06
N GLN B 677 -2.57 3.35 9.31
CA GLN B 677 -3.59 3.12 10.33
C GLN B 677 -4.46 1.90 10.03
N SER B 678 -4.89 1.73 8.79
CA SER B 678 -5.68 0.54 8.45
C SER B 678 -4.77 -0.65 8.27
N ALA B 679 -3.51 -0.40 7.89
CA ALA B 679 -2.53 -1.49 7.70
C ALA B 679 -2.28 -2.12 9.07
N GLN B 680 -2.33 -1.32 10.12
CA GLN B 680 -2.08 -1.87 11.45
C GLN B 680 -3.31 -2.60 11.99
N ILE B 681 -4.50 -2.18 11.55
CA ILE B 681 -5.73 -2.83 11.99
C ILE B 681 -5.82 -4.20 11.34
N SER B 682 -5.59 -4.24 10.03
CA SER B 682 -5.67 -5.49 9.32
C SER B 682 -4.65 -6.47 9.89
N LYS B 683 -3.44 -6.01 10.18
CA LYS B 683 -2.41 -6.89 10.70
C LYS B 683 -2.84 -7.46 12.06
N ALA B 684 -3.43 -6.62 12.90
CA ALA B 684 -3.89 -7.04 14.23
C ALA B 684 -4.97 -8.11 14.08
N LEU B 685 -5.86 -7.92 13.12
CA LEU B 685 -6.94 -8.89 12.88
C LEU B 685 -6.38 -10.20 12.34
N VAL B 686 -5.44 -10.12 11.41
CA VAL B 686 -4.85 -11.33 10.86
C VAL B 686 -4.18 -12.06 12.02
N ASP B 687 -3.44 -11.30 12.83
CA ASP B 687 -2.72 -11.90 13.94
C ASP B 687 -3.55 -12.71 14.92
N VAL B 688 -4.81 -12.34 15.15
CA VAL B 688 -5.63 -13.11 16.07
C VAL B 688 -6.58 -14.02 15.32
N GLY B 689 -6.38 -14.15 14.01
CA GLY B 689 -7.22 -15.03 13.22
C GLY B 689 -8.65 -14.59 12.97
N VAL B 690 -8.84 -13.30 12.71
CA VAL B 690 -10.18 -12.78 12.43
C VAL B 690 -10.39 -12.53 10.93
N ASP B 691 -11.45 -13.09 10.36
CA ASP B 691 -11.75 -12.87 8.96
C ASP B 691 -12.56 -11.59 8.80
N PHE B 692 -12.35 -10.87 7.71
CA PHE B 692 -13.05 -9.63 7.48
C PHE B 692 -12.94 -9.27 6.01
N GLN B 693 -13.58 -8.19 5.61
CA GLN B 693 -13.52 -7.76 4.22
C GLN B 693 -12.68 -6.49 4.16
N ALA B 694 -11.92 -6.35 3.09
CA ALA B 694 -11.08 -5.18 2.95
C ALA B 694 -11.11 -4.68 1.51
N MET B 695 -10.79 -3.41 1.35
CA MET B 695 -10.73 -2.79 0.05
C MET B 695 -9.83 -1.57 0.12
N TRP B 696 -8.82 -1.55 -0.73
CA TRP B 696 -7.92 -0.41 -0.78
C TRP B 696 -8.27 0.34 -2.08
N TYR B 697 -8.04 1.65 -2.11
CA TYR B 697 -8.30 2.44 -3.31
C TYR B 697 -7.01 3.10 -3.73
N THR B 698 -6.45 2.61 -4.83
CA THR B 698 -5.20 3.08 -5.38
C THR B 698 -5.12 4.58 -5.70
N ASP B 699 -4.11 5.24 -5.14
CA ASP B 699 -3.87 6.66 -5.34
C ASP B 699 -5.00 7.61 -4.88
N GLU B 700 -5.93 7.10 -4.07
CA GLU B 700 -7.03 7.93 -3.55
C GLU B 700 -6.61 8.49 -2.20
N ASP B 701 -7.11 9.67 -1.88
CA ASP B 701 -6.75 10.25 -0.60
C ASP B 701 -7.88 10.12 0.42
N HIS B 702 -7.81 10.90 1.49
CA HIS B 702 -8.81 10.82 2.54
C HIS B 702 -10.24 11.00 2.08
N GLY B 703 -10.41 11.71 0.98
CA GLY B 703 -11.74 11.94 0.48
C GLY B 703 -12.30 10.90 -0.49
N ILE B 704 -11.44 10.03 -1.03
CA ILE B 704 -11.86 9.02 -1.99
C ILE B 704 -12.99 9.65 -2.83
N ALA B 705 -12.68 10.84 -3.36
CA ALA B 705 -13.64 11.64 -4.11
C ALA B 705 -13.49 11.64 -5.61
N SER B 706 -12.51 10.92 -6.15
CA SER B 706 -12.40 10.88 -7.60
C SER B 706 -13.76 10.31 -8.06
N SER B 707 -14.23 10.75 -9.21
CA SER B 707 -15.51 10.28 -9.71
C SER B 707 -15.70 8.74 -9.76
N THR B 708 -14.74 8.02 -10.33
CA THR B 708 -14.87 6.56 -10.40
C THR B 708 -14.77 5.86 -9.05
N ALA B 709 -13.84 6.31 -8.22
CA ALA B 709 -13.64 5.67 -6.91
C ALA B 709 -14.84 5.93 -6.02
N HIS B 710 -15.39 7.14 -6.13
CA HIS B 710 -16.56 7.53 -5.34
C HIS B 710 -17.70 6.58 -5.64
N GLN B 711 -17.92 6.27 -6.91
CA GLN B 711 -18.99 5.38 -7.30
C GLN B 711 -18.65 3.94 -6.93
N HIS B 712 -17.36 3.60 -7.03
CA HIS B 712 -16.97 2.25 -6.73
C HIS B 712 -17.12 1.95 -5.25
N ILE B 713 -16.69 2.86 -4.38
CA ILE B 713 -16.80 2.59 -2.96
C ILE B 713 -18.24 2.51 -2.42
N TYR B 714 -19.14 3.38 -2.85
CA TYR B 714 -20.52 3.30 -2.37
C TYR B 714 -21.22 2.07 -2.93
N THR B 715 -20.86 1.68 -4.15
CA THR B 715 -21.42 0.47 -4.75
C THR B 715 -20.96 -0.73 -3.89
N HIS B 716 -19.69 -0.74 -3.53
CA HIS B 716 -19.13 -1.84 -2.73
C HIS B 716 -19.76 -1.89 -1.34
N MET B 717 -19.93 -0.73 -0.71
CA MET B 717 -20.53 -0.68 0.61
C MET B 717 -22.00 -1.09 0.57
N SER B 718 -22.68 -0.79 -0.54
CA SER B 718 -24.08 -1.15 -0.68
C SER B 718 -24.25 -2.68 -0.69
N HIS B 719 -23.39 -3.37 -1.43
CA HIS B 719 -23.47 -4.83 -1.47
C HIS B 719 -23.23 -5.41 -0.08
N PHE B 720 -22.21 -4.91 0.60
CA PHE B 720 -21.89 -5.43 1.93
C PHE B 720 -23.05 -5.22 2.90
N ILE B 721 -23.65 -4.04 2.87
CA ILE B 721 -24.78 -3.72 3.74
C ILE B 721 -26.01 -4.60 3.45
N LYS B 722 -26.34 -4.72 2.17
CA LYS B 722 -27.47 -5.51 1.72
C LYS B 722 -27.29 -6.97 2.09
N GLN B 723 -26.06 -7.44 1.96
CA GLN B 723 -25.73 -8.83 2.30
C GLN B 723 -25.88 -9.05 3.82
N CYS B 724 -25.27 -8.19 4.63
CA CYS B 724 -25.36 -8.31 6.07
C CYS B 724 -26.84 -8.27 6.53
N PHE B 725 -27.66 -7.50 5.83
CA PHE B 725 -29.09 -7.40 6.17
C PHE B 725 -29.94 -8.43 5.45
N SER B 726 -29.32 -9.24 4.59
CA SER B 726 -30.06 -10.26 3.86
C SER B 726 -31.11 -9.61 3.00
N LEU B 727 -30.71 -8.59 2.25
CA LEU B 727 -31.63 -7.89 1.37
C LEU B 727 -31.36 -8.31 -0.07
N PRO B 728 -32.43 -8.56 -0.84
CA PRO B 728 -32.30 -8.98 -2.25
C PRO B 728 -31.45 -7.98 -3.05
C1 NAG C . 30.05 -49.49 11.48
C2 NAG C . 31.02 -48.46 12.12
C3 NAG C . 32.49 -48.80 11.83
C4 NAG C . 32.66 -50.21 12.40
C5 NAG C . 31.79 -51.18 11.60
C6 NAG C . 31.98 -52.63 12.03
C7 NAG C . 29.98 -46.30 12.34
C8 NAG C . 29.71 -44.92 11.77
N2 NAG C . 30.73 -47.13 11.61
O3 NAG C . 33.33 -47.87 12.49
O4 NAG C . 34.04 -50.69 12.46
O5 NAG C . 30.40 -50.85 11.81
O6 NAG C . 32.00 -53.51 10.91
O7 NAG C . 29.52 -46.60 13.45
C1 NDG C . 35.07 -50.18 11.69
C2 NDG C . 36.26 -51.15 11.73
C3 NDG C . 36.68 -51.39 13.20
C4 NDG C . 36.89 -50.05 13.94
C5 NDG C . 35.77 -49.00 13.66
C6 NDG C . 36.11 -47.58 14.11
C7 NDG C . 35.85 -52.52 9.78
C8 NDG C . 35.46 -53.87 9.20
O5 NDG C . 35.49 -48.91 12.24
O3 NDG C . 37.87 -52.16 13.24
O4 NDG C . 36.97 -50.30 15.34
O6 NDG C . 35.39 -46.60 13.39
O7 NDG C . 36.08 -51.58 9.04
N2 NDG C . 35.90 -52.43 11.11
C1 NAG D . 28.13 -9.32 17.62
C2 NAG D . 29.60 -9.32 18.14
C3 NAG D . 29.72 -10.04 19.48
C4 NAG D . 28.68 -9.47 20.45
C5 NAG D . 27.29 -9.64 19.84
C6 NAG D . 26.19 -9.13 20.76
C7 NAG D . 31.78 -9.66 17.12
C8 NAG D . 32.63 -10.38 16.09
N2 NAG D . 30.49 -9.96 17.17
O3 NAG D . 31.03 -9.86 20.02
O4 NAG D . 28.79 -10.14 21.72
O5 NAG D . 27.20 -8.88 18.62
O6 NAG D . 26.18 -7.71 20.84
O7 NAG D . 32.31 -8.83 17.86
C1 NAG D . 29.01 -9.37 22.87
C2 NAG D . 29.85 -8.09 22.55
C3 NAG D . 29.91 -7.13 23.76
C4 NAG D . 28.52 -6.92 24.36
C5 NAG D . 27.85 -8.28 24.64
C6 NAG D . 26.44 -8.19 25.20
C7 NAG D . 31.97 -9.24 22.90
C8 NAG D . 33.35 -9.58 22.36
N2 NAG D . 31.20 -8.47 22.13
O3 NAG D . 30.44 -5.89 23.34
O4 NAG D . 28.63 -6.16 25.56
O5 NAG D . 27.73 -9.02 23.40
O6 NAG D . 25.69 -9.35 24.86
O7 NAG D . 31.62 -9.65 24.02
C1 NAG E . 45.50 -27.96 -4.51
C2 NAG E . 46.61 -28.63 -3.71
C3 NAG E . 47.92 -27.81 -3.79
C4 NAG E . 48.24 -27.39 -5.24
C5 NAG E . 47.02 -26.77 -5.92
C6 NAG E . 47.27 -26.47 -7.37
C7 NAG E . 46.14 -29.91 -1.71
C8 NAG E . 45.64 -29.89 -0.27
N2 NAG E . 46.18 -28.74 -2.33
O3 NAG E . 48.99 -28.59 -3.28
O4 NAG E . 49.31 -26.41 -5.23
O5 NAG E . 45.91 -27.71 -5.86
O6 NAG E . 47.58 -27.66 -8.08
O7 NAG E . 46.50 -30.99 -2.22
C1 NAG E . 50.44 -26.69 -6.01
C2 NAG E . 51.27 -25.39 -6.16
C3 NAG E . 52.67 -25.69 -6.77
C4 NAG E . 53.36 -26.82 -6.01
C5 NAG E . 52.43 -28.05 -6.04
C6 NAG E . 53.03 -29.26 -5.36
C7 NAG E . 49.89 -23.44 -6.52
C8 NAG E . 49.17 -22.54 -7.51
N2 NAG E . 50.56 -24.46 -7.02
O3 NAG E . 53.49 -24.52 -6.71
O4 NAG E . 54.62 -27.13 -6.60
O5 NAG E . 51.19 -27.73 -5.36
O6 NAG E . 53.48 -28.94 -4.05
O7 NAG E . 49.83 -23.19 -5.30
C1 NAG F . 30.54 0.85 -10.15
C2 NAG F . 32.03 1.15 -10.19
C3 NAG F . 32.23 2.68 -10.38
C4 NAG F . 31.48 3.18 -11.62
C5 NAG F . 30.00 2.75 -11.45
C6 NAG F . 29.02 3.17 -12.54
C7 NAG F . 33.43 -0.38 -8.93
C8 NAG F . 34.04 -0.75 -7.60
N2 NAG F . 32.67 0.72 -8.95
O3 NAG F . 33.62 2.97 -10.51
O4 NAG F . 31.62 4.62 -11.72
O5 NAG F . 29.92 1.31 -11.35
O6 NAG F . 29.25 2.46 -13.74
O7 NAG F . 33.64 -1.10 -9.92
C1 NDG F . 31.28 5.19 -12.95
C2 NDG F . 32.32 6.24 -13.42
C3 NDG F . 32.22 7.59 -12.68
C4 NDG F . 30.76 8.04 -12.48
C5 NDG F . 29.93 6.89 -11.92
C6 NDG F . 28.46 7.23 -11.71
C7 NDG F . 34.27 5.69 -12.10
C8 NDG F . 35.70 5.17 -12.08
O5 NDG F . 29.97 5.79 -12.85
O3 NDG F . 32.91 8.58 -13.44
O4 NDG F . 30.71 9.15 -11.59
O6 NDG F . 27.69 6.97 -12.86
O7 NDG F . 33.71 6.02 -11.05
N2 NDG F . 33.67 5.74 -13.30
C1 NAG G . 18.38 -13.61 -30.50
C2 NAG G . 18.72 -14.02 -31.95
C3 NAG G . 18.82 -12.76 -32.83
C4 NAG G . 17.64 -11.79 -32.66
C5 NAG G . 17.23 -11.63 -31.16
C6 NAG G . 15.87 -10.93 -30.99
C7 NAG G . 19.99 -16.00 -32.45
C8 NAG G . 21.34 -16.71 -32.47
N2 NAG G . 19.97 -14.76 -32.01
O3 NAG G . 18.92 -13.14 -34.20
O4 NAG G . 18.07 -10.50 -33.18
O5 NAG G . 17.14 -12.90 -30.49
O6 NAG G . 14.79 -11.76 -31.38
O7 NAG G . 18.98 -16.60 -32.84
C1 NAG G . 17.29 -9.80 -34.09
C2 NAG G . 16.68 -10.70 -35.17
C3 NAG G . 15.90 -9.81 -36.15
C4 NAG G . 14.91 -8.89 -35.43
C5 NAG G . 15.54 -8.19 -34.20
C6 NAG G . 14.53 -7.49 -33.29
C7 NAG G . 18.72 -10.86 -36.48
C8 NAG G . 19.76 -11.75 -37.16
N2 NAG G . 17.71 -11.47 -35.87
O3 NAG G . 15.19 -10.63 -37.07
O4 NAG G . 14.42 -7.92 -36.34
O5 NAG G . 16.25 -9.12 -33.38
O6 NAG G . 13.61 -8.43 -32.72
O7 NAG G . 18.86 -9.63 -36.53
C1 NAG H . -29.83 48.53 -13.20
C2 NAG H . -28.58 48.91 -13.99
C3 NAG H . -28.23 50.40 -13.78
C4 NAG H . -29.47 51.30 -13.98
C5 NAG H . -30.61 50.79 -13.10
C6 NAG H . -31.89 51.60 -13.21
C7 NAG H . -27.15 46.96 -14.22
C8 NAG H . -25.97 46.15 -13.70
N2 NAG H . -27.47 48.08 -13.56
O3 NAG H . -27.21 50.76 -14.69
O4 NAG H . -29.16 52.68 -13.65
O5 NAG H . -30.91 49.43 -13.47
O6 NAG H . -32.78 51.04 -14.17
O7 NAG H . -27.75 46.57 -15.23
C1 NAG H . -28.66 53.50 -14.66
C2 NAG H . -29.75 53.83 -15.72
C3 NAG H . -29.09 54.69 -16.81
C4 NAG H . -28.50 55.95 -16.18
C5 NAG H . -27.53 55.57 -15.05
C6 NAG H . -26.96 56.79 -14.32
C7 NAG H . -31.66 52.47 -16.37
C8 NAG H . -32.17 51.17 -17.02
N2 NAG H . -30.34 52.62 -16.29
O3 NAG H . -30.03 55.03 -17.83
O4 NAG H . -27.82 56.70 -17.19
O5 NAG H . -28.21 54.73 -14.07
O6 NAG H . -25.88 57.38 -15.04
O7 NAG H . -32.46 53.31 -15.94
C1 NAG I . -3.47 53.24 4.35
C2 NAG I . -3.40 54.58 3.63
C3 NAG I . -1.99 55.17 3.79
C4 NAG I . -1.52 55.15 5.25
C5 NAG I . -1.69 53.75 5.83
C6 NAG I . -1.31 53.65 7.29
C7 NAG I . -4.65 54.97 1.59
C8 NAG I . -4.84 54.61 0.13
N2 NAG I . -3.67 54.33 2.23
O3 NAG I . -1.95 56.50 3.31
O4 NAG I . -0.14 55.53 5.30
O5 NAG I . -3.08 53.36 5.72
O6 NAG I . -2.07 54.56 8.07
O7 NAG I . -5.37 55.81 2.12
C1 NAG I . 0.15 56.65 6.05
C2 NAG I . 1.67 56.75 6.24
C3 NAG I . 2.09 58.08 6.90
C4 NAG I . 1.27 59.32 6.42
C5 NAG I . -0.22 58.99 6.15
C6 NAG I . -0.93 60.10 5.36
C7 NAG I . 2.75 54.59 6.50
C8 NAG I . 3.18 53.48 7.45
N2 NAG I . 2.11 55.63 7.06
O3 NAG I . 3.46 58.31 6.62
O4 NAG I . 1.33 60.35 7.41
O5 NAG I . -0.33 57.79 5.36
O6 NAG I . -2.09 60.54 6.05
O7 NAG I . 2.97 54.51 5.30
C1 NAG J . 14.87 26.64 10.53
C2 NAG J . 15.84 27.81 10.36
C3 NAG J . 17.26 27.24 10.29
C4 NAG J . 17.58 26.32 11.47
C5 NAG J . 16.45 25.30 11.68
C6 NAG J . 16.62 24.54 12.98
C7 NAG J . 15.05 29.76 9.15
C8 NAG J . 14.89 30.45 7.81
N2 NAG J . 15.60 28.55 9.13
O3 NAG J . 18.19 28.30 10.26
O4 NAG J . 18.80 25.62 11.17
O5 NAG J . 15.18 25.96 11.74
O6 NAG J . 15.70 23.46 13.09
O7 NAG J . 14.63 30.29 10.19
C1 NAG J . 19.87 25.81 12.04
C2 NAG J . 20.84 24.62 11.90
C3 NAG J . 22.22 24.87 12.57
C4 NAG J . 22.75 26.30 12.32
C5 NAG J . 21.64 27.34 12.56
C6 NAG J . 22.06 28.76 12.27
C7 NAG J . 19.62 22.53 11.70
C8 NAG J . 18.98 21.34 12.38
N2 NAG J . 20.21 23.44 12.48
O3 NAG J . 23.17 23.95 12.05
O4 NAG J . 23.85 26.58 13.18
O5 NAG J . 20.53 27.03 11.69
O6 NAG J . 22.21 28.97 10.87
O7 NAG J . 19.59 22.63 10.46
C1 NAG K . 16.94 41.33 1.37
C2 NAG K . 18.08 40.48 0.82
C3 NAG K . 18.10 39.11 1.47
C4 NAG K . 18.24 39.35 2.97
C5 NAG K . 17.06 40.19 3.46
C6 NAG K . 17.06 40.45 4.97
C7 NAG K . 18.77 41.09 -1.39
C8 NAG K . 18.60 40.93 -2.89
N2 NAG K . 17.97 40.37 -0.61
O3 NAG K . 19.19 38.32 0.97
O4 NAG K . 18.27 38.10 3.67
O5 NAG K . 17.05 41.45 2.79
O6 NAG K . 18.18 41.23 5.36
O7 NAG K . 19.61 41.86 -0.94
C1 NAG K . 19.48 37.77 4.24
C2 NAG K . 19.26 36.73 5.31
C3 NAG K . 20.62 36.44 5.97
C4 NAG K . 21.64 35.99 4.89
C5 NAG K . 21.69 36.98 3.69
C6 NAG K . 22.52 36.43 2.51
C7 NAG K . 16.97 36.86 6.07
C8 NAG K . 15.95 37.39 7.06
N2 NAG K . 18.26 37.19 6.25
O3 NAG K . 20.47 35.41 6.93
O4 NAG K . 22.93 35.84 5.45
O5 NAG K . 20.34 37.26 3.21
O6 NAG K . 22.07 36.91 1.24
O7 NAG K . 16.61 36.13 5.15
C1 NAG L . 17.79 -34.10 22.61
C2 NAG L . 17.41 -35.45 23.25
C3 NAG L . 15.99 -35.91 22.84
C4 NAG L . 14.96 -34.76 22.90
C5 NAG L . 15.51 -33.47 22.25
C6 NAG L . 14.57 -32.27 22.41
C7 NAG L . 18.56 -37.57 23.58
C8 NAG L . 19.59 -38.57 23.08
N2 NAG L . 18.38 -36.47 22.85
O3 NAG L . 15.57 -36.97 23.68
O4 NAG L . 13.77 -35.16 22.23
O5 NAG L . 16.77 -33.11 22.86
O6 NAG L . 15.20 -31.04 22.07
O7 NAG L . 17.92 -37.81 24.62
C1 NAG M . 44.79 -2.50 1.93
C2 NAG M . 45.67 -1.56 2.77
C3 NAG M . 44.82 -0.52 3.51
C4 NAG M . 43.95 0.23 2.50
C5 NAG M . 43.10 -0.79 1.70
C6 NAG M . 42.12 -0.24 0.68
C7 NAG M . 47.76 -2.58 3.37
C8 NAG M . 48.59 -3.39 4.36
N2 NAG M . 46.51 -2.31 3.69
O3 NAG M . 45.64 0.39 4.22
O4 NAG M . 43.13 1.18 3.18
O5 NAG M . 43.98 -1.73 1.02
O6 NAG M . 42.63 0.88 -0.03
O7 NAG M . 48.27 -2.22 2.30
C1 NAG N . -2.12 -25.76 -34.45
C2 NAG N . -2.84 -24.67 -35.26
C3 NAG N . -2.57 -23.27 -34.64
C4 NAG N . -2.97 -23.29 -33.14
C5 NAG N . -2.18 -24.42 -32.45
C6 NAG N . -2.46 -24.56 -30.96
C7 NAG N . -1.15 -24.46 -37.01
C8 NAG N . -0.83 -24.53 -38.51
N2 NAG N . -2.42 -24.70 -36.66
O3 NAG N . -3.29 -22.28 -35.35
O4 NAG N . -2.71 -22.04 -32.53
O5 NAG N . -2.49 -25.69 -33.06
O6 NAG N . -1.83 -25.73 -30.44
O7 NAG N . -0.25 -24.20 -36.21
NA NA O . 17.86 -54.32 1.07
C1 872 P . 6.94 -14.03 -9.44
C2 872 P . 8.04 -14.94 -9.31
C3 872 P . 8.51 -15.74 -10.41
C4 872 P . 7.88 -15.60 -11.68
C5 872 P . 6.79 -14.70 -11.82
C6 872 P . 6.33 -13.91 -10.72
F9 872 P . 6.22 -14.59 -12.98
F10 872 P . 8.61 -15.07 -8.13
C11 872 P . 9.67 -16.69 -10.26
C12 872 P . 11.07 -16.19 -10.86
C15 872 P . 12.12 -17.19 -10.36
C16 872 P . 12.02 -18.66 -10.98
N19 872 P . 12.94 -19.65 -10.51
N20 872 P . 11.25 -15.06 -10.31
O22 872 P . 11.15 -18.92 -11.81
C25 872 P . 14.34 -19.25 -10.12
C26 872 P . 15.29 -19.29 -11.31
C27 872 P . 15.34 -20.69 -11.96
N28 872 P . 14.06 -21.39 -11.97
C29 872 P . 13.14 -22.10 -11.40
C30 872 P . 12.37 -21.08 -10.45
C37 872 P . 11.21 -21.83 -9.68
O39 872 P . 12.82 -23.27 -11.47
F41 872 P . 5.32 -13.08 -10.89
C42 872 P . 9.79 -21.26 -9.81
F45 872 P . 8.96 -22.00 -9.11
F46 872 P . 9.39 -21.27 -11.06
F47 872 P . 9.72 -20.02 -9.37
C1 NAG Q . -22.63 31.52 -23.17
C2 NAG Q . -23.93 31.57 -23.96
C3 NAG Q . -24.82 30.34 -23.59
C4 NAG Q . -24.05 29.01 -23.50
C5 NAG Q . -22.66 29.16 -22.84
C6 NAG Q . -21.80 27.93 -23.08
C7 NAG Q . -25.77 33.14 -24.27
C8 NAG Q . -26.41 34.47 -23.87
N2 NAG Q . -24.63 32.80 -23.66
O3 NAG Q . -25.87 30.19 -24.55
O4 NAG Q . -24.81 28.08 -22.74
O5 NAG Q . -21.95 30.28 -23.40
O6 NAG Q . -21.10 28.04 -24.31
O7 NAG Q . -26.32 32.41 -25.12
C1 NAG R . 4.10 28.68 -18.37
C2 NAG R . 4.99 29.73 -19.06
C3 NAG R . 4.79 29.75 -20.60
C4 NAG R . 4.92 28.32 -21.15
C5 NAG R . 3.92 27.41 -20.42
C6 NAG R . 3.96 25.97 -20.90
C7 NAG R . 5.56 31.57 -17.63
C8 NAG R . 5.20 32.95 -17.08
N2 NAG R . 4.71 31.03 -18.50
O3 NAG R . 5.75 30.60 -21.21
O4 NAG R . 4.70 28.31 -22.56
O5 NAG R . 4.23 27.39 -18.99
O6 NAG R . 5.26 25.40 -20.76
O7 NAG R . 6.61 31.02 -17.29
C1 NAG S . -3.89 23.05 30.87
C2 NAG S . -4.17 23.36 32.33
C3 NAG S . -3.09 22.71 33.24
C4 NAG S . -3.15 21.20 32.98
C5 NAG S . -2.94 20.91 31.49
C6 NAG S . -3.16 19.43 31.21
C7 NAG S . -5.42 25.35 32.81
C8 NAG S . -5.47 26.87 32.96
N2 NAG S . -4.25 24.81 32.51
O3 NAG S . -3.37 22.99 34.60
O4 NAG S . -2.21 20.49 33.79
O5 NAG S . -3.90 21.63 30.68
O6 NAG S . -4.34 18.96 31.86
O7 NAG S . -6.44 24.69 33.01
C1 872 T . -9.36 12.75 9.78
C2 872 T . -9.67 14.15 9.59
C3 872 T . -10.16 14.98 10.70
C4 872 T . -10.33 14.39 11.97
C5 872 T . -10.03 13.02 12.14
C6 872 T . -9.56 12.21 11.09
F9 872 T . -10.20 12.51 13.33
F10 872 T . -9.50 14.68 8.39
C11 872 T . -10.47 16.42 10.53
C12 872 T . -9.43 17.43 11.17
C15 872 T . -9.84 18.78 10.62
C16 872 T . -11.20 19.37 11.18
N19 872 T . -11.66 20.62 10.67
N20 872 T . -8.34 17.12 10.67
O22 872 T . -11.83 18.73 12.03
C25 872 T . -10.67 21.71 10.32
C26 872 T . -10.34 22.57 11.55
C27 872 T . -11.61 23.18 12.16
N28 872 T . -12.79 22.33 12.11
C29 872 T . -13.81 21.80 11.48
C30 872 T . -13.17 20.71 10.54
C37 872 T . -14.29 20.00 9.70
O39 872 T . -15.01 21.99 11.47
F41 872 T . -9.28 10.96 11.31
C42 872 T . -14.50 18.51 9.95
F45 872 T . -15.61 18.16 9.32
F46 872 T . -14.68 18.25 11.25
F47 872 T . -13.50 17.79 9.51
#